data_2DL9
#
_entry.id   2DL9
#
_entity_poly.entity_id   1
_entity_poly.type   'polypeptide(L)'
_entity_poly.pdbx_seq_one_letter_code
;GSSGSSGPFIMDAPRDLNISEGRMAELKCRTPPMSSVKWLLPNGTVLSHASRHPRISVLNDGTLNFSHVLLSDTGVYTCM
VTNVAGNSNASAYLNVSSGPSSG
;
_entity_poly.pdbx_strand_id   A
#
# COMPACT_ATOMS: atom_id res chain seq x y z
N GLY A 1 10.20 7.09 -10.73
CA GLY A 1 10.29 6.58 -12.08
C GLY A 1 11.21 7.42 -12.96
N SER A 2 11.95 6.77 -13.84
CA SER A 2 12.88 7.46 -14.73
C SER A 2 12.24 7.69 -16.10
N SER A 3 12.90 8.49 -16.92
CA SER A 3 12.41 8.80 -18.25
C SER A 3 12.32 7.54 -19.11
N GLY A 4 11.42 7.56 -20.10
CA GLY A 4 11.25 6.41 -20.97
C GLY A 4 9.81 5.99 -21.09
N SER A 5 9.59 4.73 -21.45
CA SER A 5 8.24 4.20 -21.61
C SER A 5 7.97 3.09 -20.61
N SER A 6 8.97 2.23 -20.40
CA SER A 6 8.83 1.12 -19.46
C SER A 6 8.59 1.63 -18.04
N GLY A 7 9.46 2.52 -17.58
CA GLY A 7 9.31 3.08 -16.25
C GLY A 7 9.94 2.19 -15.18
N PRO A 8 9.48 2.34 -13.94
CA PRO A 8 9.99 1.56 -12.80
C PRO A 8 9.59 0.09 -12.89
N PHE A 9 9.93 -0.67 -11.86
CA PHE A 9 9.62 -2.09 -11.81
C PHE A 9 8.30 -2.33 -11.09
N ILE A 10 7.33 -1.45 -11.34
CA ILE A 10 6.01 -1.57 -10.71
C ILE A 10 4.90 -1.51 -11.75
N MET A 11 4.53 -2.68 -12.28
CA MET A 11 3.48 -2.76 -13.27
C MET A 11 2.28 -1.90 -12.87
N ASP A 12 2.00 -1.84 -11.58
CA ASP A 12 0.89 -1.05 -11.07
C ASP A 12 1.28 -0.32 -9.79
N ALA A 13 1.07 0.99 -9.78
CA ALA A 13 1.41 1.81 -8.62
C ALA A 13 0.14 2.30 -7.92
N PRO A 14 0.19 2.39 -6.58
CA PRO A 14 -0.93 2.85 -5.77
C PRO A 14 -1.21 4.34 -5.94
N ARG A 15 -2.44 4.74 -5.64
CA ARG A 15 -2.84 6.14 -5.77
C ARG A 15 -3.78 6.54 -4.63
N ASP A 16 -3.78 7.83 -4.31
CA ASP A 16 -4.63 8.35 -3.24
C ASP A 16 -6.00 7.68 -3.27
N LEU A 17 -6.41 7.14 -2.14
CA LEU A 17 -7.70 6.46 -2.03
C LEU A 17 -8.54 7.07 -0.90
N ASN A 18 -9.86 7.12 -1.11
CA ASN A 18 -10.76 7.67 -0.12
C ASN A 18 -11.77 6.63 0.35
N ILE A 19 -11.70 6.28 1.64
CA ILE A 19 -12.61 5.29 2.21
C ILE A 19 -13.09 5.72 3.58
N SER A 20 -14.16 5.10 4.05
CA SER A 20 -14.73 5.42 5.35
C SER A 20 -14.12 4.53 6.44
N GLU A 21 -14.24 4.97 7.69
CA GLU A 21 -13.70 4.22 8.82
C GLU A 21 -14.53 2.97 9.08
N GLY A 22 -13.86 1.82 9.15
CA GLY A 22 -14.55 0.57 9.40
C GLY A 22 -14.99 -0.12 8.12
N ARG A 23 -14.21 0.06 7.06
CA ARG A 23 -14.52 -0.55 5.77
C ARG A 23 -13.29 -1.24 5.18
N MET A 24 -13.52 -2.08 4.18
CA MET A 24 -12.44 -2.79 3.52
C MET A 24 -11.80 -1.95 2.41
N ALA A 25 -10.51 -1.70 2.54
CA ALA A 25 -9.79 -0.91 1.55
C ALA A 25 -8.62 -1.69 0.95
N GLU A 26 -8.11 -1.21 -0.17
CA GLU A 26 -7.00 -1.88 -0.84
C GLU A 26 -6.19 -0.88 -1.67
N LEU A 27 -4.88 -1.10 -1.74
CA LEU A 27 -4.00 -0.23 -2.51
C LEU A 27 -3.52 -0.91 -3.78
N LYS A 28 -3.94 -0.38 -4.92
CA LYS A 28 -3.55 -0.93 -6.22
C LYS A 28 -2.03 -0.90 -6.39
N CYS A 29 -1.41 -2.08 -6.32
CA CYS A 29 0.03 -2.18 -6.47
C CYS A 29 0.42 -3.56 -7.01
N ARG A 30 1.17 -3.56 -8.11
CA ARG A 30 1.61 -4.81 -8.73
C ARG A 30 3.14 -4.89 -8.77
N THR A 31 3.67 -6.05 -8.38
CA THR A 31 5.11 -6.25 -8.37
C THR A 31 5.49 -7.52 -9.14
N PRO A 32 6.65 -7.47 -9.82
CA PRO A 32 7.15 -8.60 -10.60
C PRO A 32 7.60 -9.76 -9.73
N PRO A 33 7.87 -10.91 -10.36
CA PRO A 33 8.31 -12.12 -9.65
C PRO A 33 9.72 -11.98 -9.10
N MET A 34 10.03 -12.74 -8.06
CA MET A 34 11.35 -12.70 -7.44
C MET A 34 11.71 -11.28 -7.02
N SER A 35 10.83 -10.66 -6.25
CA SER A 35 11.06 -9.29 -5.79
C SER A 35 10.54 -9.10 -4.36
N SER A 36 11.18 -8.19 -3.62
CA SER A 36 10.79 -7.92 -2.24
C SER A 36 9.81 -6.76 -2.18
N VAL A 37 8.56 -7.06 -1.83
CA VAL A 37 7.52 -6.04 -1.73
C VAL A 37 7.15 -5.78 -0.28
N LYS A 38 7.06 -4.51 0.09
CA LYS A 38 6.70 -4.13 1.45
C LYS A 38 5.86 -2.85 1.46
N TRP A 39 5.53 -2.37 2.64
CA TRP A 39 4.73 -1.16 2.79
C TRP A 39 5.10 -0.41 4.06
N LEU A 40 5.43 0.88 3.92
CA LEU A 40 5.79 1.70 5.05
C LEU A 40 4.61 2.51 5.55
N LEU A 41 4.41 2.51 6.87
CA LEU A 41 3.30 3.24 7.47
C LEU A 41 3.76 4.63 7.93
N PRO A 42 2.82 5.60 7.91
CA PRO A 42 3.09 6.97 8.31
C PRO A 42 3.35 7.10 9.82
N ASN A 43 3.34 5.97 10.50
CA ASN A 43 3.56 5.95 11.95
C ASN A 43 5.00 5.57 12.26
N GLY A 44 5.79 5.32 11.22
CA GLY A 44 7.18 4.95 11.41
C GLY A 44 7.37 3.44 11.52
N THR A 45 7.00 2.73 10.46
CA THR A 45 7.12 1.28 10.43
C THR A 45 6.93 0.74 9.02
N VAL A 46 7.15 -0.57 8.86
CA VAL A 46 7.00 -1.21 7.57
C VAL A 46 6.56 -2.67 7.71
N LEU A 47 5.66 -3.10 6.84
CA LEU A 47 5.16 -4.48 6.88
C LEU A 47 5.47 -5.19 5.58
N SER A 48 5.42 -6.52 5.63
CA SER A 48 5.69 -7.34 4.45
C SER A 48 5.01 -8.70 4.55
N HIS A 49 4.98 -9.43 3.44
CA HIS A 49 4.35 -10.75 3.41
C HIS A 49 4.53 -11.47 4.74
N ALA A 50 5.78 -11.53 5.21
CA ALA A 50 6.07 -12.20 6.46
C ALA A 50 5.15 -11.72 7.58
N SER A 51 5.11 -10.41 7.79
CA SER A 51 4.27 -9.83 8.83
C SER A 51 2.96 -10.60 8.96
N ARG A 52 2.47 -10.72 10.20
CA ARG A 52 1.23 -11.43 10.46
C ARG A 52 0.11 -10.46 10.83
N HIS A 53 0.29 -9.19 10.47
CA HIS A 53 -0.70 -8.16 10.77
C HIS A 53 -2.08 -8.58 10.26
N PRO A 54 -3.09 -8.47 11.14
CA PRO A 54 -4.47 -8.83 10.81
C PRO A 54 -5.10 -7.86 9.81
N ARG A 55 -5.02 -6.57 10.12
CA ARG A 55 -5.58 -5.54 9.26
C ARG A 55 -4.75 -5.39 7.98
N ILE A 56 -3.52 -4.89 8.14
CA ILE A 56 -2.62 -4.70 7.00
C ILE A 56 -2.13 -6.04 6.46
N SER A 57 -2.77 -6.50 5.38
CA SER A 57 -2.39 -7.77 4.77
C SER A 57 -1.81 -7.55 3.36
N VAL A 58 -0.59 -8.02 3.16
CA VAL A 58 0.07 -7.88 1.86
C VAL A 58 -0.18 -9.08 0.98
N LEU A 59 -1.05 -8.93 -0.01
CA LEU A 59 -1.38 -10.01 -0.93
C LEU A 59 -0.19 -10.36 -1.80
N ASN A 60 -0.26 -11.50 -2.49
CA ASN A 60 0.81 -11.94 -3.36
C ASN A 60 1.20 -10.84 -4.35
N ASP A 61 0.29 -10.55 -5.28
CA ASP A 61 0.54 -9.51 -6.29
C ASP A 61 1.28 -8.32 -5.67
N GLY A 62 0.92 -7.98 -4.44
CA GLY A 62 1.56 -6.87 -3.76
C GLY A 62 0.58 -5.78 -3.38
N THR A 63 -0.67 -6.17 -3.13
CA THR A 63 -1.71 -5.22 -2.76
C THR A 63 -1.86 -5.12 -1.25
N LEU A 64 -2.07 -3.92 -0.76
CA LEU A 64 -2.24 -3.69 0.68
C LEU A 64 -3.71 -3.61 1.06
N ASN A 65 -4.24 -4.70 1.62
CA ASN A 65 -5.64 -4.74 2.02
C ASN A 65 -5.79 -4.30 3.48
N PHE A 66 -6.93 -3.67 3.78
CA PHE A 66 -7.21 -3.21 5.13
C PHE A 66 -8.57 -3.69 5.62
N SER A 67 -8.55 -4.73 6.44
CA SER A 67 -9.78 -5.31 6.98
C SER A 67 -10.74 -4.21 7.43
N HIS A 68 -10.17 -3.16 8.02
CA HIS A 68 -10.97 -2.04 8.52
C HIS A 68 -10.08 -0.86 8.88
N VAL A 69 -10.08 0.16 8.03
CA VAL A 69 -9.27 1.36 8.26
C VAL A 69 -9.80 2.16 9.45
N LEU A 70 -8.89 2.80 10.16
CA LEU A 70 -9.25 3.60 11.33
C LEU A 70 -8.86 5.06 11.12
N LEU A 71 -9.53 5.95 11.86
CA LEU A 71 -9.24 7.38 11.77
C LEU A 71 -7.76 7.66 12.04
N SER A 72 -7.12 6.75 12.76
CA SER A 72 -5.71 6.90 13.10
C SER A 72 -4.82 6.37 11.98
N ASP A 73 -5.41 5.55 11.11
CA ASP A 73 -4.68 4.97 10.00
C ASP A 73 -4.48 6.00 8.88
N THR A 74 -5.29 7.05 8.91
CA THR A 74 -5.21 8.10 7.89
C THR A 74 -3.80 8.67 7.82
N GLY A 75 -3.26 8.72 6.60
CA GLY A 75 -1.92 9.24 6.40
C GLY A 75 -1.39 8.96 5.00
N VAL A 76 -0.11 8.61 4.92
CA VAL A 76 0.52 8.32 3.63
C VAL A 76 1.29 7.00 3.69
N TYR A 77 1.05 6.15 2.70
CA TYR A 77 1.72 4.85 2.63
C TYR A 77 2.70 4.80 1.47
N THR A 78 3.79 4.07 1.65
CA THR A 78 4.81 3.94 0.62
C THR A 78 5.15 2.48 0.37
N CYS A 79 5.03 2.04 -0.88
CA CYS A 79 5.33 0.67 -1.25
C CYS A 79 6.76 0.55 -1.79
N MET A 80 7.59 -0.24 -1.12
CA MET A 80 8.96 -0.44 -1.53
C MET A 80 9.09 -1.65 -2.45
N VAL A 81 9.88 -1.50 -3.51
CA VAL A 81 10.08 -2.59 -4.46
C VAL A 81 11.56 -2.78 -4.77
N THR A 82 12.11 -3.91 -4.33
CA THR A 82 13.52 -4.20 -4.56
C THR A 82 13.68 -5.47 -5.39
N ASN A 83 14.39 -5.35 -6.52
CA ASN A 83 14.62 -6.49 -7.40
C ASN A 83 16.07 -6.53 -7.85
N VAL A 84 16.58 -7.74 -8.08
CA VAL A 84 17.96 -7.92 -8.52
C VAL A 84 18.26 -7.05 -9.73
N ALA A 85 17.22 -6.60 -10.41
CA ALA A 85 17.38 -5.75 -11.59
C ALA A 85 17.46 -4.28 -11.19
N GLY A 86 16.50 -3.83 -10.39
CA GLY A 86 16.46 -2.46 -9.95
C GLY A 86 15.64 -2.26 -8.69
N ASN A 87 15.54 -1.01 -8.25
CA ASN A 87 14.77 -0.69 -7.04
C ASN A 87 13.86 0.51 -7.28
N SER A 88 12.62 0.40 -6.84
CA SER A 88 11.64 1.48 -7.01
C SER A 88 10.60 1.44 -5.90
N ASN A 89 9.94 2.57 -5.69
CA ASN A 89 8.90 2.68 -4.65
C ASN A 89 7.87 3.73 -5.02
N ALA A 90 6.66 3.58 -4.48
CA ALA A 90 5.58 4.51 -4.75
C ALA A 90 4.95 5.01 -3.46
N SER A 91 4.13 6.05 -3.55
CA SER A 91 3.46 6.62 -2.39
C SER A 91 1.98 6.86 -2.67
N ALA A 92 1.21 7.04 -1.62
CA ALA A 92 -0.23 7.28 -1.75
C ALA A 92 -0.83 7.72 -0.43
N TYR A 93 -1.95 8.45 -0.50
CA TYR A 93 -2.62 8.94 0.69
C TYR A 93 -3.95 8.21 0.90
N LEU A 94 -4.29 7.96 2.16
CA LEU A 94 -5.52 7.27 2.49
C LEU A 94 -6.36 8.10 3.47
N ASN A 95 -7.56 8.47 3.04
CA ASN A 95 -8.46 9.27 3.87
C ASN A 95 -9.50 8.38 4.55
N VAL A 96 -9.63 8.53 5.87
CA VAL A 96 -10.58 7.75 6.63
C VAL A 96 -11.57 8.65 7.37
N SER A 97 -12.82 8.63 6.93
CA SER A 97 -13.86 9.46 7.54
C SER A 97 -14.76 8.61 8.44
N SER A 98 -14.93 9.06 9.68
CA SER A 98 -15.76 8.34 10.64
C SER A 98 -17.21 8.32 10.19
N GLY A 99 -17.83 7.14 10.28
CA GLY A 99 -19.22 7.00 9.87
C GLY A 99 -19.37 6.51 8.45
N PRO A 100 -20.56 6.01 8.11
CA PRO A 100 -20.85 5.50 6.76
C PRO A 100 -20.89 6.60 5.71
N SER A 101 -21.33 6.24 4.51
CA SER A 101 -21.40 7.20 3.42
C SER A 101 -22.86 7.42 2.99
N SER A 102 -23.74 7.53 3.98
CA SER A 102 -25.17 7.74 3.71
C SER A 102 -25.75 8.78 4.64
N GLY A 103 -26.94 9.26 4.32
CA GLY A 103 -27.60 10.26 5.14
C GLY A 103 -28.22 9.67 6.39
N GLY A 1 9.35 18.94 -14.18
CA GLY A 1 8.36 18.94 -13.13
C GLY A 1 7.85 17.55 -12.81
N SER A 2 7.86 17.19 -11.53
CA SER A 2 7.40 15.88 -11.09
C SER A 2 8.10 14.77 -11.89
N SER A 3 9.40 14.94 -12.09
CA SER A 3 10.18 13.95 -12.84
C SER A 3 10.86 12.97 -11.89
N GLY A 4 11.05 11.74 -12.36
CA GLY A 4 11.69 10.73 -11.53
C GLY A 4 11.87 9.41 -12.27
N SER A 5 12.21 8.36 -11.54
CA SER A 5 12.41 7.04 -12.13
C SER A 5 11.40 6.79 -13.24
N SER A 6 11.88 6.79 -14.49
CA SER A 6 11.02 6.56 -15.64
C SER A 6 10.53 5.11 -15.67
N GLY A 7 9.23 4.94 -15.41
CA GLY A 7 8.66 3.60 -15.41
C GLY A 7 9.43 2.64 -14.53
N PRO A 8 9.16 2.68 -13.22
CA PRO A 8 9.83 1.81 -12.25
C PRO A 8 9.41 0.35 -12.39
N PHE A 9 9.94 -0.51 -11.53
CA PHE A 9 9.62 -1.93 -11.56
C PHE A 9 8.28 -2.19 -10.89
N ILE A 10 7.29 -1.38 -11.25
CA ILE A 10 5.94 -1.52 -10.69
C ILE A 10 4.88 -1.41 -11.78
N MET A 11 4.49 -2.57 -12.33
CA MET A 11 3.48 -2.60 -13.38
C MET A 11 2.31 -1.69 -13.04
N ASP A 12 1.91 -1.68 -11.77
CA ASP A 12 0.81 -0.85 -11.31
C ASP A 12 1.15 -0.15 -10.00
N ALA A 13 1.05 1.17 -9.99
CA ALA A 13 1.34 1.95 -8.80
C ALA A 13 0.07 2.42 -8.12
N PRO A 14 0.09 2.45 -6.78
CA PRO A 14 -1.06 2.87 -5.97
C PRO A 14 -1.34 4.37 -6.10
N ARG A 15 -2.56 4.77 -5.77
CA ARG A 15 -2.96 6.16 -5.85
C ARG A 15 -3.84 6.55 -4.67
N ASP A 16 -3.93 7.85 -4.40
CA ASP A 16 -4.74 8.34 -3.30
C ASP A 16 -6.08 7.63 -3.25
N LEU A 17 -6.51 7.26 -2.05
CA LEU A 17 -7.78 6.56 -1.86
C LEU A 17 -8.55 7.15 -0.68
N ASN A 18 -9.87 7.23 -0.82
CA ASN A 18 -10.72 7.76 0.23
C ASN A 18 -11.78 6.74 0.64
N ILE A 19 -11.59 6.15 1.83
CA ILE A 19 -12.53 5.16 2.33
C ILE A 19 -13.06 5.56 3.71
N SER A 20 -14.22 5.02 4.07
CA SER A 20 -14.84 5.33 5.36
C SER A 20 -14.28 4.43 6.45
N GLU A 21 -14.32 4.92 7.69
CA GLU A 21 -13.82 4.16 8.83
C GLU A 21 -14.64 2.88 9.02
N GLY A 22 -13.94 1.79 9.32
CA GLY A 22 -14.60 0.52 9.53
C GLY A 22 -15.04 -0.13 8.24
N ARG A 23 -14.22 0.02 7.19
CA ARG A 23 -14.53 -0.56 5.89
C ARG A 23 -13.30 -1.25 5.30
N MET A 24 -13.52 -2.03 4.25
CA MET A 24 -12.43 -2.74 3.59
C MET A 24 -11.77 -1.87 2.52
N ALA A 25 -10.46 -1.69 2.65
CA ALA A 25 -9.72 -0.88 1.69
C ALA A 25 -8.61 -1.69 1.02
N GLU A 26 -8.05 -1.16 -0.05
CA GLU A 26 -6.99 -1.84 -0.79
C GLU A 26 -6.21 -0.86 -1.65
N LEU A 27 -4.91 -1.09 -1.77
CA LEU A 27 -4.04 -0.22 -2.56
C LEU A 27 -3.57 -0.92 -3.82
N LYS A 28 -3.98 -0.40 -4.97
CA LYS A 28 -3.59 -0.99 -6.26
C LYS A 28 -2.08 -0.93 -6.46
N CYS A 29 -1.44 -2.09 -6.35
CA CYS A 29 0.01 -2.18 -6.52
C CYS A 29 0.40 -3.51 -7.15
N ARG A 30 1.14 -3.43 -8.27
CA ARG A 30 1.58 -4.64 -8.96
C ARG A 30 3.10 -4.70 -9.02
N THR A 31 3.66 -5.85 -8.66
CA THR A 31 5.10 -6.04 -8.67
C THR A 31 5.48 -7.29 -9.46
N PRO A 32 6.62 -7.21 -10.17
CA PRO A 32 7.12 -8.33 -10.98
C PRO A 32 7.62 -9.49 -10.13
N PRO A 33 7.90 -10.63 -10.77
CA PRO A 33 8.39 -11.83 -10.09
C PRO A 33 9.81 -11.66 -9.57
N MET A 34 10.17 -12.49 -8.59
CA MET A 34 11.50 -12.43 -8.00
C MET A 34 11.74 -11.08 -7.31
N SER A 35 10.67 -10.52 -6.75
CA SER A 35 10.76 -9.23 -6.07
C SER A 35 10.11 -9.30 -4.69
N SER A 36 10.68 -8.56 -3.75
CA SER A 36 10.17 -8.54 -2.38
C SER A 36 9.15 -7.41 -2.21
N VAL A 37 8.01 -7.75 -1.60
CA VAL A 37 6.95 -6.77 -1.38
C VAL A 37 7.08 -6.15 0.01
N LYS A 38 7.03 -4.82 0.07
CA LYS A 38 7.13 -4.10 1.33
C LYS A 38 6.21 -2.89 1.34
N TRP A 39 5.69 -2.56 2.52
CA TRP A 39 4.79 -1.42 2.66
C TRP A 39 5.12 -0.63 3.92
N LEU A 40 5.68 0.56 3.72
CA LEU A 40 6.06 1.43 4.84
C LEU A 40 4.86 2.25 5.32
N LEU A 41 4.75 2.42 6.63
CA LEU A 41 3.66 3.19 7.21
C LEU A 41 4.10 4.61 7.53
N PRO A 42 3.13 5.54 7.54
CA PRO A 42 3.39 6.95 7.83
C PRO A 42 3.77 7.19 9.28
N ASN A 43 3.88 6.10 10.05
CA ASN A 43 4.22 6.19 11.46
C ASN A 43 5.70 5.84 11.67
N GLY A 44 6.32 5.27 10.64
CA GLY A 44 7.72 4.89 10.74
C GLY A 44 7.93 3.42 10.51
N THR A 45 7.00 2.60 10.99
CA THR A 45 7.09 1.16 10.83
C THR A 45 6.89 0.74 9.38
N VAL A 46 7.07 -0.55 9.10
CA VAL A 46 6.90 -1.07 7.75
C VAL A 46 6.58 -2.55 7.77
N LEU A 47 5.57 -2.96 7.01
CA LEU A 47 5.16 -4.35 6.94
C LEU A 47 5.54 -4.96 5.60
N SER A 48 5.39 -6.28 5.49
CA SER A 48 5.72 -6.99 4.26
C SER A 48 4.97 -8.32 4.17
N HIS A 49 5.25 -9.08 3.13
CA HIS A 49 4.59 -10.37 2.93
C HIS A 49 4.76 -11.26 4.15
N ALA A 50 5.88 -11.08 4.86
CA ALA A 50 6.17 -11.88 6.05
C ALA A 50 5.24 -11.49 7.20
N SER A 51 5.21 -10.21 7.52
CA SER A 51 4.36 -9.71 8.60
C SER A 51 3.03 -10.45 8.64
N ARG A 52 2.49 -10.64 9.83
CA ARG A 52 1.21 -11.33 10.00
C ARG A 52 0.13 -10.37 10.44
N HIS A 53 0.34 -9.08 10.18
CA HIS A 53 -0.63 -8.05 10.55
C HIS A 53 -2.04 -8.45 10.10
N PRO A 54 -3.00 -8.32 11.03
CA PRO A 54 -4.41 -8.67 10.75
C PRO A 54 -5.06 -7.68 9.78
N ARG A 55 -4.94 -6.39 10.10
CA ARG A 55 -5.53 -5.35 9.25
C ARG A 55 -4.72 -5.18 7.97
N ILE A 56 -3.48 -4.70 8.12
CA ILE A 56 -2.61 -4.48 6.97
C ILE A 56 -2.14 -5.80 6.39
N SER A 57 -2.87 -6.29 5.38
CA SER A 57 -2.53 -7.55 4.73
C SER A 57 -1.84 -7.29 3.40
N VAL A 58 -0.71 -7.97 3.19
CA VAL A 58 0.05 -7.81 1.95
C VAL A 58 -0.16 -9.02 1.03
N LEU A 59 -1.19 -8.95 0.20
CA LEU A 59 -1.50 -10.03 -0.73
C LEU A 59 -0.27 -10.39 -1.56
N ASN A 60 -0.16 -11.67 -1.90
CA ASN A 60 0.97 -12.16 -2.69
C ASN A 60 1.25 -11.23 -3.86
N ASP A 61 0.24 -11.03 -4.71
CA ASP A 61 0.38 -10.17 -5.87
C ASP A 61 1.12 -8.88 -5.50
N GLY A 62 0.76 -8.30 -4.37
CA GLY A 62 1.40 -7.08 -3.93
C GLY A 62 0.40 -5.98 -3.62
N THR A 63 -0.71 -6.35 -2.99
CA THR A 63 -1.76 -5.38 -2.64
C THR A 63 -1.90 -5.25 -1.14
N LEU A 64 -2.06 -4.02 -0.66
CA LEU A 64 -2.21 -3.77 0.77
C LEU A 64 -3.69 -3.67 1.14
N ASN A 65 -4.22 -4.74 1.73
CA ASN A 65 -5.61 -4.77 2.14
C ASN A 65 -5.77 -4.28 3.58
N PHE A 66 -6.93 -3.72 3.88
CA PHE A 66 -7.22 -3.22 5.23
C PHE A 66 -8.59 -3.66 5.70
N SER A 67 -8.65 -4.83 6.34
CA SER A 67 -9.90 -5.37 6.84
C SER A 67 -10.82 -4.25 7.32
N HIS A 68 -10.26 -3.33 8.09
CA HIS A 68 -11.03 -2.21 8.62
C HIS A 68 -10.12 -1.04 8.99
N VAL A 69 -10.14 0.00 8.18
CA VAL A 69 -9.31 1.18 8.42
C VAL A 69 -9.82 1.97 9.62
N LEU A 70 -8.98 2.89 10.12
CA LEU A 70 -9.34 3.70 11.27
C LEU A 70 -8.92 5.15 11.04
N LEU A 71 -9.60 6.06 11.74
CA LEU A 71 -9.30 7.49 11.64
C LEU A 71 -7.82 7.75 11.86
N SER A 72 -7.17 6.89 12.63
CA SER A 72 -5.76 7.03 12.93
C SER A 72 -4.90 6.51 11.77
N ASP A 73 -5.43 5.53 11.05
CA ASP A 73 -4.72 4.94 9.92
C ASP A 73 -4.51 5.97 8.82
N THR A 74 -5.28 7.05 8.88
CA THR A 74 -5.17 8.12 7.89
C THR A 74 -3.75 8.65 7.79
N GLY A 75 -3.18 8.61 6.59
CA GLY A 75 -1.82 9.09 6.39
C GLY A 75 -1.31 8.78 5.00
N VAL A 76 0.02 8.73 4.87
CA VAL A 76 0.64 8.44 3.59
C VAL A 76 1.33 7.08 3.60
N TYR A 77 1.00 6.26 2.61
CA TYR A 77 1.57 4.92 2.50
C TYR A 77 2.52 4.83 1.30
N THR A 78 3.74 4.37 1.56
CA THR A 78 4.74 4.22 0.51
C THR A 78 5.13 2.76 0.31
N CYS A 79 4.98 2.28 -0.91
CA CYS A 79 5.32 0.89 -1.24
C CYS A 79 6.78 0.77 -1.65
N MET A 80 7.41 -0.33 -1.23
CA MET A 80 8.82 -0.55 -1.56
C MET A 80 8.98 -1.83 -2.39
N VAL A 81 9.87 -1.78 -3.37
CA VAL A 81 10.12 -2.93 -4.23
C VAL A 81 11.62 -3.21 -4.35
N THR A 82 12.05 -4.33 -3.77
CA THR A 82 13.46 -4.71 -3.81
C THR A 82 13.68 -5.87 -4.78
N ASN A 83 14.46 -5.62 -5.82
CA ASN A 83 14.75 -6.64 -6.82
C ASN A 83 16.25 -6.70 -7.12
N VAL A 84 16.65 -7.68 -7.92
CA VAL A 84 18.05 -7.84 -8.28
C VAL A 84 18.49 -6.80 -9.30
N ALA A 85 17.53 -6.30 -10.08
CA ALA A 85 17.82 -5.30 -11.10
C ALA A 85 17.90 -3.91 -10.47
N GLY A 86 16.86 -3.53 -9.72
CA GLY A 86 16.85 -2.23 -9.08
C GLY A 86 15.87 -2.17 -7.92
N ASN A 87 15.62 -0.96 -7.42
CA ASN A 87 14.70 -0.76 -6.32
C ASN A 87 13.76 0.40 -6.59
N SER A 88 12.45 0.12 -6.57
CA SER A 88 11.44 1.14 -6.82
C SER A 88 10.48 1.24 -5.65
N ASN A 89 9.74 2.35 -5.59
CA ASN A 89 8.77 2.57 -4.52
C ASN A 89 7.69 3.54 -4.96
N ALA A 90 6.48 3.35 -4.45
CA ALA A 90 5.35 4.21 -4.80
C ALA A 90 4.79 4.88 -3.55
N SER A 91 3.82 5.77 -3.74
CA SER A 91 3.19 6.49 -2.65
C SER A 91 1.68 6.60 -2.85
N ALA A 92 0.95 6.74 -1.76
CA ALA A 92 -0.50 6.87 -1.82
C ALA A 92 -1.07 7.29 -0.47
N TYR A 93 -1.86 8.37 -0.48
CA TYR A 93 -2.47 8.88 0.74
C TYR A 93 -3.84 8.27 0.96
N LEU A 94 -4.08 7.78 2.17
CA LEU A 94 -5.36 7.18 2.52
C LEU A 94 -6.20 8.12 3.38
N ASN A 95 -7.47 8.27 3.01
CA ASN A 95 -8.38 9.13 3.74
C ASN A 95 -9.43 8.32 4.48
N VAL A 96 -9.54 8.55 5.78
CA VAL A 96 -10.51 7.84 6.61
C VAL A 96 -11.48 8.80 7.28
N SER A 97 -12.78 8.54 7.10
CA SER A 97 -13.81 9.39 7.68
C SER A 97 -14.76 8.57 8.55
N SER A 98 -15.00 9.07 9.77
CA SER A 98 -15.88 8.38 10.71
C SER A 98 -17.24 8.10 10.07
N GLY A 99 -17.80 6.95 10.40
CA GLY A 99 -19.10 6.57 9.86
C GLY A 99 -20.25 7.21 10.61
N PRO A 100 -21.42 7.30 9.94
CA PRO A 100 -22.62 7.90 10.54
C PRO A 100 -23.20 7.02 11.63
N SER A 101 -23.00 5.71 11.52
CA SER A 101 -23.52 4.78 12.51
C SER A 101 -22.84 4.97 13.86
N SER A 102 -23.41 4.38 14.90
CA SER A 102 -22.87 4.49 16.25
C SER A 102 -21.63 3.61 16.41
N GLY A 103 -21.75 2.36 15.99
CA GLY A 103 -20.63 1.43 16.09
C GLY A 103 -21.03 0.00 15.76
N GLY A 1 1.97 17.55 -15.64
CA GLY A 1 2.27 16.34 -16.39
C GLY A 1 3.74 15.96 -16.30
N SER A 2 4.03 14.67 -16.46
CA SER A 2 5.40 14.19 -16.39
C SER A 2 6.03 14.12 -17.78
N SER A 3 7.34 13.98 -17.82
CA SER A 3 8.07 13.90 -19.08
C SER A 3 8.96 12.67 -19.14
N GLY A 4 9.62 12.47 -20.28
CA GLY A 4 10.49 11.32 -20.44
C GLY A 4 9.73 10.02 -20.53
N SER A 5 10.45 8.91 -20.53
CA SER A 5 9.84 7.59 -20.63
C SER A 5 10.23 6.73 -19.43
N SER A 6 10.14 7.30 -18.23
CA SER A 6 10.49 6.59 -17.01
C SER A 6 9.73 5.27 -16.92
N GLY A 7 10.46 4.20 -16.59
CA GLY A 7 9.84 2.90 -16.46
C GLY A 7 10.42 2.07 -15.34
N PRO A 8 9.89 2.28 -14.12
CA PRO A 8 10.36 1.56 -12.92
C PRO A 8 9.98 0.08 -12.95
N PHE A 9 10.13 -0.59 -11.81
CA PHE A 9 9.80 -2.00 -11.71
C PHE A 9 8.51 -2.20 -10.91
N ILE A 10 7.48 -1.43 -11.24
CA ILE A 10 6.21 -1.54 -10.55
C ILE A 10 5.05 -1.66 -11.55
N MET A 11 4.81 -2.89 -12.00
CA MET A 11 3.74 -3.15 -12.95
C MET A 11 2.55 -2.23 -12.68
N ASP A 12 2.32 -1.91 -11.42
CA ASP A 12 1.22 -1.04 -11.04
C ASP A 12 1.55 -0.26 -9.77
N ALA A 13 1.42 1.06 -9.84
CA ALA A 13 1.71 1.92 -8.70
C ALA A 13 0.43 2.36 -8.00
N PRO A 14 0.48 2.45 -6.66
CA PRO A 14 -0.67 2.85 -5.86
C PRO A 14 -1.01 4.34 -6.04
N ARG A 15 -2.26 4.68 -5.72
CA ARG A 15 -2.71 6.07 -5.86
C ARG A 15 -3.65 6.44 -4.71
N ASP A 16 -3.71 7.73 -4.40
CA ASP A 16 -4.58 8.21 -3.33
C ASP A 16 -5.86 7.40 -3.24
N LEU A 17 -6.33 7.17 -2.02
CA LEU A 17 -7.55 6.40 -1.81
C LEU A 17 -8.39 7.01 -0.69
N ASN A 18 -9.69 7.17 -0.95
CA ASN A 18 -10.60 7.74 0.05
C ASN A 18 -11.65 6.72 0.47
N ILE A 19 -11.52 6.21 1.69
CA ILE A 19 -12.46 5.23 2.21
C ILE A 19 -12.94 5.62 3.61
N SER A 20 -14.13 5.14 3.97
CA SER A 20 -14.70 5.43 5.27
C SER A 20 -14.15 4.50 6.34
N GLU A 21 -14.38 4.85 7.61
CA GLU A 21 -13.90 4.04 8.71
C GLU A 21 -14.71 2.75 8.85
N GLY A 22 -14.04 1.67 9.23
CA GLY A 22 -14.70 0.39 9.38
C GLY A 22 -15.11 -0.21 8.05
N ARG A 23 -14.30 0.02 7.02
CA ARG A 23 -14.58 -0.50 5.69
C ARG A 23 -13.36 -1.19 5.10
N MET A 24 -13.56 -1.89 3.99
CA MET A 24 -12.47 -2.60 3.34
C MET A 24 -11.77 -1.71 2.31
N ALA A 25 -10.47 -1.52 2.49
CA ALA A 25 -9.68 -0.69 1.58
C ALA A 25 -8.49 -1.46 1.02
N GLU A 26 -8.10 -1.11 -0.20
CA GLU A 26 -6.97 -1.77 -0.85
C GLU A 26 -6.14 -0.77 -1.66
N LEU A 27 -4.85 -1.05 -1.78
CA LEU A 27 -3.95 -0.18 -2.53
C LEU A 27 -3.49 -0.85 -3.82
N LYS A 28 -3.92 -0.30 -4.96
CA LYS A 28 -3.54 -0.83 -6.26
C LYS A 28 -2.03 -0.86 -6.42
N CYS A 29 -1.44 -2.04 -6.23
CA CYS A 29 0.00 -2.21 -6.36
C CYS A 29 0.36 -3.60 -6.86
N ARG A 30 1.11 -3.66 -7.96
CA ARG A 30 1.51 -4.93 -8.54
C ARG A 30 3.02 -5.00 -8.72
N THR A 31 3.62 -6.10 -8.27
CA THR A 31 5.05 -6.29 -8.38
C THR A 31 5.39 -7.58 -9.11
N PRO A 32 6.55 -7.59 -9.79
CA PRO A 32 7.01 -8.76 -10.54
C PRO A 32 7.41 -9.92 -9.64
N PRO A 33 7.56 -11.11 -10.23
CA PRO A 33 7.95 -12.32 -9.48
C PRO A 33 9.40 -12.27 -9.00
N MET A 34 9.66 -12.91 -7.87
CA MET A 34 11.01 -12.94 -7.30
C MET A 34 11.46 -11.54 -6.91
N SER A 35 10.57 -10.79 -6.26
CA SER A 35 10.88 -9.43 -5.83
C SER A 35 10.48 -9.21 -4.37
N SER A 36 10.90 -8.08 -3.82
CA SER A 36 10.59 -7.76 -2.43
C SER A 36 9.58 -6.61 -2.35
N VAL A 37 8.40 -6.91 -1.82
CA VAL A 37 7.35 -5.90 -1.68
C VAL A 37 7.09 -5.56 -0.23
N LYS A 38 7.29 -4.30 0.13
CA LYS A 38 7.07 -3.85 1.51
C LYS A 38 6.18 -2.61 1.54
N TRP A 39 5.59 -2.34 2.69
CA TRP A 39 4.71 -1.19 2.86
C TRP A 39 5.07 -0.40 4.11
N LEU A 40 5.74 0.73 3.92
CA LEU A 40 6.15 1.59 5.03
C LEU A 40 4.97 2.43 5.52
N LEU A 41 4.68 2.33 6.82
CA LEU A 41 3.60 3.10 7.41
C LEU A 41 4.04 4.52 7.75
N PRO A 42 3.08 5.45 7.77
CA PRO A 42 3.35 6.86 8.08
C PRO A 42 3.71 7.07 9.55
N ASN A 43 3.79 5.97 10.29
CA ASN A 43 4.12 6.03 11.71
C ASN A 43 5.59 5.68 11.94
N GLY A 44 6.28 5.34 10.87
CA GLY A 44 7.70 4.99 10.97
C GLY A 44 7.93 3.50 10.81
N THR A 45 6.88 2.71 11.02
CA THR A 45 6.98 1.26 10.90
C THR A 45 6.85 0.82 9.45
N VAL A 46 7.04 -0.48 9.21
CA VAL A 46 6.93 -1.03 7.86
C VAL A 46 6.67 -2.53 7.90
N LEU A 47 5.59 -2.95 7.26
CA LEU A 47 5.23 -4.36 7.22
C LEU A 47 5.69 -5.02 5.91
N SER A 48 5.40 -6.30 5.78
CA SER A 48 5.79 -7.04 4.58
C SER A 48 5.13 -8.42 4.55
N HIS A 49 5.40 -9.17 3.49
CA HIS A 49 4.83 -10.50 3.33
C HIS A 49 4.93 -11.29 4.64
N ALA A 50 6.08 -11.17 5.31
CA ALA A 50 6.30 -11.87 6.57
C ALA A 50 5.25 -11.48 7.60
N SER A 51 5.21 -10.19 7.93
CA SER A 51 4.26 -9.69 8.91
C SER A 51 2.93 -10.43 8.82
N ARG A 52 2.20 -10.48 9.92
CA ARG A 52 0.91 -11.16 9.97
C ARG A 52 -0.20 -10.19 10.32
N HIS A 53 0.06 -8.89 10.16
CA HIS A 53 -0.92 -7.86 10.46
C HIS A 53 -2.31 -8.28 10.00
N PRO A 54 -3.30 -8.11 10.89
CA PRO A 54 -4.70 -8.46 10.60
C PRO A 54 -5.33 -7.55 9.56
N ARG A 55 -5.22 -6.24 9.80
CA ARG A 55 -5.79 -5.26 8.88
C ARG A 55 -4.94 -5.14 7.62
N ILE A 56 -3.71 -4.63 7.78
CA ILE A 56 -2.81 -4.47 6.65
C ILE A 56 -2.34 -5.83 6.12
N SER A 57 -3.01 -6.30 5.07
CA SER A 57 -2.67 -7.57 4.46
C SER A 57 -1.93 -7.37 3.14
N VAL A 58 -0.73 -7.94 3.05
CA VAL A 58 0.07 -7.82 1.84
C VAL A 58 -0.19 -8.99 0.88
N LEU A 59 -1.11 -8.78 -0.04
CA LEU A 59 -1.46 -9.82 -1.01
C LEU A 59 -0.24 -10.25 -1.81
N ASN A 60 -0.14 -11.55 -2.09
CA ASN A 60 0.99 -12.08 -2.85
C ASN A 60 1.41 -11.12 -3.94
N ASP A 61 0.49 -10.82 -4.85
CA ASP A 61 0.77 -9.91 -5.95
C ASP A 61 1.54 -8.69 -5.47
N GLY A 62 1.17 -8.19 -4.29
CA GLY A 62 1.84 -7.03 -3.74
C GLY A 62 0.87 -5.90 -3.40
N THR A 63 -0.35 -6.28 -3.01
CA THR A 63 -1.37 -5.29 -2.66
C THR A 63 -1.55 -5.19 -1.16
N LEU A 64 -1.99 -4.03 -0.69
CA LEU A 64 -2.21 -3.81 0.73
C LEU A 64 -3.70 -3.68 1.04
N ASN A 65 -4.27 -4.72 1.65
CA ASN A 65 -5.67 -4.72 2.01
C ASN A 65 -5.88 -4.29 3.45
N PHE A 66 -7.08 -3.83 3.76
CA PHE A 66 -7.40 -3.38 5.12
C PHE A 66 -8.82 -3.81 5.51
N SER A 67 -8.90 -4.82 6.36
CA SER A 67 -10.20 -5.33 6.81
C SER A 67 -11.08 -4.18 7.29
N HIS A 68 -10.50 -3.26 8.03
CA HIS A 68 -11.24 -2.11 8.55
C HIS A 68 -10.30 -0.96 8.89
N VAL A 69 -10.35 0.10 8.10
CA VAL A 69 -9.50 1.26 8.31
C VAL A 69 -10.12 2.21 9.34
N LEU A 70 -9.27 2.76 10.21
CA LEU A 70 -9.74 3.68 11.24
C LEU A 70 -9.27 5.10 10.95
N LEU A 71 -9.78 6.06 11.72
CA LEU A 71 -9.41 7.46 11.56
C LEU A 71 -7.93 7.67 11.82
N SER A 72 -7.37 6.88 12.73
CA SER A 72 -5.96 6.97 13.09
C SER A 72 -5.08 6.45 11.96
N ASP A 73 -5.59 5.46 11.23
CA ASP A 73 -4.86 4.87 10.12
C ASP A 73 -4.62 5.89 9.01
N THR A 74 -5.43 6.94 9.00
CA THR A 74 -5.31 7.99 8.01
C THR A 74 -3.88 8.54 7.95
N GLY A 75 -3.27 8.48 6.76
CA GLY A 75 -1.93 8.97 6.60
C GLY A 75 -1.36 8.69 5.22
N VAL A 76 -0.04 8.57 5.13
CA VAL A 76 0.62 8.30 3.87
C VAL A 76 1.34 6.95 3.90
N TYR A 77 1.06 6.12 2.90
CA TYR A 77 1.69 4.81 2.81
C TYR A 77 2.64 4.73 1.62
N THR A 78 3.86 4.27 1.88
CA THR A 78 4.86 4.14 0.83
C THR A 78 5.23 2.69 0.60
N CYS A 79 5.09 2.24 -0.65
CA CYS A 79 5.40 0.86 -1.01
C CYS A 79 6.82 0.75 -1.56
N MET A 80 7.56 -0.24 -1.10
CA MET A 80 8.93 -0.45 -1.54
C MET A 80 9.02 -1.65 -2.49
N VAL A 81 9.81 -1.52 -3.55
CA VAL A 81 9.98 -2.58 -4.52
C VAL A 81 11.44 -2.70 -4.95
N THR A 82 12.08 -3.79 -4.54
CA THR A 82 13.48 -4.02 -4.88
C THR A 82 13.65 -5.36 -5.60
N ASN A 83 14.41 -5.35 -6.68
CA ASN A 83 14.65 -6.57 -7.46
C ASN A 83 16.10 -6.64 -7.91
N VAL A 84 16.49 -7.78 -8.46
CA VAL A 84 17.85 -7.98 -8.94
C VAL A 84 18.17 -7.05 -10.11
N ALA A 85 17.12 -6.63 -10.81
CA ALA A 85 17.28 -5.74 -11.96
C ALA A 85 17.37 -4.28 -11.50
N GLY A 86 16.39 -3.84 -10.72
CA GLY A 86 16.39 -2.48 -10.23
C GLY A 86 15.52 -2.30 -9.00
N ASN A 87 15.24 -1.06 -8.64
CA ASN A 87 14.43 -0.75 -7.48
C ASN A 87 13.47 0.41 -7.78
N SER A 88 12.41 0.51 -6.98
CA SER A 88 11.42 1.56 -7.15
C SER A 88 10.44 1.60 -5.98
N ASN A 89 9.86 2.76 -5.74
CA ASN A 89 8.91 2.93 -4.65
C ASN A 89 7.81 3.91 -5.02
N ALA A 90 6.63 3.76 -4.41
CA ALA A 90 5.51 4.63 -4.69
C ALA A 90 4.87 5.12 -3.40
N SER A 91 3.99 6.11 -3.50
CA SER A 91 3.31 6.67 -2.34
C SER A 91 1.80 6.75 -2.58
N ALA A 92 1.04 6.80 -1.49
CA ALA A 92 -0.41 6.87 -1.58
C ALA A 92 -1.02 7.28 -0.24
N TYR A 93 -1.96 8.22 -0.29
CA TYR A 93 -2.62 8.69 0.93
C TYR A 93 -3.93 7.95 1.16
N LEU A 94 -4.26 7.72 2.43
CA LEU A 94 -5.48 7.02 2.78
C LEU A 94 -6.32 7.84 3.77
N ASN A 95 -7.47 8.30 3.32
CA ASN A 95 -8.36 9.10 4.16
C ASN A 95 -9.41 8.23 4.83
N VAL A 96 -9.46 8.29 6.16
CA VAL A 96 -10.43 7.50 6.92
C VAL A 96 -11.37 8.41 7.72
N SER A 97 -12.62 8.47 7.28
CA SER A 97 -13.62 9.30 7.96
C SER A 97 -14.68 8.44 8.62
N SER A 98 -15.11 8.84 9.81
CA SER A 98 -16.13 8.11 10.55
C SER A 98 -17.30 7.74 9.65
N GLY A 99 -17.87 6.56 9.88
CA GLY A 99 -19.00 6.11 9.08
C GLY A 99 -19.90 5.15 9.83
N PRO A 100 -21.13 4.98 9.33
CA PRO A 100 -22.11 4.07 9.94
C PRO A 100 -21.73 2.60 9.79
N SER A 101 -21.56 1.91 10.91
CA SER A 101 -21.19 0.50 10.90
C SER A 101 -22.43 -0.38 10.89
N SER A 102 -22.47 -1.31 9.96
CA SER A 102 -23.61 -2.23 9.83
C SER A 102 -23.20 -3.65 10.23
N GLY A 103 -22.09 -4.11 9.68
CA GLY A 103 -21.61 -5.45 9.97
C GLY A 103 -22.72 -6.48 9.94
N GLY A 1 19.83 10.68 -11.76
CA GLY A 1 19.50 9.54 -12.59
C GLY A 1 19.24 8.28 -11.78
N SER A 2 18.00 8.10 -11.36
CA SER A 2 17.63 6.94 -10.57
C SER A 2 16.38 6.25 -11.14
N SER A 3 16.21 4.98 -10.82
CA SER A 3 15.07 4.22 -11.30
C SER A 3 13.77 4.73 -10.67
N GLY A 4 12.87 5.22 -11.52
CA GLY A 4 11.60 5.73 -11.03
C GLY A 4 10.75 6.32 -12.14
N SER A 5 11.34 7.20 -12.94
CA SER A 5 10.63 7.84 -14.04
C SER A 5 10.96 7.16 -15.37
N SER A 6 12.26 6.97 -15.62
CA SER A 6 12.72 6.34 -16.84
C SER A 6 12.02 5.01 -17.07
N GLY A 7 12.20 4.09 -16.13
CA GLY A 7 11.58 2.79 -16.24
C GLY A 7 11.76 1.94 -14.99
N PRO A 8 10.94 2.21 -13.96
CA PRO A 8 11.01 1.48 -12.69
C PRO A 8 10.52 0.04 -12.82
N PHE A 9 10.27 -0.60 -11.69
CA PHE A 9 9.80 -1.98 -11.67
C PHE A 9 8.44 -2.09 -11.01
N ILE A 10 7.55 -1.15 -11.33
CA ILE A 10 6.21 -1.14 -10.76
C ILE A 10 5.15 -1.00 -11.85
N MET A 11 4.75 -2.13 -12.42
CA MET A 11 3.74 -2.14 -13.47
C MET A 11 2.62 -1.16 -13.15
N ASP A 12 1.94 -1.38 -12.02
CA ASP A 12 0.85 -0.52 -11.61
C ASP A 12 1.13 0.09 -10.24
N ALA A 13 1.06 1.41 -10.16
CA ALA A 13 1.31 2.11 -8.90
C ALA A 13 0.00 2.52 -8.24
N PRO A 14 -0.01 2.53 -6.90
CA PRO A 14 -1.19 2.91 -6.12
C PRO A 14 -1.51 4.40 -6.23
N ARG A 15 -2.75 4.75 -5.89
CA ARG A 15 -3.19 6.14 -5.96
C ARG A 15 -4.04 6.50 -4.75
N ASP A 16 -3.92 7.74 -4.28
CA ASP A 16 -4.67 8.21 -3.13
C ASP A 16 -6.06 7.57 -3.10
N LEU A 17 -6.39 6.94 -1.98
CA LEU A 17 -7.69 6.29 -1.82
C LEU A 17 -8.53 7.00 -0.75
N ASN A 18 -9.84 6.97 -0.93
CA ASN A 18 -10.75 7.61 0.01
C ASN A 18 -11.80 6.61 0.50
N ILE A 19 -11.68 6.20 1.76
CA ILE A 19 -12.62 5.26 2.35
C ILE A 19 -13.05 5.72 3.74
N SER A 20 -14.13 5.11 4.24
CA SER A 20 -14.65 5.46 5.56
C SER A 20 -14.01 4.59 6.64
N GLU A 21 -14.20 4.99 7.90
CA GLU A 21 -13.64 4.25 9.03
C GLU A 21 -14.46 2.99 9.30
N GLY A 22 -13.78 1.84 9.29
CA GLY A 22 -14.45 0.58 9.54
C GLY A 22 -14.89 -0.11 8.26
N ARG A 23 -14.13 0.10 7.20
CA ARG A 23 -14.44 -0.50 5.89
C ARG A 23 -13.22 -1.18 5.30
N MET A 24 -13.44 -1.98 4.26
CA MET A 24 -12.35 -2.69 3.60
C MET A 24 -11.71 -1.82 2.51
N ALA A 25 -10.39 -1.71 2.55
CA ALA A 25 -9.66 -0.91 1.56
C ALA A 25 -8.48 -1.69 0.99
N GLU A 26 -7.98 -1.24 -0.15
CA GLU A 26 -6.85 -1.89 -0.79
C GLU A 26 -6.00 -0.88 -1.57
N LEU A 27 -4.73 -1.21 -1.76
CA LEU A 27 -3.81 -0.33 -2.48
C LEU A 27 -3.33 -0.99 -3.77
N LYS A 28 -3.71 -0.40 -4.90
CA LYS A 28 -3.32 -0.92 -6.20
C LYS A 28 -1.80 -0.95 -6.35
N CYS A 29 -1.24 -2.15 -6.39
CA CYS A 29 0.21 -2.32 -6.52
C CYS A 29 0.54 -3.64 -7.21
N ARG A 30 1.34 -3.56 -8.27
CA ARG A 30 1.74 -4.75 -9.02
C ARG A 30 3.25 -4.83 -9.14
N THR A 31 3.83 -5.92 -8.63
CA THR A 31 5.27 -6.12 -8.69
C THR A 31 5.61 -7.43 -9.40
N PRO A 32 6.79 -7.46 -10.05
CA PRO A 32 7.27 -8.63 -10.78
C PRO A 32 7.64 -9.78 -9.84
N PRO A 33 7.86 -10.98 -10.41
CA PRO A 33 8.23 -12.17 -9.65
C PRO A 33 9.64 -12.07 -9.07
N MET A 34 9.91 -12.88 -8.05
CA MET A 34 11.22 -12.89 -7.41
C MET A 34 11.59 -11.50 -6.90
N SER A 35 10.62 -10.84 -6.26
CA SER A 35 10.85 -9.50 -5.73
C SER A 35 10.28 -9.37 -4.32
N SER A 36 10.83 -8.43 -3.56
CA SER A 36 10.38 -8.21 -2.19
C SER A 36 9.42 -7.03 -2.12
N VAL A 37 8.18 -7.30 -1.68
CA VAL A 37 7.18 -6.25 -1.56
C VAL A 37 6.95 -5.86 -0.11
N LYS A 38 6.94 -4.56 0.16
CA LYS A 38 6.74 -4.05 1.51
C LYS A 38 5.90 -2.78 1.49
N TRP A 39 5.53 -2.30 2.67
CA TRP A 39 4.73 -1.09 2.79
C TRP A 39 5.07 -0.35 4.08
N LEU A 40 5.25 0.97 3.96
CA LEU A 40 5.58 1.79 5.12
C LEU A 40 4.35 2.54 5.62
N LEU A 41 4.30 2.80 6.92
CA LEU A 41 3.18 3.51 7.52
C LEU A 41 3.60 4.91 7.98
N PRO A 42 2.64 5.84 8.01
CA PRO A 42 2.88 7.21 8.43
C PRO A 42 3.17 7.33 9.92
N ASN A 43 3.22 6.19 10.59
CA ASN A 43 3.49 6.15 12.03
C ASN A 43 4.95 5.81 12.30
N GLY A 44 5.66 5.37 11.27
CA GLY A 44 7.05 5.01 11.42
C GLY A 44 7.26 3.51 11.53
N THR A 45 6.86 2.78 10.50
CA THR A 45 7.00 1.33 10.48
C THR A 45 6.79 0.77 9.08
N VAL A 46 7.12 -0.50 8.90
CA VAL A 46 6.97 -1.16 7.60
C VAL A 46 6.56 -2.61 7.77
N LEU A 47 5.76 -3.11 6.83
CA LEU A 47 5.31 -4.50 6.88
C LEU A 47 5.80 -5.27 5.66
N SER A 48 5.53 -6.57 5.64
CA SER A 48 5.94 -7.42 4.53
C SER A 48 5.18 -8.74 4.55
N HIS A 49 5.42 -9.57 3.53
CA HIS A 49 4.76 -10.87 3.44
C HIS A 49 4.97 -11.68 4.70
N ALA A 50 6.01 -11.33 5.46
CA ALA A 50 6.31 -12.03 6.71
C ALA A 50 5.36 -11.62 7.82
N SER A 51 5.21 -10.32 8.03
CA SER A 51 4.33 -9.80 9.07
C SER A 51 2.97 -10.49 9.01
N ARG A 52 2.40 -10.77 10.18
CA ARG A 52 1.10 -11.42 10.26
C ARG A 52 0.01 -10.43 10.66
N HIS A 53 0.17 -9.19 10.21
CA HIS A 53 -0.81 -8.14 10.51
C HIS A 53 -2.19 -8.52 10.00
N PRO A 54 -3.20 -8.40 10.88
CA PRO A 54 -4.58 -8.73 10.54
C PRO A 54 -5.19 -7.73 9.56
N ARG A 55 -5.09 -6.44 9.88
CA ARG A 55 -5.62 -5.40 9.02
C ARG A 55 -4.79 -5.26 7.75
N ILE A 56 -3.56 -4.78 7.90
CA ILE A 56 -2.67 -4.60 6.77
C ILE A 56 -2.16 -5.94 6.25
N SER A 57 -2.83 -6.48 5.23
CA SER A 57 -2.46 -7.75 4.65
C SER A 57 -1.81 -7.55 3.28
N VAL A 58 -0.54 -7.96 3.17
CA VAL A 58 0.20 -7.81 1.92
C VAL A 58 -0.09 -8.98 0.98
N LEU A 59 -1.03 -8.78 0.07
CA LEU A 59 -1.40 -9.82 -0.90
C LEU A 59 -0.17 -10.30 -1.68
N ASN A 60 -0.26 -11.51 -2.20
CA ASN A 60 0.84 -12.09 -2.98
C ASN A 60 1.19 -11.20 -4.16
N ASP A 61 0.18 -10.79 -4.91
CA ASP A 61 0.39 -9.94 -6.08
C ASP A 61 1.19 -8.70 -5.70
N GLY A 62 1.01 -8.23 -4.47
CA GLY A 62 1.72 -7.05 -4.01
C GLY A 62 0.78 -5.93 -3.58
N THR A 63 -0.46 -6.29 -3.27
CA THR A 63 -1.45 -5.32 -2.85
C THR A 63 -1.56 -5.27 -1.32
N LEU A 64 -1.99 -4.13 -0.80
CA LEU A 64 -2.13 -3.95 0.64
C LEU A 64 -3.60 -3.82 1.02
N ASN A 65 -4.16 -4.89 1.56
CA ASN A 65 -5.56 -4.89 1.98
C ASN A 65 -5.70 -4.44 3.43
N PHE A 66 -6.86 -3.88 3.77
CA PHE A 66 -7.11 -3.40 5.12
C PHE A 66 -8.48 -3.88 5.61
N SER A 67 -8.48 -4.86 6.51
CA SER A 67 -9.72 -5.39 7.05
C SER A 67 -10.68 -4.27 7.45
N HIS A 68 -10.18 -3.35 8.27
CA HIS A 68 -10.99 -2.23 8.73
C HIS A 68 -10.11 -1.02 9.05
N VAL A 69 -10.15 -0.02 8.19
CA VAL A 69 -9.37 1.18 8.37
C VAL A 69 -9.90 2.01 9.53
N LEU A 70 -9.01 2.78 10.16
CA LEU A 70 -9.39 3.63 11.29
C LEU A 70 -8.88 5.05 11.10
N LEU A 71 -9.42 5.97 11.90
CA LEU A 71 -9.01 7.37 11.82
C LEU A 71 -7.52 7.53 12.10
N SER A 72 -6.93 6.53 12.75
CA SER A 72 -5.52 6.55 13.08
C SER A 72 -4.68 6.04 11.91
N ASP A 73 -5.34 5.40 10.95
CA ASP A 73 -4.66 4.87 9.78
C ASP A 73 -4.51 5.93 8.70
N THR A 74 -5.23 7.05 8.87
CA THR A 74 -5.17 8.14 7.91
C THR A 74 -3.77 8.71 7.80
N GLY A 75 -3.28 8.85 6.57
CA GLY A 75 -1.95 9.38 6.35
C GLY A 75 -1.42 9.08 4.96
N VAL A 76 -0.13 8.74 4.89
CA VAL A 76 0.48 8.43 3.60
C VAL A 76 1.21 7.09 3.66
N TYR A 77 0.95 6.25 2.66
CA TYR A 77 1.57 4.93 2.59
C TYR A 77 2.58 4.86 1.45
N THR A 78 3.76 4.33 1.74
CA THR A 78 4.81 4.20 0.73
C THR A 78 5.17 2.73 0.48
N CYS A 79 4.97 2.28 -0.74
CA CYS A 79 5.27 0.91 -1.11
C CYS A 79 6.70 0.77 -1.62
N MET A 80 7.41 -0.25 -1.11
CA MET A 80 8.79 -0.48 -1.51
C MET A 80 8.89 -1.69 -2.44
N VAL A 81 9.78 -1.60 -3.42
CA VAL A 81 9.97 -2.68 -4.38
C VAL A 81 11.45 -2.89 -4.67
N THR A 82 11.99 -4.02 -4.23
CA THR A 82 13.39 -4.34 -4.45
C THR A 82 13.54 -5.61 -5.29
N ASN A 83 14.44 -5.56 -6.27
CA ASN A 83 14.68 -6.71 -7.14
C ASN A 83 16.16 -6.81 -7.51
N VAL A 84 16.52 -7.91 -8.16
CA VAL A 84 17.90 -8.14 -8.57
C VAL A 84 18.26 -7.29 -9.78
N ALA A 85 17.25 -6.78 -10.48
CA ALA A 85 17.46 -5.95 -11.65
C ALA A 85 17.44 -4.47 -11.29
N GLY A 86 16.44 -4.06 -10.51
CA GLY A 86 16.32 -2.68 -10.11
C GLY A 86 15.44 -2.50 -8.90
N ASN A 87 15.29 -1.25 -8.45
CA ASN A 87 14.46 -0.95 -7.29
C ASN A 87 13.55 0.24 -7.56
N SER A 88 12.45 0.32 -6.83
CA SER A 88 11.49 1.41 -7.00
C SER A 88 10.49 1.44 -5.85
N ASN A 89 9.75 2.54 -5.74
CA ASN A 89 8.76 2.70 -4.68
C ASN A 89 7.68 3.68 -5.10
N ALA A 90 6.53 3.60 -4.44
CA ALA A 90 5.40 4.49 -4.73
C ALA A 90 4.76 5.01 -3.45
N SER A 91 3.95 6.06 -3.58
CA SER A 91 3.28 6.65 -2.43
C SER A 91 1.78 6.78 -2.69
N ALA A 92 1.02 7.04 -1.64
CA ALA A 92 -0.42 7.20 -1.75
C ALA A 92 -1.02 7.70 -0.44
N TYR A 93 -2.12 8.44 -0.55
CA TYR A 93 -2.79 8.98 0.63
C TYR A 93 -4.11 8.24 0.90
N LEU A 94 -4.40 8.00 2.17
CA LEU A 94 -5.62 7.31 2.56
C LEU A 94 -6.43 8.15 3.53
N ASN A 95 -7.63 8.55 3.11
CA ASN A 95 -8.50 9.36 3.94
C ASN A 95 -9.54 8.49 4.64
N VAL A 96 -9.61 8.60 5.96
CA VAL A 96 -10.57 7.83 6.74
C VAL A 96 -11.57 8.73 7.45
N SER A 97 -12.83 8.70 6.99
CA SER A 97 -13.88 9.51 7.58
C SER A 97 -14.72 8.71 8.55
N SER A 98 -15.05 9.31 9.69
CA SER A 98 -15.85 8.64 10.71
C SER A 98 -17.18 8.19 10.14
N GLY A 99 -17.78 7.19 10.78
CA GLY A 99 -19.06 6.68 10.33
C GLY A 99 -20.24 7.32 11.04
N PRO A 100 -21.44 7.23 10.44
CA PRO A 100 -22.65 7.79 11.01
C PRO A 100 -23.11 7.04 12.26
N SER A 101 -23.26 7.76 13.36
CA SER A 101 -23.69 7.17 14.62
C SER A 101 -24.82 6.18 14.38
N SER A 102 -24.52 4.89 14.55
CA SER A 102 -25.52 3.84 14.35
C SER A 102 -26.04 3.34 15.69
N GLY A 103 -25.14 2.78 16.50
CA GLY A 103 -25.53 2.26 17.80
C GLY A 103 -26.42 3.23 18.57
N GLY A 1 19.92 -1.92 -21.96
CA GLY A 1 20.38 -0.93 -21.01
C GLY A 1 19.50 0.30 -20.98
N SER A 2 18.19 0.09 -21.00
CA SER A 2 17.23 1.18 -20.98
C SER A 2 16.11 0.91 -19.98
N SER A 3 15.35 1.95 -19.64
CA SER A 3 14.26 1.83 -18.70
C SER A 3 13.33 0.67 -19.09
N GLY A 4 12.94 -0.13 -18.10
CA GLY A 4 12.06 -1.25 -18.36
C GLY A 4 10.60 -0.86 -18.36
N SER A 5 9.91 -1.14 -17.26
CA SER A 5 8.49 -0.82 -17.14
C SER A 5 8.29 0.68 -16.95
N SER A 6 8.13 1.39 -18.06
CA SER A 6 7.93 2.84 -18.01
C SER A 6 8.80 3.48 -16.93
N GLY A 7 9.98 2.90 -16.71
CA GLY A 7 10.88 3.42 -15.70
C GLY A 7 11.15 2.42 -14.60
N PRO A 8 10.37 2.54 -13.50
CA PRO A 8 10.50 1.64 -12.34
C PRO A 8 10.04 0.23 -12.65
N PHE A 9 10.04 -0.62 -11.62
CA PHE A 9 9.62 -2.01 -11.78
C PHE A 9 8.27 -2.25 -11.12
N ILE A 10 7.36 -1.29 -11.27
CA ILE A 10 6.04 -1.39 -10.69
C ILE A 10 4.96 -1.23 -11.77
N MET A 11 4.56 -2.36 -12.36
CA MET A 11 3.53 -2.34 -13.39
C MET A 11 2.49 -1.27 -13.12
N ASP A 12 1.95 -1.28 -11.90
CA ASP A 12 0.94 -0.30 -11.51
C ASP A 12 1.27 0.30 -10.15
N ALA A 13 1.35 1.62 -10.09
CA ALA A 13 1.66 2.31 -8.84
C ALA A 13 0.38 2.73 -8.12
N PRO A 14 0.41 2.67 -6.78
CA PRO A 14 -0.74 3.03 -5.94
C PRO A 14 -1.02 4.53 -5.96
N ARG A 15 -2.28 4.90 -5.81
CA ARG A 15 -2.69 6.30 -5.81
C ARG A 15 -3.57 6.61 -4.61
N ASP A 16 -3.63 7.89 -4.25
CA ASP A 16 -4.45 8.32 -3.12
C ASP A 16 -5.80 7.63 -3.12
N LEU A 17 -6.16 7.03 -1.99
CA LEU A 17 -7.43 6.33 -1.86
C LEU A 17 -8.30 6.95 -0.77
N ASN A 18 -9.61 6.97 -1.00
CA ASN A 18 -10.54 7.54 -0.03
C ASN A 18 -11.59 6.51 0.38
N ILE A 19 -11.48 6.02 1.60
CA ILE A 19 -12.42 5.04 2.12
C ILE A 19 -12.91 5.42 3.51
N SER A 20 -14.15 5.04 3.81
CA SER A 20 -14.74 5.35 5.12
C SER A 20 -14.16 4.44 6.20
N GLU A 21 -14.42 4.79 7.46
CA GLU A 21 -13.93 4.02 8.58
C GLU A 21 -14.70 2.71 8.73
N GLY A 22 -14.00 1.66 9.16
CA GLY A 22 -14.65 0.37 9.34
C GLY A 22 -15.06 -0.26 8.03
N ARG A 23 -14.21 -0.10 7.01
CA ARG A 23 -14.49 -0.67 5.69
C ARG A 23 -13.26 -1.34 5.11
N MET A 24 -13.45 -2.10 4.04
CA MET A 24 -12.35 -2.81 3.39
C MET A 24 -11.65 -1.91 2.38
N ALA A 25 -10.34 -1.77 2.52
CA ALA A 25 -9.56 -0.95 1.62
C ALA A 25 -8.47 -1.77 0.92
N GLU A 26 -7.87 -1.18 -0.12
CA GLU A 26 -6.82 -1.86 -0.87
C GLU A 26 -5.96 -0.86 -1.63
N LEU A 27 -4.66 -1.14 -1.72
CA LEU A 27 -3.74 -0.27 -2.42
C LEU A 27 -3.29 -0.89 -3.73
N LYS A 28 -3.74 -0.32 -4.85
CA LYS A 28 -3.38 -0.81 -6.16
C LYS A 28 -1.86 -0.82 -6.35
N CYS A 29 -1.27 -2.00 -6.28
CA CYS A 29 0.18 -2.14 -6.43
C CYS A 29 0.53 -3.49 -7.08
N ARG A 30 1.27 -3.43 -8.18
CA ARG A 30 1.67 -4.64 -8.89
C ARG A 30 3.19 -4.79 -8.91
N THR A 31 3.68 -5.92 -8.46
CA THR A 31 5.12 -6.18 -8.44
C THR A 31 5.47 -7.45 -9.21
N PRO A 32 6.66 -7.47 -9.82
CA PRO A 32 7.14 -8.61 -10.60
C PRO A 32 7.47 -9.81 -9.72
N PRO A 33 7.67 -10.97 -10.35
CA PRO A 33 8.00 -12.21 -9.64
C PRO A 33 9.41 -12.18 -9.04
N MET A 34 9.58 -12.88 -7.93
CA MET A 34 10.89 -12.93 -7.26
C MET A 34 11.31 -11.55 -6.78
N SER A 35 10.39 -10.83 -6.14
CA SER A 35 10.66 -9.49 -5.64
C SER A 35 10.13 -9.33 -4.22
N SER A 36 10.73 -8.40 -3.48
CA SER A 36 10.32 -8.14 -2.10
C SER A 36 9.28 -7.02 -2.04
N VAL A 37 8.15 -7.31 -1.41
CA VAL A 37 7.08 -6.34 -1.28
C VAL A 37 6.93 -5.87 0.16
N LYS A 38 7.05 -4.57 0.38
CA LYS A 38 6.93 -4.00 1.71
C LYS A 38 6.07 -2.74 1.69
N TRP A 39 5.56 -2.34 2.85
CA TRP A 39 4.72 -1.16 2.96
C TRP A 39 5.05 -0.38 4.24
N LEU A 40 5.57 0.84 4.06
CA LEU A 40 5.92 1.69 5.19
C LEU A 40 4.71 2.46 5.69
N LEU A 41 4.61 2.61 7.01
CA LEU A 41 3.50 3.33 7.63
C LEU A 41 3.91 4.75 7.99
N PRO A 42 2.92 5.66 8.01
CA PRO A 42 3.15 7.08 8.33
C PRO A 42 3.50 7.28 9.81
N ASN A 43 3.62 6.17 10.53
CA ASN A 43 3.96 6.23 11.96
C ASN A 43 5.43 5.91 12.18
N GLY A 44 6.07 5.36 11.15
CA GLY A 44 7.48 5.01 11.25
C GLY A 44 7.74 3.55 10.98
N THR A 45 6.82 2.69 11.44
CA THR A 45 6.95 1.25 11.24
C THR A 45 6.75 0.88 9.77
N VAL A 46 7.00 -0.38 9.44
CA VAL A 46 6.83 -0.86 8.07
C VAL A 46 6.57 -2.36 8.05
N LEU A 47 5.51 -2.76 7.36
CA LEU A 47 5.14 -4.17 7.26
C LEU A 47 5.62 -4.76 5.93
N SER A 48 5.49 -6.08 5.80
CA SER A 48 5.92 -6.76 4.59
C SER A 48 5.24 -8.13 4.47
N HIS A 49 5.38 -8.75 3.31
CA HIS A 49 4.78 -10.06 3.07
C HIS A 49 4.91 -10.95 4.31
N ALA A 50 5.98 -10.76 5.06
CA ALA A 50 6.21 -11.54 6.27
C ALA A 50 5.24 -11.16 7.37
N SER A 51 5.19 -9.87 7.70
CA SER A 51 4.30 -9.38 8.74
C SER A 51 3.00 -10.17 8.76
N ARG A 52 2.47 -10.40 9.96
CA ARG A 52 1.24 -11.14 10.12
C ARG A 52 0.07 -10.21 10.47
N HIS A 53 0.28 -8.91 10.26
CA HIS A 53 -0.74 -7.92 10.56
C HIS A 53 -2.11 -8.40 10.10
N PRO A 54 -3.12 -8.25 10.99
CA PRO A 54 -4.49 -8.67 10.70
C PRO A 54 -5.15 -7.78 9.64
N ARG A 55 -5.10 -6.47 9.87
CA ARG A 55 -5.71 -5.52 8.93
C ARG A 55 -4.84 -5.37 7.68
N ILE A 56 -3.64 -4.82 7.85
CA ILE A 56 -2.73 -4.62 6.74
C ILE A 56 -2.18 -5.96 6.23
N SER A 57 -2.86 -6.53 5.25
CA SER A 57 -2.46 -7.81 4.67
C SER A 57 -1.80 -7.60 3.31
N VAL A 58 -0.57 -8.07 3.17
CA VAL A 58 0.17 -7.95 1.92
C VAL A 58 -0.09 -9.14 1.01
N LEU A 59 -1.02 -8.98 0.08
CA LEU A 59 -1.35 -10.05 -0.86
C LEU A 59 -0.12 -10.49 -1.66
N ASN A 60 -0.14 -11.73 -2.13
CA ASN A 60 0.96 -12.27 -2.91
C ASN A 60 1.35 -11.32 -4.04
N ASP A 61 0.38 -10.99 -4.89
CA ASP A 61 0.63 -10.09 -6.01
C ASP A 61 1.39 -8.85 -5.56
N GLY A 62 1.12 -8.42 -4.34
CA GLY A 62 1.80 -7.24 -3.81
C GLY A 62 0.84 -6.10 -3.51
N THR A 63 -0.35 -6.45 -3.01
CA THR A 63 -1.36 -5.45 -2.69
C THR A 63 -1.52 -5.31 -1.17
N LEU A 64 -1.92 -4.12 -0.74
CA LEU A 64 -2.12 -3.85 0.68
C LEU A 64 -3.60 -3.71 1.01
N ASN A 65 -4.18 -4.79 1.53
CA ASN A 65 -5.60 -4.79 1.89
C ASN A 65 -5.79 -4.40 3.35
N PHE A 66 -6.90 -3.72 3.65
CA PHE A 66 -7.19 -3.29 5.01
C PHE A 66 -8.58 -3.76 5.43
N SER A 67 -8.61 -4.72 6.36
CA SER A 67 -9.86 -5.26 6.85
C SER A 67 -10.81 -4.14 7.29
N HIS A 68 -10.27 -3.18 8.04
CA HIS A 68 -11.04 -2.05 8.53
C HIS A 68 -10.15 -0.88 8.90
N VAL A 69 -10.17 0.16 8.07
CA VAL A 69 -9.36 1.35 8.33
C VAL A 69 -10.04 2.30 9.30
N LEU A 70 -9.27 2.84 10.23
CA LEU A 70 -9.81 3.77 11.23
C LEU A 70 -9.30 5.19 10.97
N LEU A 71 -9.86 6.15 11.69
CA LEU A 71 -9.46 7.54 11.56
C LEU A 71 -7.98 7.72 11.83
N SER A 72 -7.43 6.85 12.68
CA SER A 72 -6.02 6.91 13.03
C SER A 72 -5.15 6.40 11.88
N ASP A 73 -5.66 5.42 11.15
CA ASP A 73 -4.94 4.84 10.02
C ASP A 73 -4.71 5.89 8.93
N THR A 74 -5.52 6.94 8.95
CA THR A 74 -5.40 8.00 7.96
C THR A 74 -3.99 8.56 7.92
N GLY A 75 -3.42 8.60 6.71
CA GLY A 75 -2.06 9.12 6.56
C GLY A 75 -1.51 8.84 5.17
N VAL A 76 -0.22 8.53 5.11
CA VAL A 76 0.45 8.26 3.84
C VAL A 76 1.23 6.95 3.90
N TYR A 77 1.05 6.10 2.89
CA TYR A 77 1.73 4.82 2.83
C TYR A 77 2.71 4.78 1.66
N THR A 78 3.87 4.18 1.87
CA THR A 78 4.89 4.07 0.84
C THR A 78 5.21 2.60 0.55
N CYS A 79 5.10 2.23 -0.72
CA CYS A 79 5.39 0.86 -1.14
C CYS A 79 6.82 0.73 -1.68
N MET A 80 7.57 -0.21 -1.13
CA MET A 80 8.95 -0.43 -1.55
C MET A 80 9.05 -1.63 -2.48
N VAL A 81 9.92 -1.54 -3.48
CA VAL A 81 10.11 -2.63 -4.43
C VAL A 81 11.58 -2.82 -4.75
N THR A 82 12.15 -3.94 -4.30
CA THR A 82 13.55 -4.24 -4.54
C THR A 82 13.70 -5.57 -5.28
N ASN A 83 14.38 -5.53 -6.42
CA ASN A 83 14.60 -6.73 -7.22
C ASN A 83 16.01 -6.74 -7.80
N VAL A 84 16.38 -7.87 -8.42
CA VAL A 84 17.70 -8.01 -9.01
C VAL A 84 17.83 -7.14 -10.26
N ALA A 85 16.73 -7.00 -11.00
CA ALA A 85 16.73 -6.20 -12.21
C ALA A 85 16.85 -4.71 -11.88
N GLY A 86 16.05 -4.25 -10.92
CA GLY A 86 16.08 -2.85 -10.53
C GLY A 86 15.28 -2.59 -9.27
N ASN A 87 15.23 -1.33 -8.86
CA ASN A 87 14.50 -0.94 -7.67
C ASN A 87 13.48 0.16 -7.97
N SER A 88 12.44 0.24 -7.15
CA SER A 88 11.40 1.25 -7.35
C SER A 88 10.58 1.43 -6.08
N ASN A 89 9.83 2.53 -6.01
CA ASN A 89 9.00 2.82 -4.85
C ASN A 89 7.78 3.64 -5.25
N ALA A 90 6.81 3.72 -4.35
CA ALA A 90 5.59 4.48 -4.60
C ALA A 90 4.95 4.94 -3.30
N SER A 91 4.03 5.90 -3.41
CA SER A 91 3.34 6.44 -2.23
C SER A 91 1.86 6.65 -2.52
N ALA A 92 1.07 6.74 -1.45
CA ALA A 92 -0.36 6.95 -1.59
C ALA A 92 -0.98 7.38 -0.26
N TYR A 93 -1.86 8.38 -0.32
CA TYR A 93 -2.51 8.89 0.88
C TYR A 93 -3.86 8.20 1.08
N LEU A 94 -4.11 7.77 2.32
CA LEU A 94 -5.37 7.11 2.65
C LEU A 94 -6.23 7.98 3.55
N ASN A 95 -7.49 8.14 3.18
CA ASN A 95 -8.43 8.96 3.96
C ASN A 95 -9.47 8.07 4.64
N VAL A 96 -9.57 8.20 5.96
CA VAL A 96 -10.53 7.43 6.73
C VAL A 96 -11.49 8.34 7.48
N SER A 97 -12.75 8.34 7.05
CA SER A 97 -13.78 9.17 7.68
C SER A 97 -14.60 8.36 8.68
N SER A 98 -15.10 9.03 9.70
CA SER A 98 -15.90 8.37 10.73
C SER A 98 -17.38 8.36 10.34
N GLY A 99 -18.05 7.24 10.60
CA GLY A 99 -19.46 7.12 10.27
C GLY A 99 -20.35 7.75 11.33
N PRO A 100 -21.64 7.90 11.01
CA PRO A 100 -22.63 8.50 11.91
C PRO A 100 -22.94 7.59 13.10
N SER A 101 -22.35 7.90 14.25
CA SER A 101 -22.56 7.11 15.45
C SER A 101 -24.04 7.08 15.84
N SER A 102 -24.60 8.27 16.08
CA SER A 102 -26.00 8.38 16.45
C SER A 102 -26.88 8.62 15.22
N GLY A 103 -26.56 9.67 14.48
CA GLY A 103 -27.32 10.00 13.29
C GLY A 103 -27.12 11.43 12.84
N GLY A 1 20.27 4.59 -30.57
CA GLY A 1 19.53 3.52 -29.93
C GLY A 1 18.06 3.53 -30.28
N SER A 2 17.21 3.20 -29.31
CA SER A 2 15.77 3.17 -29.53
C SER A 2 15.02 3.30 -28.21
N SER A 3 14.15 4.31 -28.13
CA SER A 3 13.37 4.55 -26.92
C SER A 3 12.25 3.52 -26.80
N GLY A 4 12.39 2.63 -25.81
CA GLY A 4 11.38 1.60 -25.60
C GLY A 4 10.52 1.88 -24.39
N SER A 5 11.16 2.11 -23.24
CA SER A 5 10.44 2.39 -22.01
C SER A 5 11.40 2.89 -20.93
N SER A 6 10.85 3.57 -19.93
CA SER A 6 11.65 4.11 -18.84
C SER A 6 10.80 4.32 -17.59
N GLY A 7 11.37 4.02 -16.43
CA GLY A 7 10.64 4.18 -15.18
C GLY A 7 11.02 3.14 -14.15
N PRO A 8 10.32 3.13 -13.01
CA PRO A 8 10.58 2.19 -11.92
C PRO A 8 10.17 0.76 -12.28
N PHE A 9 10.24 -0.14 -11.32
CA PHE A 9 9.88 -1.53 -11.53
C PHE A 9 8.49 -1.83 -10.97
N ILE A 10 7.57 -0.89 -11.17
CA ILE A 10 6.20 -1.05 -10.69
C ILE A 10 5.19 -0.87 -11.82
N MET A 11 4.85 -1.97 -12.48
CA MET A 11 3.89 -1.93 -13.58
C MET A 11 2.62 -1.20 -13.16
N ASP A 12 2.17 -1.44 -11.94
CA ASP A 12 0.97 -0.80 -11.42
C ASP A 12 1.24 -0.11 -10.09
N ALA A 13 1.19 1.22 -10.08
CA ALA A 13 1.43 1.99 -8.87
C ALA A 13 0.12 2.40 -8.21
N PRO A 14 0.12 2.41 -6.87
CA PRO A 14 -1.07 2.79 -6.09
C PRO A 14 -1.39 4.27 -6.21
N ARG A 15 -2.65 4.62 -5.95
CA ARG A 15 -3.09 6.00 -6.03
C ARG A 15 -3.92 6.38 -4.80
N ASP A 16 -4.08 7.68 -4.58
CA ASP A 16 -4.85 8.18 -3.43
C ASP A 16 -6.19 7.44 -3.33
N LEU A 17 -6.47 6.90 -2.15
CA LEU A 17 -7.71 6.18 -1.92
C LEU A 17 -8.49 6.79 -0.76
N ASN A 18 -9.78 7.04 -0.98
CA ASN A 18 -10.64 7.61 0.04
C ASN A 18 -11.69 6.61 0.51
N ILE A 19 -11.53 6.13 1.74
CA ILE A 19 -12.47 5.17 2.30
C ILE A 19 -12.97 5.62 3.67
N SER A 20 -14.11 5.09 4.09
CA SER A 20 -14.69 5.45 5.38
C SER A 20 -14.10 4.59 6.49
N GLU A 21 -14.22 5.07 7.73
CA GLU A 21 -13.69 4.35 8.89
C GLU A 21 -14.47 3.05 9.11
N GLY A 22 -13.74 1.96 9.34
CA GLY A 22 -14.36 0.68 9.57
C GLY A 22 -14.84 0.02 8.29
N ARG A 23 -14.01 0.10 7.25
CA ARG A 23 -14.34 -0.48 5.96
C ARG A 23 -13.15 -1.20 5.35
N MET A 24 -13.40 -2.00 4.32
CA MET A 24 -12.34 -2.74 3.66
C MET A 24 -11.69 -1.90 2.56
N ALA A 25 -10.37 -1.76 2.61
CA ALA A 25 -9.65 -0.98 1.62
C ALA A 25 -8.53 -1.81 0.99
N GLU A 26 -7.93 -1.27 -0.07
CA GLU A 26 -6.84 -1.96 -0.76
C GLU A 26 -6.02 -0.99 -1.60
N LEU A 27 -4.72 -1.26 -1.71
CA LEU A 27 -3.83 -0.41 -2.49
C LEU A 27 -3.40 -1.09 -3.78
N LYS A 28 -3.85 -0.55 -4.90
CA LYS A 28 -3.51 -1.10 -6.20
C LYS A 28 -2.01 -1.02 -6.46
N CYS A 29 -1.33 -2.16 -6.36
CA CYS A 29 0.12 -2.22 -6.57
C CYS A 29 0.54 -3.60 -7.03
N ARG A 30 1.24 -3.67 -8.15
CA ARG A 30 1.70 -4.93 -8.70
C ARG A 30 3.22 -4.93 -8.88
N THR A 31 3.85 -6.04 -8.48
CA THR A 31 5.30 -6.16 -8.60
C THR A 31 5.68 -7.39 -9.41
N PRO A 32 6.86 -7.32 -10.07
CA PRO A 32 7.37 -8.41 -10.90
C PRO A 32 7.80 -9.62 -10.07
N PRO A 33 8.07 -10.74 -10.75
CA PRO A 33 8.50 -11.98 -10.09
C PRO A 33 9.90 -11.86 -9.49
N MET A 34 10.15 -12.65 -8.45
CA MET A 34 11.45 -12.64 -7.79
C MET A 34 11.75 -11.28 -7.19
N SER A 35 10.72 -10.63 -6.64
CA SER A 35 10.87 -9.32 -6.04
C SER A 35 10.22 -9.27 -4.66
N SER A 36 10.85 -8.56 -3.73
CA SER A 36 10.33 -8.43 -2.38
C SER A 36 9.28 -7.33 -2.29
N VAL A 37 8.14 -7.65 -1.69
CA VAL A 37 7.06 -6.68 -1.55
C VAL A 37 6.90 -6.24 -0.09
N LYS A 38 6.97 -4.93 0.14
CA LYS A 38 6.84 -4.38 1.47
C LYS A 38 6.03 -3.08 1.46
N TRP A 39 5.54 -2.67 2.61
CA TRP A 39 4.76 -1.45 2.73
C TRP A 39 5.13 -0.68 3.99
N LEU A 40 5.34 0.62 3.86
CA LEU A 40 5.70 1.47 4.98
C LEU A 40 4.50 2.28 5.46
N LEU A 41 4.47 2.58 6.75
CA LEU A 41 3.37 3.35 7.34
C LEU A 41 3.82 4.76 7.66
N PRO A 42 2.86 5.71 7.66
CA PRO A 42 3.13 7.12 7.96
C PRO A 42 3.48 7.35 9.42
N ASN A 43 3.59 6.26 10.18
CA ASN A 43 3.92 6.34 11.59
C ASN A 43 5.41 6.10 11.81
N GLY A 44 5.96 5.12 11.10
CA GLY A 44 7.38 4.80 11.24
C GLY A 44 7.62 3.31 11.30
N THR A 45 6.90 2.55 10.48
CA THR A 45 7.05 1.10 10.45
C THR A 45 6.85 0.56 9.04
N VAL A 46 7.18 -0.71 8.85
CA VAL A 46 7.04 -1.36 7.54
C VAL A 46 6.65 -2.82 7.69
N LEU A 47 5.56 -3.21 7.05
CA LEU A 47 5.09 -4.59 7.10
C LEU A 47 5.49 -5.36 5.85
N SER A 48 5.62 -6.67 5.98
CA SER A 48 6.00 -7.53 4.85
C SER A 48 5.22 -8.84 4.88
N HIS A 49 5.18 -9.51 3.73
CA HIS A 49 4.48 -10.78 3.62
C HIS A 49 4.56 -11.58 4.92
N ALA A 50 5.75 -11.60 5.51
CA ALA A 50 5.97 -12.32 6.76
C ALA A 50 5.02 -11.82 7.85
N SER A 51 4.98 -10.50 8.04
CA SER A 51 4.13 -9.91 9.05
C SER A 51 2.81 -10.67 9.18
N ARG A 52 2.24 -10.65 10.37
CA ARG A 52 0.99 -11.35 10.63
C ARG A 52 -0.13 -10.36 10.95
N HIS A 53 0.05 -9.11 10.54
CA HIS A 53 -0.94 -8.07 10.78
C HIS A 53 -2.30 -8.47 10.23
N PRO A 54 -3.34 -8.32 11.05
CA PRO A 54 -4.71 -8.66 10.66
C PRO A 54 -5.28 -7.70 9.62
N ARG A 55 -5.18 -6.41 9.90
CA ARG A 55 -5.68 -5.39 8.98
C ARG A 55 -4.77 -5.25 7.76
N ILE A 56 -3.55 -4.78 7.99
CA ILE A 56 -2.59 -4.61 6.92
C ILE A 56 -2.09 -5.95 6.40
N SER A 57 -2.71 -6.44 5.34
CA SER A 57 -2.33 -7.73 4.75
C SER A 57 -1.70 -7.52 3.38
N VAL A 58 -0.53 -8.11 3.18
CA VAL A 58 0.18 -8.00 1.90
C VAL A 58 -0.11 -9.20 1.01
N LEU A 59 -1.10 -9.07 0.14
CA LEU A 59 -1.48 -10.14 -0.77
C LEU A 59 -0.28 -10.57 -1.63
N ASN A 60 -0.33 -11.80 -2.11
CA ASN A 60 0.75 -12.33 -2.95
C ASN A 60 1.10 -11.36 -4.07
N ASP A 61 0.14 -11.09 -4.94
CA ASP A 61 0.35 -10.17 -6.06
C ASP A 61 1.16 -8.96 -5.62
N GLY A 62 0.83 -8.43 -4.45
CA GLY A 62 1.54 -7.27 -3.93
C GLY A 62 0.60 -6.12 -3.60
N THR A 63 -0.57 -6.46 -3.05
CA THR A 63 -1.55 -5.44 -2.69
C THR A 63 -1.71 -5.35 -1.17
N LEU A 64 -1.94 -4.14 -0.68
CA LEU A 64 -2.12 -3.92 0.75
C LEU A 64 -3.59 -3.82 1.12
N ASN A 65 -4.12 -4.89 1.70
CA ASN A 65 -5.53 -4.91 2.09
C ASN A 65 -5.69 -4.43 3.53
N PHE A 66 -6.75 -3.66 3.77
CA PHE A 66 -7.03 -3.12 5.10
C PHE A 66 -8.39 -3.59 5.60
N SER A 67 -8.38 -4.59 6.48
CA SER A 67 -9.62 -5.13 7.03
C SER A 67 -10.58 -4.00 7.41
N HIS A 68 -10.10 -3.08 8.24
CA HIS A 68 -10.91 -1.96 8.68
C HIS A 68 -10.03 -0.76 9.03
N VAL A 69 -10.02 0.24 8.15
CA VAL A 69 -9.22 1.44 8.37
C VAL A 69 -9.76 2.25 9.55
N LEU A 70 -8.87 3.00 10.21
CA LEU A 70 -9.25 3.81 11.35
C LEU A 70 -8.85 5.26 11.14
N LEU A 71 -9.50 6.17 11.87
CA LEU A 71 -9.20 7.59 11.76
C LEU A 71 -7.71 7.86 12.01
N SER A 72 -7.07 6.94 12.73
CA SER A 72 -5.65 7.08 13.05
C SER A 72 -4.79 6.54 11.91
N ASP A 73 -5.40 5.75 11.04
CA ASP A 73 -4.70 5.16 9.91
C ASP A 73 -4.51 6.19 8.80
N THR A 74 -5.31 7.24 8.82
CA THR A 74 -5.24 8.28 7.82
C THR A 74 -3.82 8.82 7.68
N GLY A 75 -3.33 8.87 6.45
CA GLY A 75 -1.99 9.36 6.21
C GLY A 75 -1.48 9.04 4.82
N VAL A 76 -0.23 8.61 4.73
CA VAL A 76 0.36 8.26 3.44
C VAL A 76 1.13 6.94 3.53
N TYR A 77 0.85 6.05 2.58
CA TYR A 77 1.50 4.74 2.56
C TYR A 77 2.45 4.64 1.35
N THR A 78 3.62 4.06 1.58
CA THR A 78 4.61 3.90 0.53
C THR A 78 5.01 2.44 0.37
N CYS A 79 4.88 1.93 -0.85
CA CYS A 79 5.23 0.54 -1.14
C CYS A 79 6.66 0.43 -1.67
N MET A 80 7.43 -0.49 -1.10
CA MET A 80 8.81 -0.69 -1.53
C MET A 80 8.91 -1.85 -2.51
N VAL A 81 9.84 -1.75 -3.45
CA VAL A 81 10.03 -2.79 -4.45
C VAL A 81 11.52 -3.06 -4.66
N THR A 82 11.96 -4.27 -4.31
CA THR A 82 13.35 -4.66 -4.46
C THR A 82 13.50 -5.75 -5.50
N ASN A 83 14.33 -5.51 -6.51
CA ASN A 83 14.56 -6.48 -7.57
C ASN A 83 16.04 -6.49 -7.99
N VAL A 84 16.49 -7.62 -8.50
CA VAL A 84 17.87 -7.77 -8.93
C VAL A 84 18.23 -6.72 -9.98
N ALA A 85 17.21 -6.17 -10.62
CA ALA A 85 17.43 -5.15 -11.65
C ALA A 85 17.56 -3.76 -11.02
N GLY A 86 16.69 -3.46 -10.07
CA GLY A 86 16.74 -2.17 -9.41
C GLY A 86 15.77 -2.08 -8.25
N ASN A 87 15.49 -0.86 -7.80
CA ASN A 87 14.57 -0.64 -6.68
C ASN A 87 13.65 0.54 -6.96
N SER A 88 12.38 0.38 -6.60
CA SER A 88 11.39 1.42 -6.82
C SER A 88 10.34 1.42 -5.70
N ASN A 89 9.62 2.53 -5.57
CA ASN A 89 8.59 2.65 -4.55
C ASN A 89 7.58 3.73 -4.93
N ALA A 90 6.32 3.50 -4.56
CA ALA A 90 5.25 4.46 -4.85
C ALA A 90 4.59 4.96 -3.58
N SER A 91 3.84 6.05 -3.69
CA SER A 91 3.15 6.63 -2.55
C SER A 91 1.65 6.77 -2.81
N ALA A 92 0.89 6.97 -1.74
CA ALA A 92 -0.55 7.12 -1.86
C ALA A 92 -1.18 7.54 -0.54
N TYR A 93 -2.07 8.52 -0.59
CA TYR A 93 -2.73 9.01 0.61
C TYR A 93 -4.03 8.26 0.87
N LEU A 94 -4.34 8.05 2.14
CA LEU A 94 -5.56 7.34 2.53
C LEU A 94 -6.40 8.18 3.48
N ASN A 95 -7.59 8.56 3.04
CA ASN A 95 -8.49 9.36 3.85
C ASN A 95 -9.50 8.48 4.58
N VAL A 96 -9.62 8.69 5.89
CA VAL A 96 -10.54 7.92 6.70
C VAL A 96 -11.53 8.83 7.43
N SER A 97 -12.80 8.73 7.06
CA SER A 97 -13.85 9.54 7.67
C SER A 97 -14.72 8.70 8.59
N SER A 98 -14.92 9.19 9.82
CA SER A 98 -15.73 8.48 10.80
C SER A 98 -17.09 8.10 10.21
N GLY A 99 -17.47 6.84 10.37
CA GLY A 99 -18.73 6.37 9.85
C GLY A 99 -19.89 7.25 10.27
N PRO A 100 -20.97 7.24 9.48
CA PRO A 100 -22.17 8.04 9.75
C PRO A 100 -22.94 7.53 10.97
N SER A 101 -24.10 8.13 11.22
CA SER A 101 -24.93 7.74 12.36
C SER A 101 -26.38 7.58 11.93
N SER A 102 -26.91 8.61 11.29
CA SER A 102 -28.31 8.59 10.83
C SER A 102 -28.63 7.26 10.15
N GLY A 103 -27.80 6.88 9.19
CA GLY A 103 -28.02 5.63 8.48
C GLY A 103 -27.83 5.78 6.98
N GLY A 1 14.78 22.20 -23.58
CA GLY A 1 14.05 20.95 -23.44
C GLY A 1 14.66 20.04 -22.42
N SER A 2 14.40 18.74 -22.54
CA SER A 2 14.92 17.75 -21.61
C SER A 2 14.60 16.34 -22.08
N SER A 3 15.64 15.49 -22.12
CA SER A 3 15.47 14.11 -22.56
C SER A 3 15.33 13.17 -21.37
N GLY A 4 14.55 13.60 -20.39
CA GLY A 4 14.34 12.79 -19.20
C GLY A 4 13.24 11.77 -19.39
N SER A 5 13.54 10.51 -19.07
CA SER A 5 12.58 9.43 -19.21
C SER A 5 12.46 8.62 -17.92
N SER A 6 11.24 8.51 -17.40
CA SER A 6 11.00 7.78 -16.17
C SER A 6 10.40 6.41 -16.46
N GLY A 7 10.53 5.49 -15.52
CA GLY A 7 10.00 4.15 -15.69
C GLY A 7 10.54 3.17 -14.66
N PRO A 8 9.92 3.15 -13.48
CA PRO A 8 10.31 2.27 -12.38
C PRO A 8 10.01 0.80 -12.68
N PHE A 9 10.13 -0.04 -11.66
CA PHE A 9 9.86 -1.47 -11.82
C PHE A 9 8.51 -1.83 -11.22
N ILE A 10 7.52 -0.96 -11.40
CA ILE A 10 6.19 -1.20 -10.88
C ILE A 10 5.15 -1.15 -11.99
N MET A 11 4.71 -2.32 -12.44
CA MET A 11 3.72 -2.41 -13.50
C MET A 11 2.55 -1.46 -13.23
N ASP A 12 2.19 -1.32 -11.96
CA ASP A 12 1.09 -0.44 -11.57
C ASP A 12 1.33 0.13 -10.18
N ALA A 13 1.38 1.45 -10.08
CA ALA A 13 1.60 2.12 -8.81
C ALA A 13 0.27 2.50 -8.16
N PRO A 14 0.24 2.44 -6.82
CA PRO A 14 -0.97 2.77 -6.04
C PRO A 14 -1.30 4.26 -6.09
N ARG A 15 -2.59 4.57 -6.06
CA ARG A 15 -3.04 5.95 -6.10
C ARG A 15 -3.92 6.27 -4.89
N ASP A 16 -3.97 7.55 -4.52
CA ASP A 16 -4.77 7.99 -3.38
C ASP A 16 -6.05 7.18 -3.28
N LEU A 17 -6.41 6.79 -2.06
CA LEU A 17 -7.62 6.01 -1.84
C LEU A 17 -8.46 6.63 -0.72
N ASN A 18 -9.74 6.83 -1.00
CA ASN A 18 -10.65 7.42 -0.02
C ASN A 18 -11.65 6.38 0.48
N ILE A 19 -11.52 6.00 1.75
CA ILE A 19 -12.41 5.02 2.35
C ILE A 19 -12.87 5.47 3.73
N SER A 20 -14.03 4.97 4.16
CA SER A 20 -14.58 5.32 5.47
C SER A 20 -14.03 4.41 6.55
N GLU A 21 -14.23 4.79 7.80
CA GLU A 21 -13.76 4.00 8.94
C GLU A 21 -14.59 2.74 9.11
N GLY A 22 -13.91 1.61 9.31
CA GLY A 22 -14.60 0.35 9.48
C GLY A 22 -15.01 -0.27 8.17
N ARG A 23 -14.22 -0.03 7.13
CA ARG A 23 -14.50 -0.58 5.80
C ARG A 23 -13.27 -1.26 5.22
N MET A 24 -13.47 -2.06 4.17
CA MET A 24 -12.38 -2.76 3.53
C MET A 24 -11.70 -1.89 2.47
N ALA A 25 -10.38 -1.79 2.56
CA ALA A 25 -9.62 -0.98 1.61
C ALA A 25 -8.51 -1.81 0.95
N GLU A 26 -7.98 -1.30 -0.16
CA GLU A 26 -6.93 -1.98 -0.88
C GLU A 26 -6.08 -0.99 -1.67
N LEU A 27 -4.79 -1.30 -1.78
CA LEU A 27 -3.86 -0.44 -2.51
C LEU A 27 -3.39 -1.11 -3.80
N LYS A 28 -3.80 -0.56 -4.94
CA LYS A 28 -3.42 -1.11 -6.23
C LYS A 28 -1.90 -1.05 -6.42
N CYS A 29 -1.24 -2.20 -6.30
CA CYS A 29 0.20 -2.27 -6.45
C CYS A 29 0.61 -3.59 -7.10
N ARG A 30 1.35 -3.50 -8.21
CA ARG A 30 1.80 -4.68 -8.92
C ARG A 30 3.32 -4.71 -9.01
N THR A 31 3.91 -5.83 -8.58
CA THR A 31 5.37 -5.98 -8.61
C THR A 31 5.77 -7.23 -9.38
N PRO A 32 6.94 -7.18 -10.03
CA PRO A 32 7.47 -8.30 -10.81
C PRO A 32 7.89 -9.47 -9.93
N PRO A 33 8.19 -10.61 -10.57
CA PRO A 33 8.61 -11.83 -9.87
C PRO A 33 10.00 -11.69 -9.25
N MET A 34 10.31 -12.57 -8.30
CA MET A 34 11.60 -12.54 -7.64
C MET A 34 11.89 -11.16 -7.05
N SER A 35 10.86 -10.53 -6.51
CA SER A 35 11.01 -9.20 -5.91
C SER A 35 10.40 -9.16 -4.52
N SER A 36 10.89 -8.24 -3.69
CA SER A 36 10.40 -8.10 -2.33
C SER A 36 9.35 -7.00 -2.25
N VAL A 37 8.25 -7.29 -1.54
CA VAL A 37 7.17 -6.33 -1.38
C VAL A 37 7.07 -5.84 0.07
N LYS A 38 7.18 -4.54 0.26
CA LYS A 38 7.10 -3.94 1.59
C LYS A 38 6.18 -2.73 1.59
N TRP A 39 5.66 -2.40 2.76
CA TRP A 39 4.76 -1.25 2.89
C TRP A 39 5.06 -0.47 4.17
N LEU A 40 5.68 0.70 4.01
CA LEU A 40 6.03 1.54 5.15
C LEU A 40 4.84 2.40 5.58
N LEU A 41 4.54 2.38 6.87
CA LEU A 41 3.42 3.16 7.41
C LEU A 41 3.87 4.58 7.73
N PRO A 42 2.91 5.52 7.68
CA PRO A 42 3.16 6.94 7.97
C PRO A 42 3.46 7.18 9.45
N ASN A 43 3.51 6.10 10.22
CA ASN A 43 3.79 6.20 11.65
C ASN A 43 5.25 5.91 11.95
N GLY A 44 5.95 5.35 10.95
CA GLY A 44 7.35 5.02 11.12
C GLY A 44 7.62 3.54 11.00
N THR A 45 6.55 2.74 11.06
CA THR A 45 6.68 1.29 10.97
C THR A 45 6.62 0.83 9.51
N VAL A 46 6.74 -0.47 9.30
CA VAL A 46 6.70 -1.04 7.96
C VAL A 46 6.47 -2.55 8.00
N LEU A 47 5.48 -3.01 7.27
CA LEU A 47 5.15 -4.44 7.22
C LEU A 47 5.61 -5.06 5.90
N SER A 48 5.38 -6.36 5.76
CA SER A 48 5.79 -7.07 4.55
C SER A 48 4.90 -8.29 4.32
N HIS A 49 5.22 -9.07 3.30
CA HIS A 49 4.46 -10.26 2.96
C HIS A 49 4.52 -11.27 4.11
N ALA A 50 5.55 -11.16 4.94
CA ALA A 50 5.71 -12.06 6.07
C ALA A 50 4.78 -11.69 7.22
N SER A 51 4.82 -10.42 7.62
CA SER A 51 3.98 -9.93 8.70
C SER A 51 2.62 -10.62 8.68
N ARG A 52 2.11 -10.93 9.88
CA ARG A 52 0.82 -11.59 10.00
C ARG A 52 -0.28 -10.59 10.36
N HIS A 53 0.08 -9.32 10.37
CA HIS A 53 -0.87 -8.26 10.69
C HIS A 53 -2.26 -8.60 10.19
N PRO A 54 -3.26 -8.50 11.08
CA PRO A 54 -4.66 -8.81 10.75
C PRO A 54 -5.26 -7.77 9.80
N ARG A 55 -5.14 -6.50 10.18
CA ARG A 55 -5.68 -5.42 9.35
C ARG A 55 -4.90 -5.28 8.06
N ILE A 56 -3.65 -4.81 8.18
CA ILE A 56 -2.80 -4.63 7.02
C ILE A 56 -2.30 -5.96 6.49
N SER A 57 -2.98 -6.49 5.47
CA SER A 57 -2.61 -7.75 4.86
C SER A 57 -1.93 -7.54 3.52
N VAL A 58 -0.68 -7.97 3.41
CA VAL A 58 0.08 -7.83 2.18
C VAL A 58 -0.14 -9.02 1.26
N LEU A 59 -1.19 -8.95 0.46
CA LEU A 59 -1.51 -10.03 -0.47
C LEU A 59 -0.28 -10.44 -1.28
N ASN A 60 -0.20 -11.72 -1.62
CA ASN A 60 0.91 -12.24 -2.39
C ASN A 60 1.16 -11.39 -3.64
N ASP A 61 0.10 -11.15 -4.39
CA ASP A 61 0.20 -10.34 -5.60
C ASP A 61 0.92 -9.03 -5.33
N GLY A 62 0.88 -8.60 -4.08
CA GLY A 62 1.54 -7.35 -3.71
C GLY A 62 0.55 -6.25 -3.40
N THR A 63 -0.63 -6.63 -2.90
CA THR A 63 -1.66 -5.66 -2.57
C THR A 63 -1.81 -5.52 -1.05
N LEU A 64 -2.12 -4.30 -0.61
CA LEU A 64 -2.29 -4.03 0.82
C LEU A 64 -3.76 -3.90 1.17
N ASN A 65 -4.32 -4.98 1.74
CA ASN A 65 -5.72 -4.99 2.14
C ASN A 65 -5.88 -4.58 3.60
N PHE A 66 -6.89 -3.77 3.87
CA PHE A 66 -7.15 -3.30 5.24
C PHE A 66 -8.55 -3.70 5.69
N SER A 67 -8.65 -4.84 6.38
CA SER A 67 -9.93 -5.34 6.86
C SER A 67 -10.82 -4.19 7.31
N HIS A 68 -10.26 -3.29 8.11
CA HIS A 68 -11.01 -2.14 8.61
C HIS A 68 -10.07 -0.99 8.95
N VAL A 69 -10.06 0.04 8.12
CA VAL A 69 -9.21 1.21 8.34
C VAL A 69 -9.82 2.14 9.38
N LEU A 70 -8.96 2.79 10.15
CA LEU A 70 -9.41 3.72 11.19
C LEU A 70 -9.05 5.15 10.82
N LEU A 71 -9.57 6.10 11.61
CA LEU A 71 -9.30 7.52 11.36
C LEU A 71 -7.82 7.84 11.58
N SER A 72 -7.30 7.46 12.73
CA SER A 72 -5.89 7.70 13.05
C SER A 72 -4.98 7.19 11.94
N ASP A 73 -5.41 6.11 11.28
CA ASP A 73 -4.63 5.53 10.19
C ASP A 73 -4.41 6.53 9.08
N THR A 74 -5.32 7.50 8.98
CA THR A 74 -5.24 8.52 7.94
C THR A 74 -3.81 9.03 7.78
N GLY A 75 -3.26 8.90 6.58
CA GLY A 75 -1.90 9.34 6.32
C GLY A 75 -1.41 8.93 4.94
N VAL A 76 -0.10 8.81 4.80
CA VAL A 76 0.50 8.42 3.52
C VAL A 76 1.25 7.10 3.65
N TYR A 77 0.99 6.20 2.71
CA TYR A 77 1.65 4.90 2.71
C TYR A 77 2.65 4.79 1.57
N THR A 78 3.83 4.25 1.86
CA THR A 78 4.87 4.09 0.86
C THR A 78 5.14 2.61 0.58
N CYS A 79 5.09 2.24 -0.69
CA CYS A 79 5.34 0.86 -1.09
C CYS A 79 6.74 0.69 -1.68
N MET A 80 7.53 -0.18 -1.08
CA MET A 80 8.89 -0.43 -1.53
C MET A 80 8.94 -1.61 -2.50
N VAL A 81 9.83 -1.54 -3.48
CA VAL A 81 9.97 -2.60 -4.47
C VAL A 81 11.43 -2.89 -4.76
N THR A 82 11.84 -4.14 -4.58
CA THR A 82 13.22 -4.54 -4.83
C THR A 82 13.29 -5.73 -5.78
N ASN A 83 14.08 -5.60 -6.83
CA ASN A 83 14.24 -6.66 -7.82
C ASN A 83 15.69 -6.79 -8.27
N VAL A 84 16.08 -7.99 -8.66
CA VAL A 84 17.44 -8.25 -9.12
C VAL A 84 17.90 -7.18 -10.11
N ALA A 85 16.96 -6.68 -10.90
CA ALA A 85 17.25 -5.65 -11.89
C ALA A 85 17.53 -4.31 -11.23
N GLY A 86 16.61 -3.88 -10.36
CA GLY A 86 16.78 -2.61 -9.68
C GLY A 86 15.82 -2.45 -8.51
N ASN A 87 15.54 -1.21 -8.14
CA ASN A 87 14.63 -0.92 -7.04
C ASN A 87 13.67 0.21 -7.40
N SER A 88 12.57 0.29 -6.65
CA SER A 88 11.57 1.34 -6.90
C SER A 88 10.56 1.39 -5.76
N ASN A 89 10.03 2.57 -5.50
CA ASN A 89 9.05 2.76 -4.43
C ASN A 89 7.91 3.66 -4.89
N ALA A 90 6.77 3.56 -4.21
CA ALA A 90 5.61 4.37 -4.55
C ALA A 90 4.98 4.99 -3.31
N SER A 91 3.98 5.83 -3.51
CA SER A 91 3.29 6.50 -2.40
C SER A 91 1.80 6.65 -2.70
N ALA A 92 1.02 6.90 -1.65
CA ALA A 92 -0.42 7.08 -1.79
C ALA A 92 -1.05 7.51 -0.49
N TYR A 93 -1.95 8.48 -0.55
CA TYR A 93 -2.63 8.99 0.63
C TYR A 93 -3.93 8.23 0.89
N LEU A 94 -4.17 7.90 2.15
CA LEU A 94 -5.38 7.17 2.52
C LEU A 94 -6.24 7.99 3.47
N ASN A 95 -7.39 8.46 2.97
CA ASN A 95 -8.30 9.26 3.77
C ASN A 95 -9.31 8.37 4.50
N VAL A 96 -9.41 8.54 5.81
CA VAL A 96 -10.33 7.76 6.62
C VAL A 96 -11.31 8.67 7.36
N SER A 97 -12.59 8.56 7.01
CA SER A 97 -13.63 9.36 7.63
C SER A 97 -14.41 8.54 8.65
N SER A 98 -14.80 9.18 9.76
CA SER A 98 -15.55 8.52 10.81
C SER A 98 -16.97 8.19 10.35
N GLY A 99 -17.31 6.90 10.35
CA GLY A 99 -18.62 6.48 9.92
C GLY A 99 -19.72 7.33 10.52
N PRO A 100 -20.94 7.20 9.97
CA PRO A 100 -22.10 7.96 10.44
C PRO A 100 -22.58 7.50 11.82
N SER A 101 -22.76 6.20 11.98
CA SER A 101 -23.21 5.63 13.24
C SER A 101 -22.09 5.69 14.29
N SER A 102 -22.49 5.88 15.54
CA SER A 102 -21.52 5.96 16.64
C SER A 102 -21.17 4.57 17.16
N GLY A 103 -20.00 4.45 17.77
CA GLY A 103 -19.56 3.18 18.30
C GLY A 103 -18.58 3.33 19.44
N GLY A 1 15.72 10.93 -30.68
CA GLY A 1 14.49 11.36 -30.05
C GLY A 1 14.02 10.40 -28.98
N SER A 2 14.60 10.51 -27.79
CA SER A 2 14.24 9.63 -26.68
C SER A 2 12.72 9.51 -26.56
N SER A 3 12.28 8.49 -25.82
CA SER A 3 10.85 8.27 -25.63
C SER A 3 10.57 7.72 -24.23
N GLY A 4 9.58 8.31 -23.56
CA GLY A 4 9.24 7.86 -22.22
C GLY A 4 10.28 8.28 -21.19
N SER A 5 9.81 8.89 -20.11
CA SER A 5 10.71 9.34 -19.05
C SER A 5 10.28 8.78 -17.69
N SER A 6 9.08 8.20 -17.66
CA SER A 6 8.54 7.62 -16.43
C SER A 6 7.98 6.23 -16.68
N GLY A 7 8.47 5.25 -15.91
CA GLY A 7 7.99 3.89 -16.07
C GLY A 7 8.96 2.88 -15.47
N PRO A 8 9.07 2.88 -14.13
CA PRO A 8 9.96 1.96 -13.41
C PRO A 8 9.47 0.52 -13.46
N PHE A 9 10.15 -0.37 -12.75
CA PHE A 9 9.79 -1.77 -12.71
C PHE A 9 8.35 -1.96 -12.26
N ILE A 10 7.90 -1.08 -11.36
CA ILE A 10 6.54 -1.14 -10.84
C ILE A 10 5.52 -1.06 -11.96
N MET A 11 4.97 -2.21 -12.35
CA MET A 11 3.98 -2.26 -13.42
C MET A 11 2.74 -1.46 -13.05
N ASP A 12 2.51 -1.30 -11.75
CA ASP A 12 1.36 -0.55 -11.26
C ASP A 12 1.69 0.15 -9.95
N ALA A 13 1.36 1.44 -9.88
CA ALA A 13 1.62 2.23 -8.67
C ALA A 13 0.31 2.58 -7.96
N PRO A 14 0.38 2.64 -6.62
CA PRO A 14 -0.79 2.96 -5.79
C PRO A 14 -1.21 4.42 -5.94
N ARG A 15 -2.53 4.65 -5.99
CA ARG A 15 -3.06 6.00 -6.12
C ARG A 15 -3.93 6.37 -4.93
N ASP A 16 -4.01 7.65 -4.62
CA ASP A 16 -4.80 8.12 -3.50
C ASP A 16 -6.11 7.36 -3.41
N LEU A 17 -6.57 7.12 -2.18
CA LEU A 17 -7.81 6.39 -1.95
C LEU A 17 -8.60 7.00 -0.80
N ASN A 18 -9.91 7.10 -0.96
CA ASN A 18 -10.77 7.67 0.07
C ASN A 18 -11.82 6.65 0.51
N ILE A 19 -11.72 6.21 1.76
CA ILE A 19 -12.66 5.25 2.32
C ILE A 19 -13.10 5.64 3.72
N SER A 20 -14.24 5.10 4.15
CA SER A 20 -14.77 5.40 5.48
C SER A 20 -14.10 4.55 6.54
N GLU A 21 -14.35 4.87 7.80
CA GLU A 21 -13.76 4.12 8.91
C GLU A 21 -14.57 2.87 9.21
N GLY A 22 -13.89 1.73 9.28
CA GLY A 22 -14.56 0.48 9.55
C GLY A 22 -14.98 -0.26 8.29
N ARG A 23 -14.17 -0.12 7.24
CA ARG A 23 -14.47 -0.77 5.96
C ARG A 23 -13.20 -1.39 5.36
N MET A 24 -13.38 -2.15 4.29
CA MET A 24 -12.26 -2.81 3.63
C MET A 24 -11.64 -1.88 2.59
N ALA A 25 -10.30 -1.88 2.54
CA ALA A 25 -9.59 -1.05 1.58
C ALA A 25 -8.39 -1.80 1.00
N GLU A 26 -7.90 -1.31 -0.14
CA GLU A 26 -6.76 -1.94 -0.81
C GLU A 26 -5.95 -0.90 -1.59
N LEU A 27 -4.68 -1.22 -1.83
CA LEU A 27 -3.80 -0.32 -2.57
C LEU A 27 -3.23 -1.00 -3.81
N LYS A 28 -3.65 -0.53 -4.98
CA LYS A 28 -3.18 -1.09 -6.24
C LYS A 28 -1.65 -1.07 -6.31
N CYS A 29 -1.06 -2.25 -6.45
CA CYS A 29 0.39 -2.36 -6.53
C CYS A 29 0.80 -3.62 -7.30
N ARG A 30 1.66 -3.43 -8.30
CA ARG A 30 2.13 -4.55 -9.13
C ARG A 30 3.64 -4.59 -9.17
N THR A 31 4.22 -5.71 -8.73
CA THR A 31 5.66 -5.88 -8.72
C THR A 31 6.08 -7.10 -9.53
N PRO A 32 7.30 -7.07 -10.08
CA PRO A 32 7.85 -8.17 -10.88
C PRO A 32 8.16 -9.40 -10.04
N PRO A 33 8.46 -10.51 -10.72
CA PRO A 33 8.80 -11.78 -10.05
C PRO A 33 10.13 -11.72 -9.34
N MET A 34 10.31 -12.60 -8.35
CA MET A 34 11.56 -12.65 -7.60
C MET A 34 11.84 -11.31 -6.92
N SER A 35 10.79 -10.67 -6.41
CA SER A 35 10.93 -9.39 -5.74
C SER A 35 10.26 -9.40 -4.37
N SER A 36 10.59 -8.42 -3.54
CA SER A 36 10.02 -8.33 -2.20
C SER A 36 8.99 -7.20 -2.12
N VAL A 37 7.88 -7.47 -1.46
CA VAL A 37 6.81 -6.48 -1.32
C VAL A 37 6.73 -5.98 0.12
N LYS A 38 6.92 -4.68 0.30
CA LYS A 38 6.86 -4.07 1.63
C LYS A 38 6.01 -2.81 1.61
N TRP A 39 5.44 -2.47 2.77
CA TRP A 39 4.61 -1.27 2.89
C TRP A 39 4.96 -0.49 4.14
N LEU A 40 5.35 0.76 3.97
CA LEU A 40 5.70 1.62 5.09
C LEU A 40 4.49 2.37 5.60
N LEU A 41 4.45 2.62 6.91
CA LEU A 41 3.34 3.33 7.53
C LEU A 41 3.77 4.73 7.96
N PRO A 42 2.81 5.66 7.98
CA PRO A 42 3.06 7.06 8.37
C PRO A 42 3.35 7.20 9.85
N ASN A 43 3.39 6.07 10.56
CA ASN A 43 3.67 6.06 11.99
C ASN A 43 5.13 5.73 12.26
N GLY A 44 5.80 5.16 11.26
CA GLY A 44 7.20 4.81 11.42
C GLY A 44 7.40 3.31 11.50
N THR A 45 7.02 2.59 10.45
CA THR A 45 7.15 1.14 10.41
C THR A 45 6.93 0.61 9.00
N VAL A 46 7.15 -0.69 8.83
CA VAL A 46 6.96 -1.33 7.53
C VAL A 46 6.53 -2.78 7.68
N LEU A 47 5.63 -3.22 6.81
CA LEU A 47 5.13 -4.59 6.84
C LEU A 47 5.45 -5.32 5.55
N SER A 48 5.41 -6.65 5.60
CA SER A 48 5.71 -7.48 4.44
C SER A 48 4.89 -8.76 4.45
N HIS A 49 4.90 -9.48 3.33
CA HIS A 49 4.15 -10.73 3.22
C HIS A 49 4.31 -11.57 4.48
N ALA A 50 5.40 -11.33 5.21
CA ALA A 50 5.66 -12.07 6.44
C ALA A 50 4.80 -11.56 7.59
N SER A 51 4.79 -10.24 7.77
CA SER A 51 4.00 -9.62 8.84
C SER A 51 2.71 -10.39 9.08
N ARG A 52 2.28 -10.45 10.33
CA ARG A 52 1.06 -11.15 10.69
C ARG A 52 -0.06 -10.17 11.03
N HIS A 53 0.14 -8.90 10.65
CA HIS A 53 -0.85 -7.86 10.92
C HIS A 53 -2.24 -8.31 10.46
N PRO A 54 -3.23 -8.16 11.34
CA PRO A 54 -4.62 -8.54 11.05
C PRO A 54 -5.26 -7.62 10.03
N ARG A 55 -5.18 -6.31 10.28
CA ARG A 55 -5.76 -5.33 9.38
C ARG A 55 -4.97 -5.24 8.08
N ILE A 56 -3.74 -4.74 8.18
CA ILE A 56 -2.88 -4.60 7.01
C ILE A 56 -2.40 -5.96 6.52
N SER A 57 -2.99 -6.42 5.43
CA SER A 57 -2.63 -7.71 4.85
C SER A 57 -2.02 -7.54 3.46
N VAL A 58 -0.82 -8.07 3.27
CA VAL A 58 -0.14 -7.98 1.98
C VAL A 58 -0.50 -9.15 1.08
N LEU A 59 -1.51 -8.96 0.24
CA LEU A 59 -1.96 -10.00 -0.68
C LEU A 59 -0.76 -10.63 -1.40
N ASN A 60 -0.85 -11.94 -1.65
CA ASN A 60 0.21 -12.65 -2.33
C ASN A 60 0.77 -11.83 -3.48
N ASP A 61 -0.12 -11.24 -4.27
CA ASP A 61 0.28 -10.42 -5.41
C ASP A 61 1.08 -9.20 -4.95
N GLY A 62 0.71 -8.66 -3.79
CA GLY A 62 1.41 -7.50 -3.26
C GLY A 62 0.46 -6.44 -2.76
N THR A 63 -0.79 -6.50 -3.22
CA THR A 63 -1.80 -5.52 -2.82
C THR A 63 -1.95 -5.48 -1.30
N LEU A 64 -2.01 -4.28 -0.75
CA LEU A 64 -2.15 -4.10 0.69
C LEU A 64 -3.61 -3.89 1.07
N ASN A 65 -4.24 -4.93 1.62
CA ASN A 65 -5.63 -4.85 2.04
C ASN A 65 -5.75 -4.40 3.49
N PHE A 66 -6.88 -3.80 3.82
CA PHE A 66 -7.13 -3.32 5.18
C PHE A 66 -8.50 -3.76 5.68
N SER A 67 -8.51 -4.77 6.54
CA SER A 67 -9.77 -5.28 7.08
C SER A 67 -10.70 -4.15 7.47
N HIS A 68 -10.22 -3.25 8.32
CA HIS A 68 -11.02 -2.10 8.77
C HIS A 68 -10.12 -0.91 9.07
N VAL A 69 -10.13 0.07 8.18
CA VAL A 69 -9.32 1.28 8.35
C VAL A 69 -9.87 2.15 9.47
N LEU A 70 -8.98 2.80 10.20
CA LEU A 70 -9.38 3.67 11.30
C LEU A 70 -8.92 5.11 11.05
N LEU A 71 -9.62 6.06 11.66
CA LEU A 71 -9.28 7.48 11.50
C LEU A 71 -7.78 7.69 11.68
N SER A 72 -7.19 6.99 12.62
CA SER A 72 -5.76 7.11 12.89
C SER A 72 -4.95 6.62 11.70
N ASP A 73 -5.44 5.59 11.04
CA ASP A 73 -4.75 5.02 9.88
C ASP A 73 -4.52 6.09 8.81
N THR A 74 -5.37 7.12 8.82
CA THR A 74 -5.25 8.21 7.85
C THR A 74 -3.83 8.74 7.80
N GLY A 75 -3.25 8.78 6.60
CA GLY A 75 -1.90 9.28 6.44
C GLY A 75 -1.35 9.03 5.05
N VAL A 76 -0.05 8.76 4.97
CA VAL A 76 0.60 8.50 3.68
C VAL A 76 1.36 7.19 3.71
N TYR A 77 1.07 6.32 2.75
CA TYR A 77 1.73 5.02 2.66
C TYR A 77 2.74 5.01 1.52
N THR A 78 3.71 4.10 1.60
CA THR A 78 4.75 3.97 0.57
C THR A 78 5.01 2.52 0.25
N CYS A 79 5.21 2.22 -1.03
CA CYS A 79 5.49 0.86 -1.48
C CYS A 79 6.96 0.70 -1.85
N MET A 80 7.53 -0.44 -1.51
CA MET A 80 8.93 -0.72 -1.82
C MET A 80 9.04 -1.88 -2.80
N VAL A 81 10.01 -1.78 -3.71
CA VAL A 81 10.23 -2.82 -4.70
C VAL A 81 11.72 -3.08 -4.92
N THR A 82 12.16 -4.28 -4.55
CA THR A 82 13.56 -4.65 -4.69
C THR A 82 13.73 -5.80 -5.68
N ASN A 83 14.51 -5.56 -6.72
CA ASN A 83 14.75 -6.58 -7.74
C ASN A 83 16.19 -6.52 -8.24
N VAL A 84 16.85 -7.68 -8.30
CA VAL A 84 18.23 -7.75 -8.76
C VAL A 84 18.49 -6.73 -9.85
N ALA A 85 17.53 -6.57 -10.76
CA ALA A 85 17.67 -5.63 -11.85
C ALA A 85 17.63 -4.19 -11.35
N GLY A 86 16.63 -3.87 -10.53
CA GLY A 86 16.50 -2.54 -9.99
C GLY A 86 15.50 -2.47 -8.85
N ASN A 87 15.37 -1.28 -8.26
CA ASN A 87 14.44 -1.09 -7.14
C ASN A 87 13.69 0.24 -7.29
N SER A 88 12.41 0.23 -6.93
CA SER A 88 11.58 1.42 -7.02
C SER A 88 10.59 1.48 -5.86
N ASN A 89 9.94 2.62 -5.71
CA ASN A 89 8.96 2.81 -4.64
C ASN A 89 7.92 3.85 -5.04
N ALA A 90 6.76 3.81 -4.39
CA ALA A 90 5.69 4.75 -4.66
C ALA A 90 5.06 5.26 -3.37
N SER A 91 4.19 6.27 -3.49
CA SER A 91 3.53 6.85 -2.34
C SER A 91 2.05 7.08 -2.63
N ALA A 92 1.26 7.23 -1.56
CA ALA A 92 -0.18 7.45 -1.69
C ALA A 92 -0.79 7.86 -0.36
N TYR A 93 -1.99 8.41 -0.42
CA TYR A 93 -2.70 8.85 0.79
C TYR A 93 -3.97 8.03 1.00
N LEU A 94 -4.47 8.05 2.24
CA LEU A 94 -5.68 7.31 2.58
C LEU A 94 -6.52 8.09 3.57
N ASN A 95 -7.64 8.63 3.11
CA ASN A 95 -8.54 9.40 3.97
C ASN A 95 -9.56 8.49 4.63
N VAL A 96 -9.70 8.62 5.95
CA VAL A 96 -10.63 7.82 6.72
C VAL A 96 -11.65 8.69 7.44
N SER A 97 -12.92 8.56 7.05
CA SER A 97 -13.98 9.35 7.66
C SER A 97 -14.80 8.49 8.63
N SER A 98 -15.01 9.01 9.84
CA SER A 98 -15.76 8.30 10.86
C SER A 98 -17.25 8.22 10.49
N GLY A 99 -18.02 7.55 11.33
CA GLY A 99 -19.44 7.42 11.07
C GLY A 99 -20.28 7.75 12.30
N PRO A 100 -21.61 7.81 12.11
CA PRO A 100 -22.55 8.12 13.18
C PRO A 100 -22.64 6.98 14.21
N SER A 101 -22.16 7.25 15.42
CA SER A 101 -22.18 6.26 16.48
C SER A 101 -22.64 6.88 17.81
N SER A 102 -23.77 6.42 18.31
CA SER A 102 -24.33 6.93 19.56
C SER A 102 -23.23 7.10 20.61
N GLY A 103 -23.33 8.18 21.38
CA GLY A 103 -22.33 8.44 22.41
C GLY A 103 -22.53 7.59 23.63
N GLY A 1 12.52 15.20 -19.68
CA GLY A 1 12.96 14.37 -18.57
C GLY A 1 14.30 14.82 -18.02
N SER A 2 14.87 14.01 -17.13
CA SER A 2 16.16 14.33 -16.52
C SER A 2 17.10 13.13 -16.59
N SER A 3 16.57 11.96 -16.26
CA SER A 3 17.37 10.74 -16.27
C SER A 3 16.47 9.51 -16.19
N GLY A 4 16.69 8.56 -17.10
CA GLY A 4 15.89 7.35 -17.11
C GLY A 4 14.64 7.48 -17.96
N SER A 5 13.80 6.46 -17.94
CA SER A 5 12.55 6.47 -18.71
C SER A 5 11.35 6.36 -17.80
N SER A 6 10.21 6.87 -18.26
CA SER A 6 8.98 6.84 -17.49
C SER A 6 8.44 5.40 -17.39
N GLY A 7 8.08 4.99 -16.18
CA GLY A 7 7.56 3.65 -15.97
C GLY A 7 8.56 2.75 -15.27
N PRO A 8 8.53 2.76 -13.93
CA PRO A 8 9.43 1.94 -13.12
C PRO A 8 9.09 0.46 -13.21
N PHE A 9 9.78 -0.36 -12.41
CA PHE A 9 9.56 -1.80 -12.40
C PHE A 9 8.15 -2.13 -11.92
N ILE A 10 7.45 -1.11 -11.39
CA ILE A 10 6.09 -1.29 -10.90
C ILE A 10 5.09 -1.19 -12.04
N MET A 11 4.57 -2.33 -12.46
CA MET A 11 3.58 -2.39 -13.53
C MET A 11 2.37 -1.53 -13.19
N ASP A 12 2.21 -1.21 -11.92
CA ASP A 12 1.09 -0.40 -11.46
C ASP A 12 1.33 0.12 -10.05
N ALA A 13 1.60 1.42 -9.94
CA ALA A 13 1.84 2.05 -8.66
C ALA A 13 0.54 2.39 -7.94
N PRO A 14 0.55 2.31 -6.61
CA PRO A 14 -0.63 2.60 -5.79
C PRO A 14 -0.98 4.08 -5.79
N ARG A 15 -2.29 4.38 -5.73
CA ARG A 15 -2.75 5.77 -5.73
C ARG A 15 -3.62 6.04 -4.51
N ASP A 16 -3.71 7.32 -4.13
CA ASP A 16 -4.51 7.71 -2.98
C ASP A 16 -5.93 7.14 -3.07
N LEU A 17 -6.50 6.84 -1.92
CA LEU A 17 -7.85 6.29 -1.87
C LEU A 17 -8.66 6.90 -0.72
N ASN A 18 -9.87 7.35 -1.04
CA ASN A 18 -10.74 7.96 -0.04
C ASN A 18 -11.80 6.97 0.45
N ILE A 19 -11.64 6.50 1.68
CA ILE A 19 -12.57 5.55 2.26
C ILE A 19 -12.98 5.98 3.68
N SER A 20 -14.06 5.38 4.18
CA SER A 20 -14.54 5.70 5.51
C SER A 20 -13.96 4.75 6.55
N GLU A 21 -14.02 5.15 7.82
CA GLU A 21 -13.49 4.33 8.91
C GLU A 21 -14.36 3.09 9.13
N GLY A 22 -13.71 1.94 9.23
CA GLY A 22 -14.43 0.69 9.44
C GLY A 22 -14.83 0.02 8.14
N ARG A 23 -14.22 0.46 7.04
CA ARG A 23 -14.51 -0.10 5.73
C ARG A 23 -13.30 -0.86 5.18
N MET A 24 -13.52 -1.60 4.09
CA MET A 24 -12.45 -2.37 3.47
C MET A 24 -11.71 -1.53 2.44
N ALA A 25 -10.39 -1.46 2.59
CA ALA A 25 -9.56 -0.68 1.67
C ALA A 25 -8.47 -1.55 1.06
N GLU A 26 -8.04 -1.19 -0.14
CA GLU A 26 -7.00 -1.94 -0.84
C GLU A 26 -6.15 -1.02 -1.71
N LEU A 27 -4.84 -1.22 -1.67
CA LEU A 27 -3.92 -0.39 -2.46
C LEU A 27 -3.31 -1.21 -3.59
N LYS A 28 -3.70 -0.91 -4.83
CA LYS A 28 -3.20 -1.61 -5.99
C LYS A 28 -1.68 -1.49 -6.07
N CYS A 29 -1.01 -2.60 -6.38
CA CYS A 29 0.44 -2.62 -6.49
C CYS A 29 0.92 -3.89 -7.19
N ARG A 30 1.69 -3.72 -8.25
CA ARG A 30 2.21 -4.84 -9.02
C ARG A 30 3.73 -4.82 -9.06
N THR A 31 4.35 -5.93 -8.65
CA THR A 31 5.80 -6.03 -8.64
C THR A 31 6.27 -7.23 -9.46
N PRO A 32 7.49 -7.12 -10.01
CA PRO A 32 8.08 -8.20 -10.82
C PRO A 32 8.46 -9.41 -9.99
N PRO A 33 8.81 -10.51 -10.67
CA PRO A 33 9.21 -11.76 -10.01
C PRO A 33 10.56 -11.64 -9.32
N MET A 34 10.79 -12.50 -8.33
CA MET A 34 12.04 -12.50 -7.58
C MET A 34 12.31 -11.13 -6.99
N SER A 35 11.31 -10.56 -6.33
CA SER A 35 11.43 -9.24 -5.72
C SER A 35 10.89 -9.26 -4.29
N SER A 36 11.18 -8.18 -3.54
CA SER A 36 10.73 -8.07 -2.16
C SER A 36 9.62 -7.03 -2.04
N VAL A 37 8.46 -7.46 -1.55
CA VAL A 37 7.32 -6.57 -1.38
C VAL A 37 7.21 -6.10 0.07
N LYS A 38 7.23 -4.79 0.26
CA LYS A 38 7.12 -4.21 1.59
C LYS A 38 6.20 -2.99 1.59
N TRP A 39 5.64 -2.68 2.76
CA TRP A 39 4.74 -1.53 2.88
C TRP A 39 5.10 -0.70 4.11
N LEU A 40 5.64 0.49 3.87
CA LEU A 40 6.03 1.38 4.95
C LEU A 40 4.84 2.24 5.40
N LEU A 41 4.57 2.24 6.70
CA LEU A 41 3.48 3.02 7.25
C LEU A 41 3.92 4.44 7.58
N PRO A 42 2.97 5.39 7.55
CA PRO A 42 3.24 6.80 7.85
C PRO A 42 3.56 7.04 9.33
N ASN A 43 3.60 5.95 10.08
CA ASN A 43 3.89 6.03 11.52
C ASN A 43 5.34 5.67 11.80
N GLY A 44 6.08 5.33 10.74
CA GLY A 44 7.48 4.97 10.90
C GLY A 44 7.71 3.48 10.73
N THR A 45 6.72 2.68 11.11
CA THR A 45 6.82 1.24 11.00
C THR A 45 6.65 0.78 9.56
N VAL A 46 6.92 -0.50 9.31
CA VAL A 46 6.79 -1.06 7.96
C VAL A 46 6.47 -2.56 8.02
N LEU A 47 5.43 -2.96 7.30
CA LEU A 47 5.03 -4.36 7.26
C LEU A 47 5.47 -5.03 5.96
N SER A 48 5.33 -6.35 5.90
CA SER A 48 5.72 -7.10 4.71
C SER A 48 4.96 -8.42 4.64
N HIS A 49 5.26 -9.21 3.62
CA HIS A 49 4.61 -10.50 3.43
C HIS A 49 4.65 -11.32 4.72
N ALA A 50 5.77 -11.27 5.43
CA ALA A 50 5.92 -12.00 6.68
C ALA A 50 4.90 -11.54 7.71
N SER A 51 4.88 -10.23 7.99
CA SER A 51 3.96 -9.66 8.96
C SER A 51 2.62 -10.42 8.93
N ARG A 52 2.08 -10.67 10.11
CA ARG A 52 0.80 -11.37 10.22
C ARG A 52 -0.33 -10.40 10.54
N HIS A 53 -0.05 -9.10 10.46
CA HIS A 53 -1.03 -8.07 10.74
C HIS A 53 -2.42 -8.52 10.29
N PRO A 54 -3.41 -8.36 11.18
CA PRO A 54 -4.80 -8.75 10.89
C PRO A 54 -5.44 -7.83 9.86
N ARG A 55 -5.36 -6.52 10.09
CA ARG A 55 -5.93 -5.55 9.18
C ARG A 55 -5.12 -5.44 7.90
N ILE A 56 -3.89 -4.94 8.04
CA ILE A 56 -3.00 -4.78 6.89
C ILE A 56 -2.53 -6.13 6.37
N SER A 57 -3.17 -6.62 5.31
CA SER A 57 -2.82 -7.90 4.72
C SER A 57 -2.15 -7.70 3.37
N VAL A 58 -0.87 -8.10 3.29
CA VAL A 58 -0.12 -7.98 2.05
C VAL A 58 -0.35 -9.18 1.14
N LEU A 59 -1.35 -9.08 0.27
CA LEU A 59 -1.67 -10.16 -0.66
C LEU A 59 -0.46 -10.54 -1.50
N ASN A 60 -0.33 -11.82 -1.81
CA ASN A 60 0.79 -12.31 -2.61
C ASN A 60 1.16 -11.30 -3.70
N ASP A 61 0.27 -11.13 -4.67
CA ASP A 61 0.50 -10.20 -5.77
C ASP A 61 1.26 -8.96 -5.28
N GLY A 62 0.88 -8.46 -4.11
CA GLY A 62 1.53 -7.29 -3.56
C GLY A 62 0.57 -6.18 -3.23
N THR A 63 -0.69 -6.54 -2.98
CA THR A 63 -1.72 -5.56 -2.66
C THR A 63 -1.90 -5.43 -1.15
N LEU A 64 -2.10 -4.20 -0.69
CA LEU A 64 -2.28 -3.93 0.73
C LEU A 64 -3.75 -3.78 1.07
N ASN A 65 -4.33 -4.80 1.69
CA ASN A 65 -5.73 -4.77 2.08
C ASN A 65 -5.90 -4.36 3.53
N PHE A 66 -7.01 -3.71 3.84
CA PHE A 66 -7.29 -3.25 5.20
C PHE A 66 -8.66 -3.72 5.66
N SER A 67 -8.71 -4.89 6.29
CA SER A 67 -9.96 -5.45 6.77
C SER A 67 -10.90 -4.35 7.25
N HIS A 68 -10.33 -3.32 7.88
CA HIS A 68 -11.12 -2.20 8.39
C HIS A 68 -10.21 -1.06 8.81
N VAL A 69 -10.25 0.03 8.05
CA VAL A 69 -9.43 1.20 8.34
C VAL A 69 -9.92 1.92 9.59
N LEU A 70 -9.19 2.94 10.01
CA LEU A 70 -9.56 3.72 11.19
C LEU A 70 -9.12 5.17 11.06
N LEU A 71 -9.73 6.05 11.83
CA LEU A 71 -9.39 7.47 11.80
C LEU A 71 -7.94 7.70 12.22
N SER A 72 -7.32 6.66 12.76
CA SER A 72 -5.94 6.74 13.21
C SER A 72 -5.00 6.15 12.15
N ASP A 73 -5.57 5.64 11.08
CA ASP A 73 -4.78 5.06 9.99
C ASP A 73 -4.57 6.06 8.87
N THR A 74 -5.27 7.19 8.95
CA THR A 74 -5.16 8.23 7.94
C THR A 74 -3.72 8.71 7.80
N GLY A 75 -3.22 8.75 6.57
CA GLY A 75 -1.87 9.20 6.33
C GLY A 75 -1.38 8.86 4.93
N VAL A 76 -0.09 8.58 4.80
CA VAL A 76 0.49 8.25 3.51
C VAL A 76 1.26 6.93 3.57
N TYR A 77 0.89 6.00 2.70
CA TYR A 77 1.54 4.69 2.67
C TYR A 77 2.54 4.61 1.52
N THR A 78 3.73 4.11 1.81
CA THR A 78 4.78 3.98 0.80
C THR A 78 5.07 2.52 0.49
N CYS A 79 5.15 2.19 -0.79
CA CYS A 79 5.42 0.82 -1.22
C CYS A 79 6.87 0.68 -1.69
N MET A 80 7.56 -0.33 -1.16
CA MET A 80 8.96 -0.57 -1.52
C MET A 80 9.07 -1.79 -2.44
N VAL A 81 9.82 -1.62 -3.53
CA VAL A 81 10.01 -2.71 -4.49
C VAL A 81 11.49 -2.89 -4.82
N THR A 82 12.06 -3.99 -4.37
CA THR A 82 13.47 -4.28 -4.64
C THR A 82 13.63 -5.52 -5.51
N ASN A 83 14.18 -5.32 -6.70
CA ASN A 83 14.38 -6.41 -7.64
C ASN A 83 15.83 -6.45 -8.14
N VAL A 84 16.33 -7.64 -8.42
CA VAL A 84 17.69 -7.81 -8.90
C VAL A 84 17.98 -6.87 -10.06
N ALA A 85 16.95 -6.56 -10.84
CA ALA A 85 17.09 -5.66 -11.99
C ALA A 85 17.18 -4.20 -11.53
N GLY A 86 16.26 -3.80 -10.67
CA GLY A 86 16.26 -2.43 -10.17
C GLY A 86 15.43 -2.28 -8.91
N ASN A 87 15.17 -1.03 -8.52
CA ASN A 87 14.39 -0.75 -7.33
C ASN A 87 13.42 0.41 -7.57
N SER A 88 12.19 0.25 -7.11
CA SER A 88 11.17 1.27 -7.28
C SER A 88 10.30 1.39 -6.03
N ASN A 89 9.77 2.59 -5.79
CA ASN A 89 8.91 2.83 -4.63
C ASN A 89 7.95 3.98 -4.89
N ALA A 90 6.71 3.82 -4.47
CA ALA A 90 5.69 4.84 -4.65
C ALA A 90 4.96 5.14 -3.34
N SER A 91 4.08 6.13 -3.38
CA SER A 91 3.31 6.51 -2.19
C SER A 91 1.83 6.59 -2.51
N ALA A 92 1.02 6.82 -1.47
CA ALA A 92 -0.43 6.92 -1.64
C ALA A 92 -1.10 7.40 -0.36
N TYR A 93 -2.02 8.34 -0.50
CA TYR A 93 -2.73 8.89 0.66
C TYR A 93 -4.01 8.08 0.94
N LEU A 94 -4.43 8.10 2.20
CA LEU A 94 -5.63 7.37 2.59
C LEU A 94 -6.46 8.18 3.59
N ASN A 95 -7.58 8.73 3.11
CA ASN A 95 -8.45 9.53 3.96
C ASN A 95 -9.49 8.65 4.66
N VAL A 96 -9.58 8.79 5.98
CA VAL A 96 -10.53 8.01 6.77
C VAL A 96 -11.49 8.92 7.52
N SER A 97 -12.77 8.83 7.17
CA SER A 97 -13.80 9.65 7.82
C SER A 97 -14.69 8.79 8.69
N SER A 98 -15.06 9.33 9.85
CA SER A 98 -15.92 8.62 10.79
C SER A 98 -17.16 8.07 10.09
N GLY A 99 -17.54 6.84 10.44
CA GLY A 99 -18.70 6.22 9.83
C GLY A 99 -19.99 6.87 10.26
N PRO A 100 -21.04 6.72 9.42
CA PRO A 100 -22.36 7.29 9.71
C PRO A 100 -23.06 6.61 10.87
N SER A 101 -22.50 5.48 11.30
CA SER A 101 -23.08 4.72 12.40
C SER A 101 -23.14 5.57 13.67
N SER A 102 -24.04 5.20 14.58
CA SER A 102 -24.20 5.93 15.83
C SER A 102 -24.22 4.97 17.02
N GLY A 103 -24.29 5.53 18.22
CA GLY A 103 -24.30 4.72 19.43
C GLY A 103 -22.95 4.12 19.75
N GLY A 1 21.97 9.29 -13.27
CA GLY A 1 21.23 9.60 -14.48
C GLY A 1 19.84 8.98 -14.48
N SER A 2 19.57 8.13 -15.45
CA SER A 2 18.28 7.47 -15.57
C SER A 2 18.44 5.96 -15.73
N SER A 3 17.65 5.21 -14.97
CA SER A 3 17.71 3.75 -15.03
C SER A 3 16.37 3.17 -15.47
N GLY A 4 15.46 4.05 -15.88
CA GLY A 4 14.15 3.60 -16.32
C GLY A 4 13.70 4.28 -17.59
N SER A 5 13.71 3.55 -18.70
CA SER A 5 13.31 4.08 -19.99
C SER A 5 12.00 4.85 -19.88
N SER A 6 10.95 4.15 -19.44
CA SER A 6 9.63 4.76 -19.28
C SER A 6 9.23 4.82 -17.82
N GLY A 7 9.19 3.66 -17.17
CA GLY A 7 8.81 3.61 -15.76
C GLY A 7 9.62 2.59 -14.99
N PRO A 8 9.46 2.59 -13.66
CA PRO A 8 10.18 1.67 -12.77
C PRO A 8 9.72 0.23 -12.93
N PHE A 9 10.09 -0.63 -11.99
CA PHE A 9 9.73 -2.03 -12.03
C PHE A 9 8.33 -2.24 -11.44
N ILE A 10 7.57 -1.15 -11.34
CA ILE A 10 6.22 -1.22 -10.80
C ILE A 10 5.18 -1.14 -11.91
N MET A 11 4.71 -2.30 -12.36
CA MET A 11 3.71 -2.37 -13.42
C MET A 11 2.58 -1.37 -13.16
N ASP A 12 2.12 -1.31 -11.92
CA ASP A 12 1.05 -0.40 -11.53
C ASP A 12 1.29 0.18 -10.14
N ALA A 13 1.39 1.50 -10.06
CA ALA A 13 1.62 2.18 -8.80
C ALA A 13 0.31 2.60 -8.15
N PRO A 14 0.25 2.51 -6.81
CA PRO A 14 -0.94 2.87 -6.04
C PRO A 14 -1.21 4.37 -6.06
N ARG A 15 -2.44 4.76 -5.76
CA ARG A 15 -2.83 6.16 -5.75
C ARG A 15 -3.71 6.47 -4.54
N ASP A 16 -3.81 7.75 -4.20
CA ASP A 16 -4.63 8.17 -3.06
C ASP A 16 -5.99 7.49 -3.08
N LEU A 17 -6.49 7.13 -1.90
CA LEU A 17 -7.79 6.47 -1.79
C LEU A 17 -8.58 7.02 -0.61
N ASN A 18 -9.86 7.26 -0.82
CA ASN A 18 -10.74 7.77 0.23
C ASN A 18 -11.80 6.75 0.62
N ILE A 19 -11.66 6.17 1.80
CA ILE A 19 -12.61 5.18 2.28
C ILE A 19 -13.10 5.52 3.68
N SER A 20 -14.30 5.05 4.01
CA SER A 20 -14.89 5.32 5.32
C SER A 20 -14.20 4.49 6.40
N GLU A 21 -14.41 4.86 7.65
CA GLU A 21 -13.81 4.16 8.78
C GLU A 21 -14.54 2.84 9.05
N GLY A 22 -13.77 1.77 9.24
CA GLY A 22 -14.36 0.48 9.49
C GLY A 22 -14.81 -0.22 8.23
N ARG A 23 -14.12 0.07 7.12
CA ARG A 23 -14.46 -0.53 5.84
C ARG A 23 -13.25 -1.24 5.23
N MET A 24 -13.50 -2.05 4.21
CA MET A 24 -12.43 -2.79 3.54
C MET A 24 -11.77 -1.94 2.47
N ALA A 25 -10.47 -1.70 2.60
CA ALA A 25 -9.72 -0.90 1.64
C ALA A 25 -8.60 -1.72 1.01
N GLU A 26 -8.05 -1.21 -0.09
CA GLU A 26 -6.97 -1.89 -0.79
C GLU A 26 -6.12 -0.89 -1.59
N LEU A 27 -4.83 -1.13 -1.65
CA LEU A 27 -3.91 -0.27 -2.39
C LEU A 27 -3.43 -0.93 -3.67
N LYS A 28 -3.76 -0.32 -4.80
CA LYS A 28 -3.36 -0.86 -6.10
C LYS A 28 -1.84 -0.90 -6.23
N CYS A 29 -1.28 -2.10 -6.31
CA CYS A 29 0.16 -2.27 -6.44
C CYS A 29 0.49 -3.58 -7.15
N ARG A 30 1.32 -3.50 -8.19
CA ARG A 30 1.71 -4.68 -8.95
C ARG A 30 3.22 -4.73 -9.12
N THR A 31 3.83 -5.83 -8.67
CA THR A 31 5.27 -6.00 -8.78
C THR A 31 5.61 -7.32 -9.46
N PRO A 32 6.78 -7.36 -10.13
CA PRO A 32 7.25 -8.54 -10.84
C PRO A 32 7.66 -9.66 -9.89
N PRO A 33 7.87 -10.86 -10.44
CA PRO A 33 8.26 -12.04 -9.66
C PRO A 33 9.70 -11.92 -9.14
N MET A 34 9.94 -12.55 -7.98
CA MET A 34 11.27 -12.51 -7.37
C MET A 34 11.63 -11.10 -6.91
N SER A 35 10.61 -10.36 -6.45
CA SER A 35 10.82 -9.01 -5.99
C SER A 35 10.29 -8.82 -4.57
N SER A 36 11.05 -8.12 -3.74
CA SER A 36 10.65 -7.88 -2.35
C SER A 36 9.69 -6.70 -2.26
N VAL A 37 8.45 -6.99 -1.88
CA VAL A 37 7.43 -5.95 -1.74
C VAL A 37 7.11 -5.69 -0.28
N LYS A 38 7.09 -4.42 0.10
CA LYS A 38 6.79 -4.03 1.47
C LYS A 38 5.91 -2.80 1.51
N TRP A 39 5.55 -2.36 2.72
CA TRP A 39 4.70 -1.18 2.88
C TRP A 39 5.03 -0.46 4.18
N LEU A 40 5.50 0.78 4.06
CA LEU A 40 5.86 1.57 5.22
C LEU A 40 4.67 2.42 5.68
N LEU A 41 4.33 2.32 6.96
CA LEU A 41 3.22 3.07 7.52
C LEU A 41 3.68 4.45 8.00
N PRO A 42 2.77 5.42 7.95
CA PRO A 42 3.06 6.80 8.37
C PRO A 42 3.26 6.92 9.88
N ASN A 43 3.17 5.79 10.57
CA ASN A 43 3.34 5.76 12.03
C ASN A 43 4.78 5.43 12.40
N GLY A 44 5.55 5.01 11.40
CA GLY A 44 6.95 4.66 11.64
C GLY A 44 7.17 3.16 11.70
N THR A 45 6.73 2.46 10.66
CA THR A 45 6.88 1.01 10.60
C THR A 45 6.76 0.51 9.16
N VAL A 46 7.03 -0.77 8.97
CA VAL A 46 6.94 -1.38 7.65
C VAL A 46 6.49 -2.84 7.73
N LEU A 47 5.51 -3.19 6.91
CA LEU A 47 4.98 -4.55 6.90
C LEU A 47 5.28 -5.24 5.56
N SER A 48 5.33 -6.56 5.58
CA SER A 48 5.61 -7.33 4.37
C SER A 48 4.87 -8.66 4.39
N HIS A 49 5.06 -9.46 3.36
CA HIS A 49 4.41 -10.77 3.25
C HIS A 49 4.72 -11.62 4.48
N ALA A 50 5.83 -11.32 5.15
CA ALA A 50 6.23 -12.06 6.34
C ALA A 50 5.38 -11.67 7.54
N SER A 51 5.17 -10.36 7.72
CA SER A 51 4.37 -9.86 8.83
C SER A 51 3.07 -10.64 8.96
N ARG A 52 2.41 -10.48 10.10
CA ARG A 52 1.15 -11.17 10.36
C ARG A 52 0.05 -10.17 10.72
N HIS A 53 0.38 -8.88 10.65
CA HIS A 53 -0.58 -7.83 10.97
C HIS A 53 -1.98 -8.22 10.51
N PRO A 54 -2.99 -7.92 11.34
CA PRO A 54 -4.39 -8.23 11.03
C PRO A 54 -4.95 -7.37 9.90
N ARG A 55 -5.52 -6.22 10.26
CA ARG A 55 -6.09 -5.31 9.28
C ARG A 55 -5.19 -5.22 8.05
N ILE A 56 -3.97 -4.71 8.25
CA ILE A 56 -3.02 -4.57 7.15
C ILE A 56 -2.46 -5.93 6.73
N SER A 57 -2.68 -6.28 5.47
CA SER A 57 -2.20 -7.56 4.95
C SER A 57 -1.63 -7.38 3.54
N VAL A 58 -0.37 -7.75 3.36
CA VAL A 58 0.28 -7.64 2.06
C VAL A 58 0.07 -8.90 1.22
N LEU A 59 -0.84 -8.81 0.26
CA LEU A 59 -1.14 -9.95 -0.61
C LEU A 59 0.08 -10.32 -1.46
N ASN A 60 0.15 -11.59 -1.86
CA ASN A 60 1.25 -12.07 -2.67
C ASN A 60 1.55 -11.10 -3.82
N ASP A 61 0.53 -10.84 -4.63
CA ASP A 61 0.68 -9.93 -5.77
C ASP A 61 1.39 -8.66 -5.35
N GLY A 62 1.07 -8.18 -4.16
CA GLY A 62 1.69 -6.95 -3.66
C GLY A 62 0.67 -5.89 -3.31
N THR A 63 -0.57 -6.31 -3.09
CA THR A 63 -1.65 -5.39 -2.75
C THR A 63 -1.85 -5.32 -1.24
N LEU A 64 -1.97 -4.10 -0.72
CA LEU A 64 -2.17 -3.90 0.71
C LEU A 64 -3.66 -3.78 1.04
N ASN A 65 -4.21 -4.81 1.67
CA ASN A 65 -5.62 -4.81 2.05
C ASN A 65 -5.81 -4.39 3.50
N PHE A 66 -6.93 -3.76 3.80
CA PHE A 66 -7.23 -3.31 5.15
C PHE A 66 -8.61 -3.77 5.59
N SER A 67 -8.65 -4.86 6.34
CA SER A 67 -9.90 -5.42 6.82
C SER A 67 -10.84 -4.31 7.31
N HIS A 68 -10.26 -3.32 7.98
CA HIS A 68 -11.05 -2.20 8.49
C HIS A 68 -10.14 -1.04 8.91
N VAL A 69 -10.12 0.01 8.10
CA VAL A 69 -9.29 1.18 8.37
C VAL A 69 -9.87 2.00 9.52
N LEU A 70 -9.11 2.99 9.98
CA LEU A 70 -9.54 3.84 11.08
C LEU A 70 -9.04 5.28 10.88
N LEU A 71 -9.65 6.22 11.59
CA LEU A 71 -9.27 7.62 11.49
C LEU A 71 -7.81 7.81 11.91
N SER A 72 -7.26 6.82 12.61
CA SER A 72 -5.89 6.88 13.07
C SER A 72 -4.93 6.28 12.04
N ASP A 73 -5.51 5.73 10.97
CA ASP A 73 -4.72 5.12 9.91
C ASP A 73 -4.49 6.10 8.76
N THR A 74 -5.18 7.24 8.82
CA THR A 74 -5.07 8.25 7.78
C THR A 74 -3.64 8.77 7.67
N GLY A 75 -3.12 8.78 6.45
CA GLY A 75 -1.76 9.26 6.23
C GLY A 75 -1.25 8.93 4.84
N VAL A 76 0.01 8.51 4.77
CA VAL A 76 0.63 8.16 3.49
C VAL A 76 1.36 6.83 3.59
N TYR A 77 1.05 5.92 2.67
CA TYR A 77 1.69 4.60 2.65
C TYR A 77 2.68 4.50 1.50
N THR A 78 3.91 4.07 1.82
CA THR A 78 4.95 3.92 0.82
C THR A 78 5.18 2.45 0.47
N CYS A 79 5.18 2.15 -0.83
CA CYS A 79 5.39 0.79 -1.29
C CYS A 79 6.81 0.60 -1.81
N MET A 80 7.61 -0.15 -1.07
CA MET A 80 8.99 -0.41 -1.46
C MET A 80 9.09 -1.61 -2.40
N VAL A 81 9.97 -1.50 -3.38
CA VAL A 81 10.15 -2.58 -4.36
C VAL A 81 11.63 -2.83 -4.63
N THR A 82 12.11 -4.01 -4.26
CA THR A 82 13.50 -4.37 -4.46
C THR A 82 13.63 -5.62 -5.33
N ASN A 83 14.35 -5.49 -6.44
CA ASN A 83 14.55 -6.61 -7.36
C ASN A 83 16.01 -6.75 -7.73
N VAL A 84 16.40 -7.94 -8.19
CA VAL A 84 17.78 -8.21 -8.59
C VAL A 84 18.14 -7.43 -9.84
N ALA A 85 17.14 -6.88 -10.51
CA ALA A 85 17.36 -6.11 -11.73
C ALA A 85 17.36 -4.61 -11.44
N GLY A 86 16.37 -4.15 -10.69
CA GLY A 86 16.29 -2.74 -10.35
C GLY A 86 15.44 -2.49 -9.12
N ASN A 87 15.38 -1.23 -8.69
CA ASN A 87 14.61 -0.86 -7.52
C ASN A 87 13.60 0.24 -7.85
N SER A 88 12.56 0.35 -7.03
CA SER A 88 11.52 1.35 -7.23
C SER A 88 10.63 1.47 -6.01
N ASN A 89 9.87 2.56 -5.94
CA ASN A 89 8.96 2.79 -4.82
C ASN A 89 7.79 3.68 -5.24
N ALA A 90 6.71 3.61 -4.48
CA ALA A 90 5.52 4.41 -4.77
C ALA A 90 4.87 4.93 -3.48
N SER A 91 4.02 5.93 -3.62
CA SER A 91 3.34 6.52 -2.47
C SER A 91 1.84 6.60 -2.71
N ALA A 92 1.07 6.75 -1.63
CA ALA A 92 -0.37 6.85 -1.73
C ALA A 92 -0.98 7.32 -0.41
N TYR A 93 -1.88 8.29 -0.49
CA TYR A 93 -2.53 8.83 0.70
C TYR A 93 -3.89 8.18 0.92
N LEU A 94 -4.17 7.82 2.17
CA LEU A 94 -5.44 7.19 2.51
C LEU A 94 -6.29 8.12 3.38
N ASN A 95 -7.53 8.33 2.96
CA ASN A 95 -8.46 9.19 3.70
C ASN A 95 -9.51 8.37 4.44
N VAL A 96 -9.56 8.54 5.75
CA VAL A 96 -10.52 7.80 6.57
C VAL A 96 -11.48 8.76 7.29
N SER A 97 -12.77 8.48 7.17
CA SER A 97 -13.79 9.31 7.82
C SER A 97 -14.66 8.50 8.75
N SER A 98 -15.32 9.18 9.69
CA SER A 98 -16.19 8.51 10.65
C SER A 98 -17.61 8.38 10.10
N GLY A 99 -18.19 7.19 10.25
CA GLY A 99 -19.54 6.96 9.76
C GLY A 99 -20.59 7.35 10.79
N PRO A 100 -21.80 7.66 10.30
CA PRO A 100 -22.92 8.05 11.16
C PRO A 100 -23.44 6.90 12.00
N SER A 101 -23.23 5.68 11.51
CA SER A 101 -23.69 4.49 12.22
C SER A 101 -23.01 3.23 11.68
N SER A 102 -22.48 2.42 12.58
CA SER A 102 -21.80 1.19 12.19
C SER A 102 -20.77 1.46 11.09
N GLY A 103 -20.17 2.65 11.14
CA GLY A 103 -19.18 3.01 10.14
C GLY A 103 -18.14 3.98 10.68
N GLY A 1 23.77 4.22 -19.37
CA GLY A 1 22.81 5.30 -19.22
C GLY A 1 22.58 5.68 -17.78
N SER A 2 22.82 6.96 -17.46
CA SER A 2 22.65 7.45 -16.10
C SER A 2 21.51 8.46 -16.04
N SER A 3 21.34 9.23 -17.10
CA SER A 3 20.30 10.24 -17.17
C SER A 3 18.95 9.61 -17.48
N GLY A 4 17.87 10.30 -17.11
CA GLY A 4 16.53 9.79 -17.36
C GLY A 4 15.75 9.58 -16.08
N SER A 5 15.94 8.44 -15.44
CA SER A 5 15.24 8.12 -14.21
C SER A 5 13.73 8.12 -14.43
N SER A 6 13.30 7.47 -15.50
CA SER A 6 11.88 7.39 -15.83
C SER A 6 11.49 5.97 -16.23
N GLY A 7 10.77 5.29 -15.34
CA GLY A 7 10.35 3.93 -15.62
C GLY A 7 10.82 2.95 -14.57
N PRO A 8 10.21 3.02 -13.38
CA PRO A 8 10.57 2.13 -12.26
C PRO A 8 10.14 0.68 -12.51
N PHE A 9 10.28 -0.15 -11.49
CA PHE A 9 9.91 -1.56 -11.59
C PHE A 9 8.54 -1.81 -10.97
N ILE A 10 7.61 -0.90 -11.23
CA ILE A 10 6.25 -1.02 -10.70
C ILE A 10 5.21 -0.95 -11.82
N MET A 11 4.69 -2.11 -12.20
CA MET A 11 3.68 -2.18 -13.25
C MET A 11 2.57 -1.18 -13.01
N ASP A 12 2.00 -1.22 -11.81
CA ASP A 12 0.91 -0.30 -11.45
C ASP A 12 1.15 0.30 -10.06
N ALA A 13 1.33 1.62 -10.02
CA ALA A 13 1.56 2.32 -8.77
C ALA A 13 0.25 2.72 -8.11
N PRO A 14 0.22 2.68 -6.77
CA PRO A 14 -0.97 3.04 -5.99
C PRO A 14 -1.28 4.53 -6.05
N ARG A 15 -2.54 4.88 -5.81
CA ARG A 15 -2.96 6.28 -5.85
C ARG A 15 -3.88 6.60 -4.66
N ASP A 16 -3.80 7.82 -4.18
CA ASP A 16 -4.63 8.25 -3.05
C ASP A 16 -6.01 7.60 -3.11
N LEU A 17 -6.43 7.01 -1.99
CA LEU A 17 -7.73 6.35 -1.92
C LEU A 17 -8.55 6.90 -0.76
N ASN A 18 -9.81 7.23 -1.04
CA ASN A 18 -10.70 7.76 -0.01
C ASN A 18 -11.76 6.73 0.37
N ILE A 19 -11.67 6.23 1.60
CA ILE A 19 -12.62 5.25 2.10
C ILE A 19 -13.13 5.62 3.49
N SER A 20 -14.34 5.17 3.80
CA SER A 20 -14.95 5.47 5.10
C SER A 20 -14.31 4.63 6.20
N GLU A 21 -14.49 5.05 7.44
CA GLU A 21 -13.93 4.35 8.59
C GLU A 21 -14.68 3.03 8.84
N GLY A 22 -13.97 2.04 9.35
CA GLY A 22 -14.58 0.75 9.63
C GLY A 22 -15.02 0.04 8.37
N ARG A 23 -14.18 0.08 7.34
CA ARG A 23 -14.49 -0.57 6.07
C ARG A 23 -13.25 -1.22 5.47
N MET A 24 -13.46 -2.09 4.49
CA MET A 24 -12.35 -2.77 3.83
C MET A 24 -11.71 -1.89 2.78
N ALA A 25 -10.39 -1.75 2.85
CA ALA A 25 -9.64 -0.92 1.90
C ALA A 25 -8.55 -1.73 1.22
N GLU A 26 -8.05 -1.21 0.10
CA GLU A 26 -7.00 -1.89 -0.65
C GLU A 26 -6.18 -0.89 -1.46
N LEU A 27 -4.91 -1.18 -1.65
CA LEU A 27 -4.02 -0.32 -2.42
C LEU A 27 -3.55 -1.00 -3.71
N LYS A 28 -3.89 -0.39 -4.84
CA LYS A 28 -3.51 -0.93 -6.14
C LYS A 28 -1.99 -0.93 -6.31
N CYS A 29 -1.41 -2.12 -6.34
CA CYS A 29 0.03 -2.25 -6.50
C CYS A 29 0.39 -3.61 -7.10
N ARG A 30 1.15 -3.60 -8.19
CA ARG A 30 1.56 -4.82 -8.85
C ARG A 30 3.08 -4.89 -9.00
N THR A 31 3.66 -5.99 -8.53
CA THR A 31 5.11 -6.16 -8.61
C THR A 31 5.47 -7.43 -9.39
N PRO A 32 6.62 -7.40 -10.07
CA PRO A 32 7.10 -8.53 -10.87
C PRO A 32 7.53 -9.71 -10.01
N PRO A 33 7.79 -10.86 -10.65
CA PRO A 33 8.22 -12.07 -9.96
C PRO A 33 9.64 -11.95 -9.40
N MET A 34 9.88 -12.63 -8.28
CA MET A 34 11.20 -12.61 -7.65
C MET A 34 11.53 -11.21 -7.14
N SER A 35 10.50 -10.51 -6.64
CA SER A 35 10.68 -9.17 -6.11
C SER A 35 10.24 -9.08 -4.66
N SER A 36 10.79 -8.11 -3.93
CA SER A 36 10.46 -7.92 -2.52
C SER A 36 9.31 -6.94 -2.37
N VAL A 37 8.30 -7.32 -1.59
CA VAL A 37 7.14 -6.47 -1.36
C VAL A 37 7.09 -5.99 0.09
N LYS A 38 6.99 -4.68 0.28
CA LYS A 38 6.92 -4.10 1.61
C LYS A 38 6.08 -2.83 1.61
N TRP A 39 5.57 -2.45 2.78
CA TRP A 39 4.76 -1.25 2.91
C TRP A 39 5.10 -0.50 4.19
N LEU A 40 5.48 0.77 4.04
CA LEU A 40 5.83 1.59 5.18
C LEU A 40 4.65 2.45 5.63
N LEU A 41 4.44 2.53 6.94
CA LEU A 41 3.34 3.30 7.49
C LEU A 41 3.80 4.72 7.82
N PRO A 42 2.85 5.68 7.76
CA PRO A 42 3.13 7.08 8.05
C PRO A 42 3.43 7.33 9.53
N ASN A 43 3.45 6.25 10.31
CA ASN A 43 3.73 6.35 11.73
C ASN A 43 5.20 6.09 12.02
N GLY A 44 5.79 5.15 11.28
CA GLY A 44 7.19 4.83 11.47
C GLY A 44 7.44 3.34 11.56
N THR A 45 6.90 2.60 10.60
CA THR A 45 7.06 1.14 10.58
C THR A 45 6.89 0.60 9.17
N VAL A 46 7.19 -0.68 9.00
CA VAL A 46 7.06 -1.33 7.69
C VAL A 46 6.69 -2.80 7.84
N LEU A 47 5.80 -3.27 6.97
CA LEU A 47 5.37 -4.66 7.01
C LEU A 47 5.84 -5.42 5.77
N SER A 48 5.82 -6.74 5.85
CA SER A 48 6.26 -7.58 4.75
C SER A 48 5.60 -8.95 4.81
N HIS A 49 5.74 -9.72 3.72
CA HIS A 49 5.16 -11.05 3.66
C HIS A 49 5.28 -11.77 4.99
N ALA A 50 6.40 -11.56 5.68
CA ALA A 50 6.64 -12.19 6.96
C ALA A 50 5.63 -11.72 8.00
N SER A 51 5.49 -10.41 8.12
CA SER A 51 4.56 -9.82 9.08
C SER A 51 3.26 -10.62 9.13
N ARG A 52 2.50 -10.45 10.21
CA ARG A 52 1.24 -11.15 10.39
C ARG A 52 0.11 -10.18 10.74
N HIS A 53 0.29 -8.92 10.35
CA HIS A 53 -0.70 -7.89 10.63
C HIS A 53 -2.09 -8.35 10.19
N PRO A 54 -3.08 -8.18 11.08
CA PRO A 54 -4.47 -8.57 10.81
C PRO A 54 -5.13 -7.68 9.76
N ARG A 55 -5.05 -6.36 9.98
CA ARG A 55 -5.64 -5.40 9.05
C ARG A 55 -4.82 -5.31 7.77
N ILE A 56 -3.60 -4.79 7.89
CA ILE A 56 -2.72 -4.64 6.73
C ILE A 56 -2.24 -6.01 6.24
N SER A 57 -2.88 -6.50 5.18
CA SER A 57 -2.51 -7.80 4.62
C SER A 57 -1.83 -7.62 3.26
N VAL A 58 -0.63 -8.16 3.14
CA VAL A 58 0.13 -8.07 1.89
C VAL A 58 -0.13 -9.27 1.00
N LEU A 59 -0.89 -9.06 -0.08
CA LEU A 59 -1.21 -10.12 -1.01
C LEU A 59 0.00 -10.47 -1.89
N ASN A 60 0.22 -11.75 -2.10
CA ASN A 60 1.33 -12.22 -2.92
C ASN A 60 1.55 -11.29 -4.11
N ASP A 61 0.48 -11.05 -4.86
CA ASP A 61 0.56 -10.18 -6.03
C ASP A 61 1.29 -8.89 -5.71
N GLY A 62 0.99 -8.31 -4.56
CA GLY A 62 1.63 -7.08 -4.14
C GLY A 62 0.64 -5.98 -3.82
N THR A 63 -0.48 -6.37 -3.20
CA THR A 63 -1.51 -5.40 -2.83
C THR A 63 -1.69 -5.34 -1.32
N LEU A 64 -1.89 -4.14 -0.80
CA LEU A 64 -2.09 -3.94 0.63
C LEU A 64 -3.57 -3.87 0.97
N ASN A 65 -4.07 -4.91 1.65
CA ASN A 65 -5.47 -4.95 2.04
C ASN A 65 -5.64 -4.51 3.49
N PHE A 66 -6.80 -3.93 3.79
CA PHE A 66 -7.10 -3.47 5.14
C PHE A 66 -8.46 -3.96 5.61
N SER A 67 -8.47 -4.76 6.68
CA SER A 67 -9.71 -5.30 7.22
C SER A 67 -10.68 -4.19 7.57
N HIS A 68 -10.19 -3.18 8.30
CA HIS A 68 -11.01 -2.06 8.70
C HIS A 68 -10.16 -0.82 8.97
N VAL A 69 -10.22 0.14 8.05
CA VAL A 69 -9.45 1.37 8.18
C VAL A 69 -10.01 2.26 9.30
N LEU A 70 -9.12 2.86 10.07
CA LEU A 70 -9.52 3.73 11.18
C LEU A 70 -9.07 5.16 10.93
N LEU A 71 -9.70 6.10 11.63
CA LEU A 71 -9.37 7.52 11.48
C LEU A 71 -7.87 7.74 11.69
N SER A 72 -7.29 6.97 12.60
CA SER A 72 -5.86 7.09 12.90
C SER A 72 -5.02 6.57 11.73
N ASP A 73 -5.55 5.58 11.02
CA ASP A 73 -4.84 4.99 9.88
C ASP A 73 -4.63 6.03 8.78
N THR A 74 -5.44 7.08 8.81
CA THR A 74 -5.35 8.15 7.82
C THR A 74 -3.92 8.68 7.71
N GLY A 75 -3.39 8.71 6.49
CA GLY A 75 -2.04 9.19 6.28
C GLY A 75 -1.52 8.87 4.90
N VAL A 76 -0.25 8.45 4.83
CA VAL A 76 0.37 8.10 3.57
C VAL A 76 1.13 6.78 3.66
N TYR A 77 0.91 5.91 2.69
CA TYR A 77 1.58 4.61 2.67
C TYR A 77 2.59 4.54 1.52
N THR A 78 3.82 4.15 1.87
CA THR A 78 4.88 4.04 0.87
C THR A 78 5.25 2.58 0.61
N CYS A 79 5.00 2.12 -0.61
CA CYS A 79 5.29 0.74 -0.98
C CYS A 79 6.71 0.62 -1.54
N MET A 80 7.44 -0.38 -1.05
CA MET A 80 8.81 -0.60 -1.49
C MET A 80 8.89 -1.80 -2.44
N VAL A 81 9.76 -1.71 -3.44
CA VAL A 81 9.93 -2.77 -4.41
C VAL A 81 11.41 -3.00 -4.72
N THR A 82 11.88 -4.22 -4.47
CA THR A 82 13.28 -4.57 -4.72
C THR A 82 13.39 -5.76 -5.66
N ASN A 83 14.20 -5.63 -6.69
CA ASN A 83 14.39 -6.71 -7.66
C ASN A 83 15.87 -6.89 -7.98
N VAL A 84 16.18 -7.96 -8.71
CA VAL A 84 17.57 -8.24 -9.09
C VAL A 84 18.10 -7.18 -10.04
N ALA A 85 17.25 -6.68 -10.91
CA ALA A 85 17.63 -5.66 -11.87
C ALA A 85 17.65 -4.28 -11.22
N GLY A 86 16.59 -3.95 -10.51
CA GLY A 86 16.50 -2.66 -9.85
C GLY A 86 15.44 -2.63 -8.76
N ASN A 87 15.25 -1.46 -8.16
CA ASN A 87 14.26 -1.30 -7.10
C ASN A 87 13.53 0.03 -7.23
N SER A 88 12.29 0.07 -6.76
CA SER A 88 11.48 1.28 -6.82
C SER A 88 10.48 1.33 -5.67
N ASN A 89 9.72 2.42 -5.61
CA ASN A 89 8.72 2.59 -4.55
C ASN A 89 7.64 3.57 -4.98
N ALA A 90 6.51 3.56 -4.27
CA ALA A 90 5.41 4.45 -4.58
C ALA A 90 4.80 5.02 -3.30
N SER A 91 3.85 5.95 -3.46
CA SER A 91 3.19 6.58 -2.32
C SER A 91 1.70 6.73 -2.59
N ALA A 92 0.93 6.90 -1.51
CA ALA A 92 -0.52 7.07 -1.62
C ALA A 92 -1.13 7.47 -0.29
N TYR A 93 -1.92 8.54 -0.31
CA TYR A 93 -2.57 9.03 0.90
C TYR A 93 -3.94 8.38 1.09
N LEU A 94 -4.15 7.82 2.28
CA LEU A 94 -5.42 7.17 2.60
C LEU A 94 -6.27 8.03 3.52
N ASN A 95 -7.46 8.40 3.06
CA ASN A 95 -8.36 9.24 3.85
C ASN A 95 -9.46 8.38 4.48
N VAL A 96 -9.61 8.52 5.79
CA VAL A 96 -10.64 7.78 6.52
C VAL A 96 -11.65 8.71 7.16
N SER A 97 -12.89 8.64 6.70
CA SER A 97 -13.96 9.48 7.22
C SER A 97 -14.75 8.75 8.31
N SER A 98 -15.24 9.50 9.29
CA SER A 98 -16.01 8.93 10.38
C SER A 98 -17.51 9.09 10.14
N GLY A 99 -18.30 8.22 10.76
CA GLY A 99 -19.74 8.29 10.60
C GLY A 99 -20.46 7.25 11.45
N PRO A 100 -21.80 7.23 11.34
CA PRO A 100 -22.64 6.29 12.09
C PRO A 100 -22.48 4.86 11.59
N SER A 101 -22.22 3.94 12.53
CA SER A 101 -22.04 2.53 12.19
C SER A 101 -22.93 1.65 13.06
N SER A 102 -23.04 0.37 12.68
CA SER A 102 -23.85 -0.57 13.42
C SER A 102 -23.03 -1.30 14.48
N GLY A 103 -21.97 -1.97 14.03
CA GLY A 103 -21.11 -2.70 14.94
C GLY A 103 -19.83 -1.96 15.25
N GLY A 1 18.07 13.36 -25.25
CA GLY A 1 17.07 12.69 -24.45
C GLY A 1 16.86 11.25 -24.86
N SER A 2 16.34 10.44 -23.95
CA SER A 2 16.09 9.03 -24.23
C SER A 2 14.62 8.68 -24.02
N SER A 3 13.80 8.91 -25.03
CA SER A 3 12.37 8.62 -24.95
C SER A 3 12.09 7.17 -25.33
N GLY A 4 11.41 6.45 -24.46
CA GLY A 4 11.08 5.07 -24.72
C GLY A 4 10.67 4.32 -23.47
N SER A 5 11.30 3.19 -23.23
CA SER A 5 10.99 2.37 -22.06
C SER A 5 11.46 3.05 -20.78
N SER A 6 10.60 3.90 -20.21
CA SER A 6 10.92 4.61 -18.99
C SER A 6 10.01 4.19 -17.85
N GLY A 7 10.33 4.64 -16.63
CA GLY A 7 9.52 4.29 -15.48
C GLY A 7 10.19 3.24 -14.61
N PRO A 8 9.82 3.22 -13.32
CA PRO A 8 10.38 2.26 -12.35
C PRO A 8 9.92 0.84 -12.62
N PHE A 9 10.34 -0.09 -11.77
CA PHE A 9 9.98 -1.49 -11.91
C PHE A 9 8.64 -1.77 -11.22
N ILE A 10 7.70 -0.85 -11.39
CA ILE A 10 6.38 -1.01 -10.78
C ILE A 10 5.29 -1.01 -11.85
N MET A 11 5.00 -2.19 -12.38
CA MET A 11 3.97 -2.34 -13.41
C MET A 11 2.81 -1.40 -13.14
N ASP A 12 2.36 -1.34 -11.88
CA ASP A 12 1.25 -0.48 -11.51
C ASP A 12 1.50 0.13 -10.13
N ALA A 13 1.48 1.47 -10.08
CA ALA A 13 1.69 2.18 -8.83
C ALA A 13 0.37 2.53 -8.16
N PRO A 14 0.38 2.56 -6.81
CA PRO A 14 -0.81 2.89 -6.03
C PRO A 14 -1.22 4.35 -6.16
N ARG A 15 -2.50 4.63 -5.90
CA ARG A 15 -3.01 5.99 -5.98
C ARG A 15 -3.88 6.32 -4.78
N ASP A 16 -3.93 7.61 -4.44
CA ASP A 16 -4.73 8.05 -3.30
C ASP A 16 -6.08 7.36 -3.28
N LEU A 17 -6.50 6.91 -2.09
CA LEU A 17 -7.77 6.23 -1.93
C LEU A 17 -8.58 6.84 -0.79
N ASN A 18 -9.87 7.02 -1.02
CA ASN A 18 -10.76 7.59 -0.01
C ASN A 18 -11.81 6.58 0.44
N ILE A 19 -11.69 6.12 1.67
CA ILE A 19 -12.63 5.15 2.22
C ILE A 19 -13.09 5.55 3.62
N SER A 20 -14.30 5.13 3.98
CA SER A 20 -14.86 5.45 5.30
C SER A 20 -14.20 4.61 6.39
N GLU A 21 -14.37 5.04 7.64
CA GLU A 21 -13.79 4.34 8.77
C GLU A 21 -14.54 3.04 9.05
N GLY A 22 -13.80 1.96 9.25
CA GLY A 22 -14.42 0.68 9.52
C GLY A 22 -14.87 -0.04 8.27
N ARG A 23 -14.08 0.06 7.20
CA ARG A 23 -14.39 -0.56 5.93
C ARG A 23 -13.16 -1.24 5.32
N MET A 24 -13.39 -2.05 4.30
CA MET A 24 -12.30 -2.76 3.63
C MET A 24 -11.67 -1.88 2.55
N ALA A 25 -10.34 -1.85 2.53
CA ALA A 25 -9.62 -1.06 1.53
C ALA A 25 -8.52 -1.88 0.87
N GLU A 26 -7.98 -1.36 -0.23
CA GLU A 26 -6.92 -2.04 -0.96
C GLU A 26 -6.08 -1.05 -1.76
N LEU A 27 -4.78 -1.33 -1.86
CA LEU A 27 -3.88 -0.45 -2.59
C LEU A 27 -3.34 -1.16 -3.83
N LYS A 28 -3.76 -0.69 -5.01
CA LYS A 28 -3.32 -1.27 -6.27
C LYS A 28 -1.79 -1.20 -6.39
N CYS A 29 -1.16 -2.37 -6.52
CA CYS A 29 0.29 -2.42 -6.65
C CYS A 29 0.71 -3.70 -7.38
N ARG A 30 1.54 -3.55 -8.41
CA ARG A 30 2.02 -4.68 -9.18
C ARG A 30 3.54 -4.70 -9.24
N THR A 31 4.13 -5.83 -8.84
CA THR A 31 5.57 -5.97 -8.85
C THR A 31 6.00 -7.18 -9.66
N PRO A 32 7.22 -7.13 -10.21
CA PRO A 32 7.78 -8.22 -11.01
C PRO A 32 8.10 -9.45 -10.19
N PRO A 33 8.41 -10.57 -10.87
CA PRO A 33 8.74 -11.83 -10.22
C PRO A 33 10.09 -11.78 -9.50
N MET A 34 10.31 -12.73 -8.59
CA MET A 34 11.56 -12.80 -7.84
C MET A 34 11.83 -11.47 -7.15
N SER A 35 10.78 -10.84 -6.63
CA SER A 35 10.92 -9.56 -5.94
C SER A 35 10.15 -9.58 -4.62
N SER A 36 10.52 -8.67 -3.72
CA SER A 36 9.88 -8.59 -2.42
C SER A 36 8.96 -7.37 -2.34
N VAL A 37 7.85 -7.52 -1.63
CA VAL A 37 6.90 -6.42 -1.48
C VAL A 37 6.79 -5.98 -0.03
N LYS A 38 7.05 -4.70 0.22
CA LYS A 38 6.98 -4.15 1.56
C LYS A 38 6.23 -2.82 1.57
N TRP A 39 5.45 -2.59 2.61
CA TRP A 39 4.67 -1.35 2.73
C TRP A 39 5.05 -0.61 4.01
N LEU A 40 5.23 0.70 3.89
CA LEU A 40 5.59 1.52 5.03
C LEU A 40 4.39 2.34 5.52
N LEU A 41 4.34 2.59 6.82
CA LEU A 41 3.25 3.35 7.42
C LEU A 41 3.70 4.76 7.78
N PRO A 42 2.75 5.71 7.77
CA PRO A 42 3.03 7.10 8.10
C PRO A 42 3.37 7.31 9.58
N ASN A 43 3.42 6.20 10.32
CA ASN A 43 3.73 6.25 11.74
C ASN A 43 5.19 5.95 11.99
N GLY A 44 5.79 5.15 11.10
CA GLY A 44 7.19 4.79 11.25
C GLY A 44 7.39 3.30 11.37
N THR A 45 6.93 2.55 10.37
CA THR A 45 7.05 1.10 10.38
C THR A 45 6.82 0.53 8.99
N VAL A 46 7.15 -0.75 8.81
CA VAL A 46 6.97 -1.42 7.53
C VAL A 46 6.56 -2.88 7.72
N LEU A 47 5.69 -3.36 6.86
CA LEU A 47 5.22 -4.74 6.93
C LEU A 47 5.70 -5.55 5.74
N SER A 48 5.56 -6.87 5.82
CA SER A 48 5.99 -7.75 4.75
C SER A 48 5.25 -9.09 4.81
N HIS A 49 5.22 -9.80 3.69
CA HIS A 49 4.55 -11.10 3.62
C HIS A 49 4.69 -11.85 4.93
N ALA A 50 5.82 -11.66 5.61
CA ALA A 50 6.09 -12.31 6.87
C ALA A 50 5.13 -11.83 7.96
N SER A 51 5.03 -10.52 8.12
CA SER A 51 4.14 -9.94 9.12
C SER A 51 2.83 -10.70 9.20
N ARG A 52 2.15 -10.58 10.33
CA ARG A 52 0.88 -11.25 10.54
C ARG A 52 -0.24 -10.26 10.82
N HIS A 53 0.09 -8.97 10.72
CA HIS A 53 -0.89 -7.91 10.96
C HIS A 53 -2.28 -8.33 10.48
N PRO A 54 -3.28 -8.18 11.37
CA PRO A 54 -4.67 -8.54 11.05
C PRO A 54 -5.29 -7.60 10.03
N ARG A 55 -5.20 -6.29 10.29
CA ARG A 55 -5.76 -5.30 9.39
C ARG A 55 -4.96 -5.22 8.09
N ILE A 56 -3.73 -4.73 8.19
CA ILE A 56 -2.86 -4.61 7.02
C ILE A 56 -2.41 -5.98 6.53
N SER A 57 -2.87 -6.35 5.34
CA SER A 57 -2.52 -7.65 4.76
C SER A 57 -1.87 -7.46 3.39
N VAL A 58 -0.65 -7.97 3.25
CA VAL A 58 0.08 -7.87 2.00
C VAL A 58 -0.31 -8.98 1.04
N LEU A 59 -1.36 -8.75 0.25
CA LEU A 59 -1.84 -9.73 -0.71
C LEU A 59 -0.67 -10.37 -1.45
N ASN A 60 -0.84 -11.64 -1.83
CA ASN A 60 0.19 -12.36 -2.55
C ASN A 60 0.86 -11.48 -3.59
N ASP A 61 0.05 -10.90 -4.48
CA ASP A 61 0.55 -10.02 -5.52
C ASP A 61 1.34 -8.86 -4.93
N GLY A 62 0.93 -8.42 -3.74
CA GLY A 62 1.60 -7.32 -3.09
C GLY A 62 0.64 -6.24 -2.63
N THR A 63 -0.61 -6.33 -3.07
CA THR A 63 -1.62 -5.36 -2.71
C THR A 63 -1.79 -5.28 -1.19
N LEU A 64 -2.00 -4.07 -0.68
CA LEU A 64 -2.18 -3.86 0.75
C LEU A 64 -3.66 -3.76 1.11
N ASN A 65 -4.21 -4.86 1.64
CA ASN A 65 -5.61 -4.91 2.03
C ASN A 65 -5.78 -4.53 3.50
N PHE A 66 -6.78 -3.70 3.79
CA PHE A 66 -7.05 -3.28 5.15
C PHE A 66 -8.39 -3.81 5.63
N SER A 67 -8.34 -4.75 6.58
CA SER A 67 -9.56 -5.36 7.12
C SER A 67 -10.54 -4.27 7.57
N HIS A 68 -10.01 -3.19 8.11
CA HIS A 68 -10.83 -2.08 8.59
C HIS A 68 -9.98 -0.87 8.94
N VAL A 69 -10.00 0.14 8.08
CA VAL A 69 -9.23 1.35 8.30
C VAL A 69 -9.74 2.12 9.51
N LEU A 70 -8.95 3.07 9.99
CA LEU A 70 -9.33 3.88 11.15
C LEU A 70 -8.84 5.32 10.98
N LEU A 71 -9.45 6.23 11.72
CA LEU A 71 -9.08 7.64 11.66
C LEU A 71 -7.60 7.82 12.01
N SER A 72 -7.05 6.88 12.76
CA SER A 72 -5.65 6.94 13.15
C SER A 72 -4.74 6.42 12.03
N ASP A 73 -5.34 5.68 11.11
CA ASP A 73 -4.59 5.12 9.98
C ASP A 73 -4.44 6.15 8.86
N THR A 74 -5.25 7.21 8.94
CA THR A 74 -5.21 8.26 7.93
C THR A 74 -3.80 8.83 7.78
N GLY A 75 -3.32 8.88 6.55
CA GLY A 75 -1.99 9.41 6.28
C GLY A 75 -1.50 9.08 4.89
N VAL A 76 -0.25 8.62 4.80
CA VAL A 76 0.35 8.27 3.51
C VAL A 76 1.10 6.94 3.60
N TYR A 77 0.85 6.06 2.64
CA TYR A 77 1.51 4.77 2.61
C TYR A 77 2.48 4.67 1.43
N THR A 78 3.71 4.27 1.72
CA THR A 78 4.74 4.14 0.68
C THR A 78 5.03 2.68 0.39
N CYS A 79 5.11 2.34 -0.90
CA CYS A 79 5.39 0.97 -1.31
C CYS A 79 6.86 0.82 -1.72
N MET A 80 7.43 -0.34 -1.41
CA MET A 80 8.82 -0.62 -1.74
C MET A 80 8.93 -1.83 -2.67
N VAL A 81 9.83 -1.73 -3.64
CA VAL A 81 10.04 -2.82 -4.60
C VAL A 81 11.52 -3.07 -4.83
N THR A 82 12.00 -4.22 -4.38
CA THR A 82 13.40 -4.58 -4.53
C THR A 82 13.57 -5.74 -5.51
N ASN A 83 14.28 -5.48 -6.61
CA ASN A 83 14.50 -6.49 -7.63
C ASN A 83 15.94 -6.45 -8.13
N VAL A 84 16.48 -7.61 -8.48
CA VAL A 84 17.85 -7.70 -8.98
C VAL A 84 18.11 -6.66 -10.05
N ALA A 85 17.15 -6.46 -10.95
CA ALA A 85 17.28 -5.49 -12.03
C ALA A 85 17.37 -4.08 -11.46
N GLY A 86 16.42 -3.71 -10.61
CA GLY A 86 16.42 -2.39 -10.03
C GLY A 86 15.39 -2.23 -8.92
N ASN A 87 15.55 -1.21 -8.10
CA ASN A 87 14.62 -0.96 -7.00
C ASN A 87 13.70 0.22 -7.32
N SER A 88 12.56 0.27 -6.63
CA SER A 88 11.60 1.35 -6.85
C SER A 88 10.64 1.45 -5.67
N ASN A 89 9.89 2.55 -5.63
CA ASN A 89 8.93 2.77 -4.55
C ASN A 89 7.77 3.65 -5.02
N ALA A 90 6.70 3.70 -4.24
CA ALA A 90 5.54 4.50 -4.58
C ALA A 90 4.92 5.11 -3.33
N SER A 91 3.94 5.99 -3.52
CA SER A 91 3.27 6.65 -2.41
C SER A 91 1.77 6.77 -2.68
N ALA A 92 1.00 6.97 -1.62
CA ALA A 92 -0.45 7.11 -1.74
C ALA A 92 -1.06 7.60 -0.43
N TYR A 93 -2.16 8.35 -0.54
CA TYR A 93 -2.84 8.88 0.63
C TYR A 93 -4.13 8.10 0.91
N LEU A 94 -4.46 7.97 2.19
CA LEU A 94 -5.68 7.25 2.59
C LEU A 94 -6.52 8.10 3.52
N ASN A 95 -7.69 8.52 3.05
CA ASN A 95 -8.59 9.34 3.85
C ASN A 95 -9.64 8.47 4.55
N VAL A 96 -9.70 8.58 5.87
CA VAL A 96 -10.65 7.81 6.65
C VAL A 96 -11.64 8.72 7.38
N SER A 97 -12.92 8.55 7.08
CA SER A 97 -13.97 9.37 7.69
C SER A 97 -14.66 8.59 8.81
N SER A 98 -15.19 9.32 9.78
CA SER A 98 -15.89 8.71 10.91
C SER A 98 -17.40 8.69 10.67
N GLY A 99 -17.79 8.64 9.39
CA GLY A 99 -19.20 8.61 9.05
C GLY A 99 -20.00 7.69 9.95
N PRO A 100 -21.32 7.89 9.99
CA PRO A 100 -22.22 7.08 10.82
C PRO A 100 -22.36 5.66 10.29
N SER A 101 -22.95 4.78 11.11
CA SER A 101 -23.13 3.38 10.74
C SER A 101 -24.57 2.94 10.98
N SER A 102 -24.87 1.69 10.62
CA SER A 102 -26.20 1.15 10.80
C SER A 102 -26.19 -0.03 11.76
N GLY A 103 -25.19 -0.90 11.59
CA GLY A 103 -25.07 -2.07 12.45
C GLY A 103 -24.63 -1.71 13.86
N GLY A 1 10.53 12.35 -10.37
CA GLY A 1 10.20 11.64 -9.16
C GLY A 1 9.75 10.22 -9.43
N SER A 2 10.44 9.53 -10.33
CA SER A 2 10.10 8.16 -10.68
C SER A 2 11.35 7.39 -11.13
N SER A 3 11.67 6.33 -10.40
CA SER A 3 12.84 5.50 -10.72
C SER A 3 12.52 4.51 -11.84
N GLY A 4 13.55 4.03 -12.50
CA GLY A 4 13.36 3.07 -13.58
C GLY A 4 12.94 3.74 -14.88
N SER A 5 13.78 3.63 -15.89
CA SER A 5 13.49 4.24 -17.19
C SER A 5 12.13 3.80 -17.70
N SER A 6 11.42 4.71 -18.35
CA SER A 6 10.10 4.42 -18.89
C SER A 6 9.22 3.74 -17.84
N GLY A 7 9.30 4.23 -16.61
CA GLY A 7 8.52 3.66 -15.53
C GLY A 7 9.30 2.66 -14.71
N PRO A 8 9.01 2.60 -13.40
CA PRO A 8 9.68 1.67 -12.49
C PRO A 8 9.28 0.22 -12.73
N PHE A 9 9.66 -0.66 -11.81
CA PHE A 9 9.35 -2.08 -11.93
C PHE A 9 7.87 -2.33 -11.64
N ILE A 10 7.32 -1.54 -10.72
CA ILE A 10 5.91 -1.68 -10.35
C ILE A 10 5.00 -1.48 -11.55
N MET A 11 4.44 -2.57 -12.06
CA MET A 11 3.55 -2.51 -13.22
C MET A 11 2.41 -1.52 -12.96
N ASP A 12 1.87 -1.55 -11.76
CA ASP A 12 0.78 -0.65 -11.39
C ASP A 12 1.07 0.06 -10.07
N ALA A 13 1.10 1.39 -10.12
CA ALA A 13 1.37 2.20 -8.94
C ALA A 13 0.08 2.56 -8.22
N PRO A 14 0.14 2.58 -6.88
CA PRO A 14 -1.01 2.92 -6.04
C PRO A 14 -1.41 4.39 -6.15
N ARG A 15 -2.67 4.69 -5.87
CA ARG A 15 -3.17 6.05 -5.94
C ARG A 15 -4.03 6.38 -4.72
N ASP A 16 -3.97 7.63 -4.29
CA ASP A 16 -4.75 8.08 -3.13
C ASP A 16 -6.14 7.44 -3.13
N LEU A 17 -6.53 6.89 -1.99
CA LEU A 17 -7.83 6.24 -1.85
C LEU A 17 -8.62 6.85 -0.70
N ASN A 18 -9.92 7.05 -0.91
CA ASN A 18 -10.78 7.62 0.12
C ASN A 18 -11.78 6.58 0.61
N ILE A 19 -11.59 6.13 1.86
CA ILE A 19 -12.47 5.13 2.45
C ILE A 19 -12.91 5.55 3.85
N SER A 20 -14.07 5.06 4.28
CA SER A 20 -14.59 5.38 5.60
C SER A 20 -14.00 4.46 6.66
N GLU A 21 -14.23 4.80 7.92
CA GLU A 21 -13.71 4.01 9.04
C GLU A 21 -14.49 2.71 9.19
N GLY A 22 -13.77 1.60 9.31
CA GLY A 22 -14.42 0.31 9.47
C GLY A 22 -14.82 -0.30 8.14
N ARG A 23 -13.99 -0.10 7.12
CA ARG A 23 -14.27 -0.62 5.79
C ARG A 23 -13.03 -1.31 5.21
N MET A 24 -13.23 -2.06 4.14
CA MET A 24 -12.12 -2.76 3.49
C MET A 24 -11.50 -1.92 2.40
N ALA A 25 -10.19 -1.71 2.48
CA ALA A 25 -9.47 -0.92 1.50
C ALA A 25 -8.37 -1.73 0.83
N GLU A 26 -7.78 -1.16 -0.21
CA GLU A 26 -6.72 -1.85 -0.95
C GLU A 26 -5.87 -0.85 -1.73
N LEU A 27 -4.57 -1.10 -1.78
CA LEU A 27 -3.64 -0.23 -2.50
C LEU A 27 -3.17 -0.87 -3.79
N LYS A 28 -3.62 -0.33 -4.92
CA LYS A 28 -3.23 -0.85 -6.23
C LYS A 28 -1.71 -0.91 -6.37
N CYS A 29 -1.17 -2.11 -6.37
CA CYS A 29 0.27 -2.30 -6.51
C CYS A 29 0.60 -3.64 -7.14
N ARG A 30 1.40 -3.63 -8.19
CA ARG A 30 1.78 -4.86 -8.88
C ARG A 30 3.30 -4.96 -9.01
N THR A 31 3.86 -6.06 -8.51
CA THR A 31 5.29 -6.28 -8.56
C THR A 31 5.63 -7.59 -9.29
N PRO A 32 6.78 -7.62 -9.96
CA PRO A 32 7.23 -8.79 -10.71
C PRO A 32 7.64 -9.95 -9.79
N PRO A 33 7.88 -11.12 -10.38
CA PRO A 33 8.27 -12.32 -9.63
C PRO A 33 9.69 -12.21 -9.07
N MET A 34 9.94 -12.90 -7.97
CA MET A 34 11.25 -12.88 -7.34
C MET A 34 11.59 -11.49 -6.83
N SER A 35 10.58 -10.80 -6.30
CA SER A 35 10.77 -9.45 -5.78
C SER A 35 10.27 -9.34 -4.35
N SER A 36 10.83 -8.40 -3.60
CA SER A 36 10.44 -8.19 -2.21
C SER A 36 9.39 -7.09 -2.09
N VAL A 37 8.24 -7.44 -1.54
CA VAL A 37 7.15 -6.48 -1.37
C VAL A 37 7.10 -5.96 0.07
N LYS A 38 7.11 -4.64 0.20
CA LYS A 38 7.07 -4.01 1.52
C LYS A 38 6.18 -2.76 1.50
N TRP A 39 5.68 -2.38 2.67
CA TRP A 39 4.82 -1.21 2.79
C TRP A 39 5.11 -0.45 4.07
N LEU A 40 5.46 0.83 3.92
CA LEU A 40 5.77 1.67 5.07
C LEU A 40 4.53 2.45 5.51
N LEU A 41 4.45 2.70 6.82
CA LEU A 41 3.32 3.44 7.37
C LEU A 41 3.73 4.86 7.76
N PRO A 42 2.76 5.78 7.75
CA PRO A 42 3.00 7.19 8.09
C PRO A 42 3.28 7.38 9.58
N ASN A 43 3.35 6.27 10.31
CA ASN A 43 3.62 6.32 11.74
C ASN A 43 5.09 6.02 12.03
N GLY A 44 5.66 5.10 11.25
CA GLY A 44 7.06 4.74 11.43
C GLY A 44 7.25 3.24 11.52
N THR A 45 6.82 2.53 10.49
CA THR A 45 6.96 1.07 10.46
C THR A 45 6.77 0.54 9.05
N VAL A 46 7.21 -0.70 8.82
CA VAL A 46 7.09 -1.33 7.52
C VAL A 46 6.75 -2.81 7.64
N LEU A 47 5.78 -3.26 6.86
CA LEU A 47 5.36 -4.65 6.88
C LEU A 47 5.76 -5.37 5.59
N SER A 48 5.55 -6.68 5.56
CA SER A 48 5.91 -7.48 4.40
C SER A 48 5.04 -8.75 4.33
N HIS A 49 5.20 -9.51 3.26
CA HIS A 49 4.44 -10.74 3.06
C HIS A 49 4.48 -11.60 4.32
N ALA A 50 5.55 -11.46 5.10
CA ALA A 50 5.71 -12.23 6.32
C ALA A 50 4.80 -11.70 7.42
N SER A 51 4.84 -10.40 7.65
CA SER A 51 4.01 -9.77 8.68
C SER A 51 2.66 -10.47 8.78
N ARG A 52 2.21 -10.69 10.01
CA ARG A 52 0.93 -11.35 10.24
C ARG A 52 -0.15 -10.33 10.58
N HIS A 53 0.10 -9.07 10.23
CA HIS A 53 -0.85 -8.00 10.50
C HIS A 53 -2.23 -8.35 9.97
N PRO A 54 -3.25 -8.19 10.82
CA PRO A 54 -4.65 -8.49 10.46
C PRO A 54 -5.20 -7.50 9.45
N ARG A 55 -5.08 -6.21 9.75
CA ARG A 55 -5.57 -5.16 8.86
C ARG A 55 -4.71 -5.06 7.61
N ILE A 56 -3.46 -4.62 7.79
CA ILE A 56 -2.53 -4.47 6.68
C ILE A 56 -2.09 -5.83 6.15
N SER A 57 -2.72 -6.27 5.07
CA SER A 57 -2.38 -7.56 4.47
C SER A 57 -1.75 -7.37 3.09
N VAL A 58 -0.55 -7.91 2.92
CA VAL A 58 0.16 -7.80 1.65
C VAL A 58 -0.17 -8.98 0.74
N LEU A 59 -1.15 -8.77 -0.15
CA LEU A 59 -1.56 -9.82 -1.08
C LEU A 59 -0.39 -10.28 -1.93
N ASN A 60 -0.40 -11.55 -2.32
CA ASN A 60 0.67 -12.11 -3.15
C ASN A 60 1.04 -11.17 -4.27
N ASP A 61 0.09 -10.92 -5.17
CA ASP A 61 0.32 -10.03 -6.31
C ASP A 61 1.10 -8.80 -5.87
N GLY A 62 0.82 -8.32 -4.67
CA GLY A 62 1.50 -7.14 -4.16
C GLY A 62 0.55 -6.00 -3.87
N THR A 63 -0.53 -6.29 -3.16
CA THR A 63 -1.51 -5.28 -2.82
C THR A 63 -1.68 -5.16 -1.31
N LEU A 64 -1.86 -3.93 -0.82
CA LEU A 64 -2.03 -3.68 0.60
C LEU A 64 -3.51 -3.47 0.95
N ASN A 65 -4.11 -4.49 1.55
CA ASN A 65 -5.51 -4.42 1.94
C ASN A 65 -5.65 -4.08 3.42
N PHE A 66 -6.76 -3.43 3.77
CA PHE A 66 -7.02 -3.05 5.15
C PHE A 66 -8.42 -3.50 5.59
N SER A 67 -8.45 -4.59 6.36
CA SER A 67 -9.71 -5.13 6.85
C SER A 67 -10.62 -4.01 7.35
N HIS A 68 -10.05 -3.09 8.11
CA HIS A 68 -10.81 -1.97 8.66
C HIS A 68 -9.89 -0.80 9.00
N VAL A 69 -9.98 0.26 8.20
CA VAL A 69 -9.15 1.44 8.41
C VAL A 69 -9.77 2.36 9.45
N LEU A 70 -8.92 2.96 10.28
CA LEU A 70 -9.39 3.87 11.33
C LEU A 70 -8.96 5.30 11.03
N LEU A 71 -9.50 6.24 11.81
CA LEU A 71 -9.17 7.65 11.62
C LEU A 71 -7.70 7.91 11.88
N SER A 72 -7.09 7.08 12.74
CA SER A 72 -5.69 7.22 13.06
C SER A 72 -4.81 6.75 11.91
N ASP A 73 -5.29 5.75 11.18
CA ASP A 73 -4.54 5.21 10.05
C ASP A 73 -4.41 6.25 8.93
N THR A 74 -5.27 7.28 8.98
CA THR A 74 -5.24 8.34 7.98
C THR A 74 -3.83 8.92 7.82
N GLY A 75 -3.36 8.96 6.58
CA GLY A 75 -2.03 9.48 6.32
C GLY A 75 -1.54 9.15 4.93
N VAL A 76 -0.24 8.86 4.81
CA VAL A 76 0.35 8.53 3.53
C VAL A 76 1.16 7.24 3.62
N TYR A 77 0.95 6.35 2.65
CA TYR A 77 1.65 5.06 2.62
C TYR A 77 2.61 5.00 1.43
N THR A 78 3.76 4.35 1.65
CA THR A 78 4.75 4.21 0.60
C THR A 78 5.16 2.76 0.41
N CYS A 79 5.05 2.27 -0.83
CA CYS A 79 5.40 0.90 -1.14
C CYS A 79 6.86 0.79 -1.58
N MET A 80 7.55 -0.22 -1.07
CA MET A 80 8.96 -0.43 -1.40
C MET A 80 9.13 -1.68 -2.25
N VAL A 81 10.00 -1.59 -3.25
CA VAL A 81 10.26 -2.72 -4.14
C VAL A 81 11.75 -2.85 -4.44
N THR A 82 12.35 -3.91 -3.92
CA THR A 82 13.78 -4.15 -4.12
C THR A 82 14.01 -5.42 -4.95
N ASN A 83 14.62 -5.26 -6.11
CA ASN A 83 14.90 -6.39 -7.00
C ASN A 83 16.33 -6.34 -7.50
N VAL A 84 16.94 -7.52 -7.66
CA VAL A 84 18.31 -7.61 -8.14
C VAL A 84 18.54 -6.69 -9.33
N ALA A 85 17.54 -6.58 -10.20
CA ALA A 85 17.64 -5.73 -11.37
C ALA A 85 17.55 -4.26 -10.99
N GLY A 86 16.54 -3.91 -10.22
CA GLY A 86 16.37 -2.54 -9.79
C GLY A 86 15.42 -2.41 -8.60
N ASN A 87 15.36 -1.22 -8.03
CA ASN A 87 14.49 -0.96 -6.89
C ASN A 87 13.58 0.23 -7.14
N SER A 88 12.29 0.06 -6.87
CA SER A 88 11.31 1.13 -7.07
C SER A 88 10.40 1.27 -5.86
N ASN A 89 9.72 2.41 -5.77
CA ASN A 89 8.81 2.67 -4.66
C ASN A 89 7.73 3.66 -5.07
N ALA A 90 6.53 3.46 -4.54
CA ALA A 90 5.40 4.33 -4.84
C ALA A 90 4.81 4.94 -3.57
N SER A 91 3.83 5.82 -3.74
CA SER A 91 3.19 6.47 -2.60
C SER A 91 1.70 6.64 -2.85
N ALA A 92 0.94 6.81 -1.77
CA ALA A 92 -0.50 6.98 -1.86
C ALA A 92 -1.09 7.41 -0.53
N TYR A 93 -1.98 8.40 -0.57
CA TYR A 93 -2.62 8.91 0.64
C TYR A 93 -3.94 8.20 0.90
N LEU A 94 -4.19 7.88 2.17
CA LEU A 94 -5.42 7.20 2.55
C LEU A 94 -6.24 8.05 3.53
N ASN A 95 -7.55 8.12 3.28
CA ASN A 95 -8.44 8.90 4.13
C ASN A 95 -9.39 7.99 4.90
N VAL A 96 -9.65 8.33 6.16
CA VAL A 96 -10.53 7.55 7.00
C VAL A 96 -11.50 8.45 7.77
N SER A 97 -12.77 8.40 7.40
CA SER A 97 -13.80 9.21 8.05
C SER A 97 -14.75 8.33 8.85
N SER A 98 -15.02 8.76 10.09
CA SER A 98 -15.92 8.01 10.96
C SER A 98 -17.20 7.61 10.24
N GLY A 99 -17.87 6.59 10.74
CA GLY A 99 -19.10 6.13 10.12
C GLY A 99 -20.33 6.51 10.93
N PRO A 100 -21.52 6.24 10.36
CA PRO A 100 -22.79 6.55 11.01
C PRO A 100 -23.05 5.65 12.22
N SER A 101 -23.45 6.26 13.34
CA SER A 101 -23.73 5.52 14.56
C SER A 101 -25.23 5.29 14.72
N SER A 102 -25.98 6.39 14.80
CA SER A 102 -27.43 6.31 14.96
C SER A 102 -28.07 5.53 13.81
N GLY A 103 -28.85 4.52 14.14
CA GLY A 103 -29.50 3.73 13.12
C GLY A 103 -28.52 2.97 12.25
N GLY A 1 6.22 10.53 -28.06
CA GLY A 1 5.65 9.22 -28.35
C GLY A 1 5.62 8.32 -27.14
N SER A 2 4.44 8.18 -26.53
CA SER A 2 4.29 7.34 -25.35
C SER A 2 3.07 6.44 -25.49
N SER A 3 3.25 5.32 -26.19
CA SER A 3 2.17 4.37 -26.39
C SER A 3 2.33 3.15 -25.49
N GLY A 4 1.25 2.40 -25.31
CA GLY A 4 1.30 1.22 -24.47
C GLY A 4 1.59 1.54 -23.03
N SER A 5 2.53 0.82 -22.43
CA SER A 5 2.91 1.03 -21.04
C SER A 5 4.38 0.67 -20.81
N SER A 6 5.17 1.68 -20.46
CA SER A 6 6.59 1.48 -20.22
C SER A 6 7.05 2.24 -18.98
N GLY A 7 7.47 1.50 -17.96
CA GLY A 7 7.91 2.11 -16.72
C GLY A 7 8.83 1.20 -15.91
N PRO A 8 8.92 1.47 -14.60
CA PRO A 8 9.77 0.68 -13.70
C PRO A 8 9.21 -0.71 -13.47
N PHE A 9 9.72 -1.39 -12.44
CA PHE A 9 9.27 -2.74 -12.12
C PHE A 9 7.83 -2.74 -11.64
N ILE A 10 7.41 -1.63 -11.03
CA ILE A 10 6.06 -1.50 -10.53
C ILE A 10 5.06 -1.34 -11.67
N MET A 11 4.42 -2.44 -12.06
CA MET A 11 3.44 -2.41 -13.14
C MET A 11 2.39 -1.34 -12.89
N ASP A 12 1.90 -1.26 -11.66
CA ASP A 12 0.89 -0.27 -11.29
C ASP A 12 1.25 0.41 -9.98
N ALA A 13 1.12 1.73 -9.96
CA ALA A 13 1.42 2.51 -8.75
C ALA A 13 0.16 2.83 -7.98
N PRO A 14 0.27 2.84 -6.64
CA PRO A 14 -0.86 3.14 -5.75
C PRO A 14 -1.27 4.60 -5.82
N ARG A 15 -2.58 4.83 -5.92
CA ARG A 15 -3.11 6.19 -5.99
C ARG A 15 -3.99 6.50 -4.78
N ASP A 16 -4.07 7.78 -4.43
CA ASP A 16 -4.87 8.20 -3.29
C ASP A 16 -6.21 7.47 -3.26
N LEU A 17 -6.69 7.18 -2.05
CA LEU A 17 -7.97 6.49 -1.89
C LEU A 17 -8.75 7.06 -0.72
N ASN A 18 -10.03 7.35 -0.95
CA ASN A 18 -10.89 7.90 0.08
C ASN A 18 -11.91 6.87 0.56
N ILE A 19 -11.70 6.34 1.76
CA ILE A 19 -12.60 5.34 2.33
C ILE A 19 -13.06 5.75 3.72
N SER A 20 -14.14 5.14 4.18
CA SER A 20 -14.70 5.43 5.50
C SER A 20 -14.07 4.53 6.56
N GLU A 21 -14.31 4.86 7.82
CA GLU A 21 -13.77 4.09 8.93
C GLU A 21 -14.53 2.77 9.09
N GLY A 22 -13.79 1.69 9.35
CA GLY A 22 -14.40 0.40 9.52
C GLY A 22 -14.85 -0.21 8.20
N ARG A 23 -14.05 -0.01 7.16
CA ARG A 23 -14.39 -0.54 5.84
C ARG A 23 -13.16 -1.19 5.20
N MET A 24 -13.39 -1.97 4.15
CA MET A 24 -12.31 -2.64 3.44
C MET A 24 -11.66 -1.70 2.43
N ALA A 25 -10.33 -1.65 2.46
CA ALA A 25 -9.58 -0.79 1.54
C ALA A 25 -8.45 -1.55 0.87
N GLU A 26 -8.00 -1.06 -0.28
CA GLU A 26 -6.93 -1.70 -1.02
C GLU A 26 -6.14 -0.68 -1.83
N LEU A 27 -4.85 -0.92 -1.98
CA LEU A 27 -3.97 -0.02 -2.73
C LEU A 27 -3.52 -0.67 -4.03
N LYS A 28 -3.66 0.07 -5.14
CA LYS A 28 -3.26 -0.42 -6.45
C LYS A 28 -1.74 -0.53 -6.55
N CYS A 29 -1.23 -1.75 -6.47
CA CYS A 29 0.21 -1.99 -6.55
C CYS A 29 0.50 -3.42 -6.99
N ARG A 30 1.29 -3.55 -8.04
CA ARG A 30 1.65 -4.87 -8.58
C ARG A 30 3.16 -4.99 -8.75
N THR A 31 3.70 -6.11 -8.29
CA THR A 31 5.14 -6.36 -8.39
C THR A 31 5.42 -7.70 -9.06
N PRO A 32 6.58 -7.80 -9.73
CA PRO A 32 7.00 -9.03 -10.42
C PRO A 32 7.34 -10.15 -9.45
N PRO A 33 7.53 -11.36 -9.99
CA PRO A 33 7.86 -12.54 -9.19
C PRO A 33 9.28 -12.47 -8.61
N MET A 34 9.51 -13.18 -7.51
CA MET A 34 10.82 -13.19 -6.88
C MET A 34 11.29 -11.77 -6.57
N SER A 35 10.37 -10.94 -6.10
CA SER A 35 10.69 -9.55 -5.77
C SER A 35 10.29 -9.23 -4.33
N SER A 36 11.13 -8.45 -3.66
CA SER A 36 10.88 -8.07 -2.27
C SER A 36 9.98 -6.84 -2.21
N VAL A 37 8.76 -7.02 -1.69
CA VAL A 37 7.81 -5.93 -1.57
C VAL A 37 7.51 -5.61 -0.11
N LYS A 38 7.42 -4.32 0.21
CA LYS A 38 7.14 -3.89 1.58
C LYS A 38 6.17 -2.71 1.58
N TRP A 39 5.65 -2.39 2.76
CA TRP A 39 4.72 -1.28 2.90
C TRP A 39 4.99 -0.50 4.18
N LEU A 40 5.39 0.76 4.03
CA LEU A 40 5.68 1.61 5.17
C LEU A 40 4.44 2.38 5.62
N LEU A 41 4.35 2.64 6.91
CA LEU A 41 3.21 3.36 7.47
C LEU A 41 3.63 4.74 7.95
N PRO A 42 2.67 5.69 7.94
CA PRO A 42 2.92 7.06 8.39
C PRO A 42 3.13 7.16 9.89
N ASN A 43 3.14 6.01 10.56
CA ASN A 43 3.35 5.96 12.01
C ASN A 43 4.79 5.58 12.35
N GLY A 44 5.55 5.19 11.32
CA GLY A 44 6.93 4.82 11.54
C GLY A 44 7.10 3.31 11.65
N THR A 45 6.74 2.58 10.60
CA THR A 45 6.86 1.14 10.59
C THR A 45 6.72 0.58 9.18
N VAL A 46 7.14 -0.66 8.99
CA VAL A 46 7.06 -1.31 7.69
C VAL A 46 6.80 -2.81 7.84
N LEU A 47 5.81 -3.31 7.10
CA LEU A 47 5.46 -4.72 7.15
C LEU A 47 5.94 -5.44 5.89
N SER A 48 5.77 -6.76 5.87
CA SER A 48 6.18 -7.57 4.73
C SER A 48 5.40 -8.87 4.68
N HIS A 49 5.68 -9.69 3.67
CA HIS A 49 5.01 -10.97 3.50
C HIS A 49 5.12 -11.82 4.77
N ALA A 50 6.03 -11.42 5.65
CA ALA A 50 6.23 -12.14 6.90
C ALA A 50 5.20 -11.75 7.94
N SER A 51 5.27 -10.50 8.41
CA SER A 51 4.33 -10.00 9.40
C SER A 51 2.94 -10.60 9.20
N ARG A 52 2.29 -10.95 10.31
CA ARG A 52 0.95 -11.54 10.25
C ARG A 52 -0.12 -10.52 10.68
N HIS A 53 -0.04 -9.33 10.11
CA HIS A 53 -0.99 -8.27 10.44
C HIS A 53 -2.39 -8.60 9.89
N PRO A 54 -3.40 -8.50 10.75
CA PRO A 54 -4.79 -8.78 10.37
C PRO A 54 -5.36 -7.73 9.42
N ARG A 55 -5.23 -6.46 9.80
CA ARG A 55 -5.74 -5.36 8.98
C ARG A 55 -4.88 -5.19 7.73
N ILE A 56 -3.64 -4.75 7.92
CA ILE A 56 -2.72 -4.54 6.81
C ILE A 56 -2.26 -5.86 6.22
N SER A 57 -2.89 -6.27 5.13
CA SER A 57 -2.54 -7.52 4.47
C SER A 57 -1.80 -7.26 3.16
N VAL A 58 -0.61 -7.84 3.04
CA VAL A 58 0.20 -7.67 1.84
C VAL A 58 0.02 -8.84 0.88
N LEU A 59 -0.76 -8.63 -0.18
CA LEU A 59 -1.01 -9.67 -1.17
C LEU A 59 0.26 -10.00 -1.94
N ASN A 60 0.45 -11.28 -2.24
CA ASN A 60 1.62 -11.74 -2.99
C ASN A 60 1.85 -10.86 -4.22
N ASP A 61 0.76 -10.40 -4.82
CA ASP A 61 0.84 -9.56 -6.01
C ASP A 61 1.56 -8.25 -5.70
N GLY A 62 1.24 -7.67 -4.54
CA GLY A 62 1.87 -6.42 -4.15
C GLY A 62 0.86 -5.38 -3.68
N THR A 63 -0.40 -5.79 -3.58
CA THR A 63 -1.46 -4.89 -3.14
C THR A 63 -1.61 -4.91 -1.62
N LEU A 64 -1.90 -3.76 -1.05
CA LEU A 64 -2.06 -3.64 0.39
C LEU A 64 -3.54 -3.54 0.77
N ASN A 65 -4.06 -4.58 1.42
CA ASN A 65 -5.45 -4.61 1.82
C ASN A 65 -5.61 -4.19 3.28
N PHE A 66 -6.75 -3.61 3.61
CA PHE A 66 -7.01 -3.15 4.98
C PHE A 66 -8.38 -3.65 5.46
N SER A 67 -8.38 -4.81 6.11
CA SER A 67 -9.62 -5.39 6.61
C SER A 67 -10.58 -4.31 7.07
N HIS A 68 -10.06 -3.35 7.84
CA HIS A 68 -10.88 -2.26 8.35
C HIS A 68 -10.00 -1.08 8.77
N VAL A 69 -10.01 -0.02 7.96
CA VAL A 69 -9.22 1.17 8.25
C VAL A 69 -9.75 1.91 9.48
N LEU A 70 -8.91 2.75 10.06
CA LEU A 70 -9.29 3.52 11.24
C LEU A 70 -8.92 4.99 11.09
N LEU A 71 -9.58 5.85 11.85
CA LEU A 71 -9.32 7.28 11.80
C LEU A 71 -7.85 7.58 12.09
N SER A 72 -7.19 6.65 12.77
CA SER A 72 -5.78 6.81 13.11
C SER A 72 -4.89 6.28 12.00
N ASP A 73 -5.48 5.53 11.07
CA ASP A 73 -4.74 4.96 9.95
C ASP A 73 -4.53 6.01 8.86
N THR A 74 -5.35 7.06 8.88
CA THR A 74 -5.26 8.12 7.90
C THR A 74 -3.84 8.67 7.80
N GLY A 75 -3.31 8.73 6.58
CA GLY A 75 -1.97 9.24 6.38
C GLY A 75 -1.43 8.92 5.00
N VAL A 76 -0.16 8.56 4.93
CA VAL A 76 0.48 8.23 3.66
C VAL A 76 1.21 6.90 3.74
N TYR A 77 0.99 6.06 2.73
CA TYR A 77 1.63 4.74 2.69
C TYR A 77 2.58 4.64 1.52
N THR A 78 3.86 4.42 1.81
CA THR A 78 4.88 4.29 0.78
C THR A 78 5.23 2.83 0.51
N CYS A 79 5.07 2.41 -0.74
CA CYS A 79 5.37 1.03 -1.12
C CYS A 79 6.80 0.91 -1.60
N MET A 80 7.55 -0.01 -1.00
CA MET A 80 8.94 -0.23 -1.39
C MET A 80 9.08 -1.46 -2.29
N VAL A 81 9.97 -1.37 -3.26
CA VAL A 81 10.20 -2.47 -4.20
C VAL A 81 11.69 -2.69 -4.45
N THR A 82 12.19 -3.84 -4.02
CA THR A 82 13.59 -4.18 -4.19
C THR A 82 13.76 -5.45 -5.02
N ASN A 83 14.60 -5.37 -6.05
CA ASN A 83 14.84 -6.52 -6.92
C ASN A 83 16.32 -6.60 -7.31
N VAL A 84 16.70 -7.70 -7.96
CA VAL A 84 18.07 -7.89 -8.40
C VAL A 84 18.32 -7.25 -9.75
N ALA A 85 17.25 -6.87 -10.43
CA ALA A 85 17.35 -6.23 -11.74
C ALA A 85 17.17 -4.73 -11.63
N GLY A 86 16.52 -4.28 -10.56
CA GLY A 86 16.29 -2.86 -10.37
C GLY A 86 15.51 -2.58 -9.10
N ASN A 87 15.16 -1.31 -8.90
CA ASN A 87 14.41 -0.90 -7.71
C ASN A 87 13.39 0.18 -8.07
N SER A 88 12.43 0.38 -7.17
CA SER A 88 11.38 1.38 -7.38
C SER A 88 10.62 1.65 -6.10
N ASN A 89 9.84 2.74 -6.09
CA ASN A 89 9.05 3.11 -4.92
C ASN A 89 7.82 3.90 -5.33
N ALA A 90 6.80 3.87 -4.48
CA ALA A 90 5.56 4.58 -4.75
C ALA A 90 4.94 5.11 -3.46
N SER A 91 3.95 5.99 -3.59
CA SER A 91 3.28 6.58 -2.44
C SER A 91 1.80 6.79 -2.73
N ALA A 92 1.02 6.96 -1.66
CA ALA A 92 -0.42 7.18 -1.79
C ALA A 92 -1.03 7.61 -0.47
N TYR A 93 -2.15 8.33 -0.54
CA TYR A 93 -2.83 8.81 0.66
C TYR A 93 -4.09 7.99 0.92
N LEU A 94 -4.50 7.95 2.19
CA LEU A 94 -5.68 7.20 2.58
C LEU A 94 -6.53 8.01 3.56
N ASN A 95 -7.67 8.50 3.09
CA ASN A 95 -8.57 9.29 3.93
C ASN A 95 -9.57 8.39 4.63
N VAL A 96 -9.66 8.54 5.96
CA VAL A 96 -10.59 7.75 6.75
C VAL A 96 -11.52 8.64 7.57
N SER A 97 -12.81 8.57 7.27
CA SER A 97 -13.81 9.37 7.97
C SER A 97 -14.70 8.48 8.83
N SER A 98 -14.91 8.90 10.08
CA SER A 98 -15.74 8.15 11.01
C SER A 98 -17.08 7.79 10.37
N GLY A 99 -17.46 6.53 10.46
CA GLY A 99 -18.72 6.08 9.89
C GLY A 99 -19.80 5.89 10.94
N PRO A 100 -21.06 5.92 10.51
CA PRO A 100 -22.21 5.74 11.40
C PRO A 100 -22.33 4.32 11.92
N SER A 101 -21.44 3.45 11.46
CA SER A 101 -21.44 2.05 11.88
C SER A 101 -21.64 1.93 13.38
N SER A 102 -22.39 0.91 13.79
CA SER A 102 -22.66 0.68 15.21
C SER A 102 -21.43 0.12 15.91
N GLY A 103 -21.25 0.52 17.17
CA GLY A 103 -20.12 0.06 17.95
C GLY A 103 -18.79 0.50 17.36
N GLY A 1 6.27 16.79 -22.74
CA GLY A 1 6.42 15.80 -21.69
C GLY A 1 5.64 16.16 -20.44
N SER A 2 4.61 15.38 -20.15
CA SER A 2 3.78 15.62 -18.98
C SER A 2 4.31 14.87 -17.76
N SER A 3 4.56 13.58 -17.93
CA SER A 3 5.07 12.74 -16.85
C SER A 3 6.57 12.93 -16.68
N GLY A 4 7.02 13.02 -15.43
CA GLY A 4 8.43 13.20 -15.15
C GLY A 4 9.05 11.98 -14.50
N SER A 5 8.73 10.81 -15.02
CA SER A 5 9.27 9.56 -14.49
C SER A 5 9.67 8.61 -15.61
N SER A 6 10.96 8.30 -15.68
CA SER A 6 11.48 7.41 -16.71
C SER A 6 10.65 6.12 -16.78
N GLY A 7 10.47 5.50 -15.62
CA GLY A 7 9.70 4.26 -15.57
C GLY A 7 10.32 3.23 -14.63
N PRO A 8 9.91 3.26 -13.36
CA PRO A 8 10.42 2.33 -12.35
C PRO A 8 9.94 0.90 -12.58
N PHE A 9 10.31 0.01 -11.67
CA PHE A 9 9.92 -1.40 -11.77
C PHE A 9 8.58 -1.63 -11.09
N ILE A 10 7.65 -0.70 -11.28
CA ILE A 10 6.33 -0.81 -10.69
C ILE A 10 5.25 -0.90 -11.76
N MET A 11 5.03 -2.12 -12.26
CA MET A 11 4.02 -2.34 -13.29
C MET A 11 2.79 -1.48 -13.05
N ASP A 12 2.32 -1.46 -11.81
CA ASP A 12 1.15 -0.68 -11.44
C ASP A 12 1.31 -0.07 -10.05
N ALA A 13 1.47 1.25 -10.01
CA ALA A 13 1.64 1.97 -8.75
C ALA A 13 0.30 2.33 -8.14
N PRO A 14 0.23 2.33 -6.79
CA PRO A 14 -0.99 2.66 -6.07
C PRO A 14 -1.36 4.14 -6.19
N ARG A 15 -2.63 4.45 -5.96
CA ARG A 15 -3.11 5.82 -6.04
C ARG A 15 -4.00 6.16 -4.85
N ASP A 16 -3.96 7.42 -4.43
CA ASP A 16 -4.76 7.87 -3.30
C ASP A 16 -6.13 7.21 -3.30
N LEU A 17 -6.67 6.99 -2.11
CA LEU A 17 -7.99 6.36 -1.98
C LEU A 17 -8.78 6.98 -0.82
N ASN A 18 -10.09 7.08 -0.99
CA ASN A 18 -10.95 7.66 0.03
C ASN A 18 -11.94 6.62 0.55
N ILE A 19 -11.74 6.19 1.79
CA ILE A 19 -12.62 5.20 2.40
C ILE A 19 -13.09 5.66 3.78
N SER A 20 -14.16 5.04 4.27
CA SER A 20 -14.72 5.39 5.58
C SER A 20 -14.13 4.53 6.67
N GLU A 21 -14.22 5.00 7.91
CA GLU A 21 -13.68 4.27 9.05
C GLU A 21 -14.50 3.00 9.32
N GLY A 22 -13.83 1.86 9.26
CA GLY A 22 -14.52 0.60 9.50
C GLY A 22 -14.98 -0.06 8.21
N ARG A 23 -14.18 0.07 7.16
CA ARG A 23 -14.51 -0.51 5.87
C ARG A 23 -13.30 -1.23 5.27
N MET A 24 -13.53 -2.00 4.22
CA MET A 24 -12.46 -2.74 3.55
C MET A 24 -11.80 -1.88 2.47
N ALA A 25 -10.48 -1.76 2.54
CA ALA A 25 -9.73 -0.97 1.57
C ALA A 25 -8.55 -1.75 1.02
N GLU A 26 -8.16 -1.44 -0.21
CA GLU A 26 -7.05 -2.13 -0.85
C GLU A 26 -6.26 -1.16 -1.73
N LEU A 27 -4.94 -1.36 -1.78
CA LEU A 27 -4.07 -0.50 -2.58
C LEU A 27 -3.58 -1.24 -3.82
N LYS A 28 -3.97 -0.75 -4.99
CA LYS A 28 -3.56 -1.35 -6.26
C LYS A 28 -2.07 -1.23 -6.46
N CYS A 29 -1.36 -2.36 -6.37
CA CYS A 29 0.09 -2.38 -6.55
C CYS A 29 0.53 -3.68 -7.21
N ARG A 30 1.25 -3.57 -8.32
CA ARG A 30 1.74 -4.74 -9.03
C ARG A 30 3.27 -4.79 -9.02
N THR A 31 3.82 -5.89 -8.52
CA THR A 31 5.27 -6.06 -8.46
C THR A 31 5.73 -7.22 -9.32
N PRO A 32 6.91 -7.08 -9.93
CA PRO A 32 7.49 -8.11 -10.80
C PRO A 32 7.93 -9.35 -10.01
N PRO A 33 8.27 -10.42 -10.74
CA PRO A 33 8.72 -11.68 -10.13
C PRO A 33 10.09 -11.55 -9.48
N MET A 34 10.32 -12.34 -8.43
CA MET A 34 11.59 -12.32 -7.72
C MET A 34 11.83 -10.97 -7.07
N SER A 35 10.76 -10.37 -6.56
CA SER A 35 10.85 -9.06 -5.91
C SER A 35 10.21 -9.10 -4.52
N SER A 36 10.79 -8.34 -3.59
CA SER A 36 10.28 -8.29 -2.23
C SER A 36 9.26 -7.17 -2.07
N VAL A 37 8.11 -7.49 -1.46
CA VAL A 37 7.06 -6.51 -1.25
C VAL A 37 7.09 -5.98 0.18
N LYS A 38 7.13 -4.66 0.32
CA LYS A 38 7.16 -4.03 1.63
C LYS A 38 6.24 -2.80 1.66
N TRP A 39 5.64 -2.55 2.82
CA TRP A 39 4.75 -1.40 2.97
C TRP A 39 5.07 -0.63 4.25
N LEU A 40 5.56 0.59 4.09
CA LEU A 40 5.91 1.43 5.24
C LEU A 40 4.75 2.34 5.62
N LEU A 41 4.40 2.34 6.90
CA LEU A 41 3.31 3.17 7.40
C LEU A 41 3.79 4.59 7.71
N PRO A 42 2.88 5.56 7.61
CA PRO A 42 3.19 6.96 7.89
C PRO A 42 3.45 7.22 9.37
N ASN A 43 3.43 6.16 10.16
CA ASN A 43 3.67 6.27 11.60
C ASN A 43 5.14 6.05 11.92
N GLY A 44 5.84 5.34 11.04
CA GLY A 44 7.25 5.08 11.25
C GLY A 44 7.57 3.60 11.23
N THR A 45 6.56 2.78 10.95
CA THR A 45 6.74 1.33 10.91
C THR A 45 6.63 0.81 9.48
N VAL A 46 6.84 -0.49 9.31
CA VAL A 46 6.75 -1.11 7.99
C VAL A 46 6.49 -2.61 8.11
N LEU A 47 5.56 -3.12 7.32
CA LEU A 47 5.22 -4.53 7.34
C LEU A 47 5.63 -5.21 6.03
N SER A 48 5.50 -6.53 5.99
CA SER A 48 5.87 -7.29 4.80
C SER A 48 4.97 -8.52 4.65
N HIS A 49 5.24 -9.32 3.62
CA HIS A 49 4.46 -10.53 3.36
C HIS A 49 4.56 -11.49 4.54
N ALA A 50 5.59 -11.33 5.36
CA ALA A 50 5.79 -12.17 6.52
C ALA A 50 4.88 -11.76 7.67
N SER A 51 4.92 -10.47 8.01
CA SER A 51 4.12 -9.94 9.10
C SER A 51 2.77 -10.66 9.18
N ARG A 52 2.24 -10.79 10.38
CA ARG A 52 0.96 -11.45 10.60
C ARG A 52 -0.12 -10.44 10.99
N HIS A 53 0.01 -9.22 10.50
CA HIS A 53 -0.95 -8.16 10.80
C HIS A 53 -2.34 -8.52 10.28
N PRO A 54 -3.35 -8.39 11.16
CA PRO A 54 -4.74 -8.69 10.81
C PRO A 54 -5.33 -7.69 9.82
N ARG A 55 -5.21 -6.41 10.15
CA ARG A 55 -5.73 -5.35 9.30
C ARG A 55 -4.87 -5.20 8.04
N ILE A 56 -3.64 -4.75 8.22
CA ILE A 56 -2.72 -4.57 7.10
C ILE A 56 -2.26 -5.90 6.53
N SER A 57 -2.91 -6.33 5.45
CA SER A 57 -2.57 -7.59 4.82
C SER A 57 -1.86 -7.36 3.48
N VAL A 58 -0.73 -8.03 3.31
CA VAL A 58 0.06 -7.90 2.08
C VAL A 58 -0.15 -9.10 1.16
N LEU A 59 -1.04 -8.95 0.19
CA LEU A 59 -1.32 -10.02 -0.77
C LEU A 59 -0.09 -10.35 -1.60
N ASN A 60 -0.09 -11.54 -2.20
CA ASN A 60 1.03 -11.98 -3.03
C ASN A 60 1.36 -10.94 -4.10
N ASP A 61 0.45 -10.78 -5.06
CA ASP A 61 0.65 -9.81 -6.13
C ASP A 61 1.37 -8.57 -5.62
N GLY A 62 1.01 -8.14 -4.41
CA GLY A 62 1.63 -6.96 -3.83
C GLY A 62 0.63 -5.88 -3.50
N THR A 63 -0.54 -6.29 -3.00
CA THR A 63 -1.59 -5.35 -2.65
C THR A 63 -1.77 -5.27 -1.13
N LEU A 64 -1.97 -4.06 -0.62
CA LEU A 64 -2.16 -3.84 0.81
C LEU A 64 -3.64 -3.73 1.15
N ASN A 65 -4.18 -4.76 1.77
CA ASN A 65 -5.60 -4.76 2.16
C ASN A 65 -5.76 -4.27 3.60
N PHE A 66 -6.92 -3.69 3.88
CA PHE A 66 -7.21 -3.17 5.22
C PHE A 66 -8.61 -3.58 5.66
N SER A 67 -8.71 -4.72 6.33
CA SER A 67 -10.00 -5.22 6.81
C SER A 67 -10.89 -4.07 7.27
N HIS A 68 -10.35 -3.19 8.10
CA HIS A 68 -11.09 -2.04 8.60
C HIS A 68 -10.16 -0.88 8.92
N VAL A 69 -10.23 0.17 8.11
CA VAL A 69 -9.39 1.34 8.29
C VAL A 69 -9.87 2.18 9.47
N LEU A 70 -8.97 2.96 10.05
CA LEU A 70 -9.30 3.81 11.19
C LEU A 70 -8.82 5.24 10.96
N LEU A 71 -9.42 6.18 11.69
CA LEU A 71 -9.06 7.58 11.56
C LEU A 71 -7.54 7.77 11.68
N SER A 72 -6.91 6.94 12.51
CA SER A 72 -5.47 7.00 12.71
C SER A 72 -4.72 6.49 11.49
N ASP A 73 -5.37 5.59 10.73
CA ASP A 73 -4.77 5.03 9.53
C ASP A 73 -4.55 6.10 8.48
N THR A 74 -5.26 7.21 8.60
CA THR A 74 -5.14 8.31 7.66
C THR A 74 -3.71 8.80 7.55
N GLY A 75 -3.20 8.87 6.32
CA GLY A 75 -1.84 9.32 6.10
C GLY A 75 -1.32 8.94 4.74
N VAL A 76 -0.02 8.62 4.66
CA VAL A 76 0.60 8.24 3.40
C VAL A 76 1.35 6.92 3.54
N TYR A 77 1.13 6.03 2.58
CA TYR A 77 1.79 4.72 2.60
C TYR A 77 2.83 4.63 1.48
N THR A 78 4.03 4.18 1.83
CA THR A 78 5.11 4.03 0.85
C THR A 78 5.44 2.57 0.63
N CYS A 79 5.12 2.07 -0.57
CA CYS A 79 5.39 0.68 -0.91
C CYS A 79 6.77 0.54 -1.53
N MET A 80 7.59 -0.33 -0.93
CA MET A 80 8.94 -0.56 -1.43
C MET A 80 8.99 -1.76 -2.37
N VAL A 81 9.78 -1.65 -3.43
CA VAL A 81 9.91 -2.72 -4.41
C VAL A 81 11.37 -2.98 -4.75
N THR A 82 11.83 -4.20 -4.45
CA THR A 82 13.21 -4.57 -4.72
C THR A 82 13.28 -5.69 -5.76
N ASN A 83 13.96 -5.42 -6.87
CA ASN A 83 14.10 -6.41 -7.93
C ASN A 83 15.55 -6.50 -8.40
N VAL A 84 16.04 -7.73 -8.51
CA VAL A 84 17.41 -7.96 -8.94
C VAL A 84 17.85 -6.94 -9.98
N ALA A 85 16.98 -6.68 -10.95
CA ALA A 85 17.28 -5.72 -12.00
C ALA A 85 17.45 -4.32 -11.42
N GLY A 86 16.43 -3.83 -10.72
CA GLY A 86 16.49 -2.52 -10.13
C GLY A 86 15.59 -2.38 -8.93
N ASN A 87 15.67 -1.23 -8.24
CA ASN A 87 14.85 -0.98 -7.06
C ASN A 87 13.98 0.25 -7.26
N SER A 88 12.73 0.16 -6.80
CA SER A 88 11.80 1.28 -6.92
C SER A 88 10.83 1.31 -5.74
N ASN A 89 9.99 2.33 -5.70
CA ASN A 89 9.03 2.49 -4.62
C ASN A 89 7.86 3.37 -5.06
N ALA A 90 6.71 3.18 -4.40
CA ALA A 90 5.52 3.96 -4.72
C ALA A 90 4.90 4.56 -3.46
N SER A 91 4.06 5.57 -3.65
CA SER A 91 3.40 6.23 -2.52
C SER A 91 1.91 6.41 -2.79
N ALA A 92 1.15 6.69 -1.75
CA ALA A 92 -0.29 6.88 -1.87
C ALA A 92 -0.89 7.40 -0.57
N TYR A 93 -2.00 8.12 -0.68
CA TYR A 93 -2.67 8.67 0.50
C TYR A 93 -3.95 7.90 0.80
N LEU A 94 -4.35 7.91 2.07
CA LEU A 94 -5.56 7.21 2.50
C LEU A 94 -6.38 8.08 3.44
N ASN A 95 -7.58 8.46 3.02
CA ASN A 95 -8.46 9.29 3.83
C ASN A 95 -9.46 8.42 4.59
N VAL A 96 -9.60 8.68 5.88
CA VAL A 96 -10.53 7.93 6.73
C VAL A 96 -11.48 8.87 7.47
N SER A 97 -12.77 8.60 7.34
CA SER A 97 -13.79 9.42 8.00
C SER A 97 -14.69 8.57 8.87
N SER A 98 -14.88 9.01 10.12
CA SER A 98 -15.72 8.29 11.07
C SER A 98 -17.12 8.07 10.51
N GLY A 99 -17.69 6.90 10.78
CA GLY A 99 -19.02 6.59 10.29
C GLY A 99 -20.11 7.20 11.17
N PRO A 100 -21.36 7.12 10.69
CA PRO A 100 -22.52 7.66 11.41
C PRO A 100 -22.83 6.87 12.67
N SER A 101 -22.71 5.54 12.57
CA SER A 101 -22.99 4.67 13.71
C SER A 101 -21.70 4.23 14.39
N SER A 102 -21.72 4.21 15.72
CA SER A 102 -20.54 3.81 16.49
C SER A 102 -20.81 2.53 17.27
N GLY A 103 -19.90 1.57 17.18
CA GLY A 103 -20.07 0.32 17.89
C GLY A 103 -18.87 -0.02 18.74
N GLY A 1 -4.40 3.10 -26.02
CA GLY A 1 -3.06 3.42 -25.55
C GLY A 1 -2.47 2.31 -24.70
N SER A 2 -1.55 2.68 -23.81
CA SER A 2 -0.90 1.70 -22.94
C SER A 2 -0.44 2.37 -21.64
N SER A 3 -0.78 1.74 -20.52
CA SER A 3 -0.41 2.25 -19.21
C SER A 3 0.96 2.93 -19.26
N GLY A 4 1.92 2.26 -19.88
CA GLY A 4 3.26 2.81 -19.99
C GLY A 4 4.26 1.80 -20.51
N SER A 5 5.28 2.28 -21.22
CA SER A 5 6.30 1.41 -21.78
C SER A 5 7.52 1.35 -20.86
N SER A 6 8.08 2.51 -20.54
CA SER A 6 9.24 2.58 -19.67
C SER A 6 8.86 3.08 -18.28
N GLY A 7 9.78 2.93 -17.33
CA GLY A 7 9.52 3.37 -15.97
C GLY A 7 10.09 2.41 -14.93
N PRO A 8 9.56 2.48 -13.71
CA PRO A 8 10.01 1.63 -12.61
C PRO A 8 9.61 0.17 -12.80
N PHE A 9 9.78 -0.64 -11.76
CA PHE A 9 9.44 -2.06 -11.82
C PHE A 9 8.08 -2.33 -11.17
N ILE A 10 7.14 -1.40 -11.38
CA ILE A 10 5.81 -1.54 -10.80
C ILE A 10 4.74 -1.43 -11.89
N MET A 11 4.35 -2.58 -12.44
CA MET A 11 3.33 -2.61 -13.49
C MET A 11 2.25 -1.58 -13.22
N ASP A 12 1.91 -1.39 -11.95
CA ASP A 12 0.89 -0.42 -11.56
C ASP A 12 1.24 0.24 -10.23
N ALA A 13 1.21 1.58 -10.22
CA ALA A 13 1.52 2.32 -9.00
C ALA A 13 0.25 2.71 -8.25
N PRO A 14 0.33 2.68 -6.92
CA PRO A 14 -0.81 3.03 -6.05
C PRO A 14 -1.15 4.51 -6.11
N ARG A 15 -2.41 4.83 -5.88
CA ARG A 15 -2.88 6.22 -5.90
C ARG A 15 -3.71 6.53 -4.67
N ASP A 16 -4.03 7.81 -4.48
CA ASP A 16 -4.82 8.25 -3.35
C ASP A 16 -6.17 7.52 -3.31
N LEU A 17 -6.57 7.10 -2.12
CA LEU A 17 -7.83 6.39 -1.95
C LEU A 17 -8.62 6.96 -0.77
N ASN A 18 -9.93 7.11 -0.95
CA ASN A 18 -10.79 7.64 0.09
C ASN A 18 -11.80 6.59 0.55
N ILE A 19 -11.65 6.14 1.80
CA ILE A 19 -12.55 5.13 2.36
C ILE A 19 -13.01 5.53 3.75
N SER A 20 -14.14 4.97 4.17
CA SER A 20 -14.69 5.27 5.50
C SER A 20 -14.07 4.36 6.55
N GLU A 21 -14.34 4.68 7.81
CA GLU A 21 -13.81 3.88 8.92
C GLU A 21 -14.56 2.57 9.06
N GLY A 22 -13.83 1.50 9.38
CA GLY A 22 -14.44 0.19 9.53
C GLY A 22 -14.85 -0.41 8.20
N ARG A 23 -14.11 -0.08 7.15
CA ARG A 23 -14.40 -0.59 5.82
C ARG A 23 -13.18 -1.28 5.21
N MET A 24 -13.38 -1.94 4.07
CA MET A 24 -12.29 -2.63 3.40
C MET A 24 -11.61 -1.73 2.37
N ALA A 25 -10.29 -1.63 2.45
CA ALA A 25 -9.53 -0.81 1.52
C ALA A 25 -8.41 -1.60 0.87
N GLU A 26 -7.87 -1.06 -0.22
CA GLU A 26 -6.79 -1.72 -0.94
C GLU A 26 -5.98 -0.71 -1.76
N LEU A 27 -4.70 -0.99 -1.92
CA LEU A 27 -3.81 -0.11 -2.68
C LEU A 27 -3.36 -0.78 -3.98
N LYS A 28 -3.86 -0.27 -5.10
CA LYS A 28 -3.51 -0.81 -6.41
C LYS A 28 -2.01 -0.78 -6.62
N CYS A 29 -1.36 -1.91 -6.40
CA CYS A 29 0.09 -2.02 -6.55
C CYS A 29 0.49 -3.43 -7.00
N ARG A 30 1.21 -3.51 -8.11
CA ARG A 30 1.65 -4.79 -8.64
C ARG A 30 3.16 -4.83 -8.78
N THR A 31 3.75 -5.96 -8.39
CA THR A 31 5.20 -6.13 -8.47
C THR A 31 5.57 -7.40 -9.23
N PRO A 32 6.76 -7.40 -9.84
CA PRO A 32 7.25 -8.55 -10.61
C PRO A 32 7.60 -9.74 -9.72
N PRO A 33 7.87 -10.89 -10.36
CA PRO A 33 8.22 -12.12 -9.64
C PRO A 33 9.60 -12.05 -8.99
N MET A 34 9.74 -12.68 -7.83
CA MET A 34 11.02 -12.68 -7.12
C MET A 34 11.42 -11.27 -6.73
N SER A 35 10.46 -10.49 -6.22
CA SER A 35 10.73 -9.12 -5.81
C SER A 35 10.34 -8.90 -4.35
N SER A 36 11.09 -8.04 -3.67
CA SER A 36 10.82 -7.76 -2.27
C SER A 36 9.86 -6.56 -2.13
N VAL A 37 8.58 -6.87 -1.94
CA VAL A 37 7.57 -5.84 -1.80
C VAL A 37 7.29 -5.55 -0.33
N LYS A 38 7.17 -4.26 0.00
CA LYS A 38 6.91 -3.85 1.37
C LYS A 38 5.97 -2.65 1.40
N TRP A 39 5.61 -2.21 2.61
CA TRP A 39 4.72 -1.06 2.76
C TRP A 39 5.03 -0.30 4.05
N LEU A 40 5.37 0.98 3.92
CA LEU A 40 5.69 1.81 5.06
C LEU A 40 4.45 2.54 5.58
N LEU A 41 4.41 2.76 6.89
CA LEU A 41 3.28 3.45 7.50
C LEU A 41 3.69 4.83 8.00
N PRO A 42 2.73 5.76 8.06
CA PRO A 42 2.96 7.13 8.53
C PRO A 42 3.25 7.19 10.02
N ASN A 43 3.32 6.03 10.66
CA ASN A 43 3.58 5.95 12.08
C ASN A 43 5.06 5.68 12.36
N GLY A 44 5.76 5.20 11.33
CA GLY A 44 7.18 4.91 11.48
C GLY A 44 7.47 3.43 11.51
N THR A 45 6.71 2.67 10.73
CA THR A 45 6.89 1.22 10.68
C THR A 45 6.69 0.69 9.26
N VAL A 46 7.07 -0.56 9.04
CA VAL A 46 6.93 -1.18 7.73
C VAL A 46 6.58 -2.66 7.86
N LEU A 47 5.65 -3.11 7.02
CA LEU A 47 5.23 -4.51 7.04
C LEU A 47 5.66 -5.22 5.76
N SER A 48 5.50 -6.54 5.75
CA SER A 48 5.88 -7.35 4.59
C SER A 48 5.06 -8.63 4.53
N HIS A 49 5.37 -9.47 3.55
CA HIS A 49 4.67 -10.74 3.39
C HIS A 49 4.82 -11.62 4.62
N ALA A 50 5.71 -11.21 5.52
CA ALA A 50 5.97 -11.96 6.74
C ALA A 50 5.05 -11.51 7.87
N SER A 51 4.99 -10.20 8.10
CA SER A 51 4.15 -9.64 9.14
C SER A 51 2.80 -10.36 9.20
N ARG A 52 2.28 -10.53 10.41
CA ARG A 52 1.01 -11.21 10.62
C ARG A 52 -0.10 -10.21 10.91
N HIS A 53 0.07 -8.98 10.44
CA HIS A 53 -0.91 -7.93 10.66
C HIS A 53 -2.27 -8.32 10.07
N PRO A 54 -3.32 -8.18 10.89
CA PRO A 54 -4.69 -8.52 10.48
C PRO A 54 -5.24 -7.55 9.43
N ARG A 55 -5.15 -6.25 9.73
CA ARG A 55 -5.64 -5.22 8.82
C ARG A 55 -4.73 -5.11 7.60
N ILE A 56 -3.52 -4.64 7.81
CA ILE A 56 -2.56 -4.48 6.72
C ILE A 56 -2.06 -5.84 6.22
N SER A 57 -2.60 -6.27 5.09
CA SER A 57 -2.23 -7.55 4.49
C SER A 57 -1.60 -7.36 3.12
N VAL A 58 -0.36 -7.81 2.97
CA VAL A 58 0.34 -7.68 1.70
C VAL A 58 0.05 -8.86 0.79
N LEU A 59 -0.92 -8.67 -0.10
CA LEU A 59 -1.31 -9.72 -1.04
C LEU A 59 -0.10 -10.19 -1.85
N ASN A 60 -0.05 -11.49 -2.12
CA ASN A 60 1.04 -12.08 -2.89
C ASN A 60 1.43 -11.16 -4.05
N ASP A 61 0.45 -10.79 -4.86
CA ASP A 61 0.69 -9.91 -6.01
C ASP A 61 1.48 -8.68 -5.59
N GLY A 62 1.20 -8.19 -4.39
CA GLY A 62 1.89 -7.01 -3.90
C GLY A 62 0.95 -5.89 -3.52
N THR A 63 -0.28 -6.25 -3.18
CA THR A 63 -1.29 -5.26 -2.80
C THR A 63 -1.42 -5.16 -1.29
N LEU A 64 -1.91 -4.02 -0.82
CA LEU A 64 -2.07 -3.79 0.61
C LEU A 64 -3.55 -3.66 0.98
N ASN A 65 -4.11 -4.73 1.53
CA ASN A 65 -5.52 -4.72 1.93
C ASN A 65 -5.66 -4.32 3.39
N PHE A 66 -6.82 -3.75 3.72
CA PHE A 66 -7.09 -3.31 5.08
C PHE A 66 -8.48 -3.76 5.53
N SER A 67 -8.54 -4.94 6.15
CA SER A 67 -9.81 -5.49 6.62
C SER A 67 -10.72 -4.37 7.13
N HIS A 68 -10.17 -3.50 7.96
CA HIS A 68 -10.93 -2.39 8.52
C HIS A 68 -10.01 -1.23 8.90
N VAL A 69 -10.09 -0.14 8.13
CA VAL A 69 -9.27 1.02 8.38
C VAL A 69 -9.86 1.88 9.50
N LEU A 70 -9.00 2.69 10.14
CA LEU A 70 -9.44 3.54 11.23
C LEU A 70 -8.93 4.97 11.04
N LEU A 71 -9.54 5.91 11.73
CA LEU A 71 -9.16 7.32 11.63
C LEU A 71 -7.68 7.50 11.99
N SER A 72 -7.13 6.53 12.72
CA SER A 72 -5.73 6.59 13.12
C SER A 72 -4.82 6.09 12.00
N ASP A 73 -5.41 5.42 11.02
CA ASP A 73 -4.66 4.89 9.89
C ASP A 73 -4.47 5.95 8.82
N THR A 74 -5.21 7.05 8.94
CA THR A 74 -5.12 8.15 7.99
C THR A 74 -3.70 8.71 7.91
N GLY A 75 -3.19 8.87 6.69
CA GLY A 75 -1.86 9.40 6.51
C GLY A 75 -1.32 9.14 5.11
N VAL A 76 -0.06 8.74 5.03
CA VAL A 76 0.58 8.48 3.74
C VAL A 76 1.31 7.13 3.76
N TYR A 77 1.08 6.33 2.73
CA TYR A 77 1.70 5.02 2.62
C TYR A 77 2.72 4.99 1.48
N THR A 78 3.84 4.31 1.72
CA THR A 78 4.89 4.21 0.72
C THR A 78 5.29 2.75 0.48
N CYS A 79 5.03 2.26 -0.72
CA CYS A 79 5.35 0.88 -1.08
C CYS A 79 6.77 0.79 -1.63
N MET A 80 7.57 -0.09 -1.04
CA MET A 80 8.96 -0.28 -1.47
C MET A 80 9.08 -1.53 -2.34
N VAL A 81 9.92 -1.44 -3.37
CA VAL A 81 10.14 -2.56 -4.27
C VAL A 81 11.63 -2.77 -4.55
N THR A 82 12.14 -3.93 -4.17
CA THR A 82 13.54 -4.25 -4.38
C THR A 82 13.71 -5.63 -4.98
N ASN A 83 14.27 -5.68 -6.19
CA ASN A 83 14.48 -6.94 -6.89
C ASN A 83 15.81 -6.92 -7.65
N VAL A 84 16.42 -8.10 -7.79
CA VAL A 84 17.69 -8.23 -8.49
C VAL A 84 17.69 -7.42 -9.79
N ALA A 85 16.51 -7.30 -10.39
CA ALA A 85 16.36 -6.56 -11.64
C ALA A 85 16.62 -5.07 -11.43
N GLY A 86 16.07 -4.53 -10.34
CA GLY A 86 16.25 -3.12 -10.05
C GLY A 86 15.60 -2.72 -8.73
N ASN A 87 15.30 -1.43 -8.60
CA ASN A 87 14.67 -0.91 -7.38
C ASN A 87 13.66 0.18 -7.72
N SER A 88 12.59 0.23 -6.94
CA SER A 88 11.54 1.22 -7.14
C SER A 88 10.60 1.30 -5.94
N ASN A 89 9.90 2.42 -5.82
CA ASN A 89 8.97 2.60 -4.71
C ASN A 89 7.86 3.58 -5.09
N ALA A 90 6.71 3.44 -4.44
CA ALA A 90 5.57 4.32 -4.72
C ALA A 90 4.94 4.81 -3.42
N SER A 91 4.03 5.78 -3.54
CA SER A 91 3.36 6.34 -2.37
C SER A 91 1.89 6.60 -2.67
N ALA A 92 1.11 6.83 -1.63
CA ALA A 92 -0.32 7.10 -1.78
C ALA A 92 -0.94 7.52 -0.45
N TYR A 93 -1.85 8.49 -0.51
CA TYR A 93 -2.52 8.99 0.70
C TYR A 93 -3.83 8.25 0.93
N LEU A 94 -4.16 8.02 2.20
CA LEU A 94 -5.38 7.32 2.55
C LEU A 94 -6.23 8.16 3.51
N ASN A 95 -7.47 8.42 3.13
CA ASN A 95 -8.39 9.21 3.94
C ASN A 95 -9.41 8.34 4.63
N VAL A 96 -9.54 8.49 5.94
CA VAL A 96 -10.49 7.70 6.72
C VAL A 96 -11.48 8.60 7.45
N SER A 97 -12.77 8.40 7.17
CA SER A 97 -13.81 9.20 7.80
C SER A 97 -14.76 8.32 8.62
N SER A 98 -15.11 8.78 9.81
CA SER A 98 -16.01 8.03 10.69
C SER A 98 -17.38 7.85 10.04
N GLY A 99 -17.99 6.70 10.29
CA GLY A 99 -19.30 6.42 9.72
C GLY A 99 -20.40 7.24 10.38
N PRO A 100 -21.63 7.06 9.88
CA PRO A 100 -22.80 7.78 10.41
C PRO A 100 -23.19 7.31 11.82
N SER A 101 -23.50 8.26 12.68
CA SER A 101 -23.89 7.94 14.06
C SER A 101 -25.37 7.58 14.13
N SER A 102 -26.22 8.56 13.80
CA SER A 102 -27.67 8.35 13.84
C SER A 102 -28.06 7.09 13.07
N GLY A 103 -29.06 6.38 13.59
CA GLY A 103 -29.52 5.16 12.93
C GLY A 103 -29.34 3.93 13.81
N GLY A 1 13.07 2.08 -26.43
CA GLY A 1 13.54 2.10 -27.80
C GLY A 1 12.94 3.24 -28.60
N SER A 2 11.64 3.15 -28.88
CA SER A 2 10.94 4.18 -29.64
C SER A 2 9.47 4.25 -29.25
N SER A 3 8.91 5.45 -29.33
CA SER A 3 7.51 5.66 -28.97
C SER A 3 7.16 4.93 -27.68
N GLY A 4 8.08 4.98 -26.71
CA GLY A 4 7.84 4.33 -25.44
C GLY A 4 8.75 4.85 -24.34
N SER A 5 8.63 4.26 -23.15
CA SER A 5 9.44 4.68 -22.02
C SER A 5 9.40 3.64 -20.90
N SER A 6 10.10 3.90 -19.81
CA SER A 6 10.15 2.98 -18.68
C SER A 6 10.81 3.65 -17.48
N GLY A 7 10.88 2.91 -16.37
CA GLY A 7 11.50 3.43 -15.17
C GLY A 7 11.59 2.40 -14.06
N PRO A 8 10.60 2.42 -13.15
CA PRO A 8 10.54 1.48 -12.02
C PRO A 8 10.24 0.06 -12.47
N PHE A 9 10.06 -0.84 -11.51
CA PHE A 9 9.77 -2.24 -11.80
C PHE A 9 8.30 -2.56 -11.49
N ILE A 10 7.55 -1.54 -11.11
CA ILE A 10 6.14 -1.71 -10.79
C ILE A 10 5.26 -1.53 -12.02
N MET A 11 4.28 -2.41 -12.19
CA MET A 11 3.36 -2.34 -13.32
C MET A 11 2.15 -1.47 -13.00
N ASP A 12 1.73 -1.51 -11.74
CA ASP A 12 0.57 -0.73 -11.30
C ASP A 12 0.88 0.01 -10.00
N ALA A 13 1.02 1.33 -10.09
CA ALA A 13 1.32 2.15 -8.93
C ALA A 13 0.03 2.59 -8.23
N PRO A 14 0.05 2.61 -6.89
CA PRO A 14 -1.10 3.00 -6.08
C PRO A 14 -1.39 4.50 -6.19
N ARG A 15 -2.64 4.87 -5.97
CA ARG A 15 -3.05 6.27 -6.04
C ARG A 15 -3.91 6.65 -4.84
N ASP A 16 -3.89 7.92 -4.48
CA ASP A 16 -4.67 8.42 -3.35
C ASP A 16 -6.05 7.76 -3.31
N LEU A 17 -6.41 7.22 -2.15
CA LEU A 17 -7.71 6.56 -1.99
C LEU A 17 -8.49 7.18 -0.84
N ASN A 18 -9.81 7.09 -0.92
CA ASN A 18 -10.67 7.64 0.12
C ASN A 18 -11.76 6.64 0.51
N ILE A 19 -11.67 6.12 1.73
CA ILE A 19 -12.65 5.16 2.22
C ILE A 19 -13.12 5.54 3.62
N SER A 20 -14.35 5.14 3.95
CA SER A 20 -14.93 5.44 5.26
C SER A 20 -14.21 4.65 6.35
N GLU A 21 -14.51 5.00 7.60
CA GLU A 21 -13.88 4.33 8.75
C GLU A 21 -14.63 3.04 9.09
N GLY A 22 -13.88 1.95 9.23
CA GLY A 22 -14.48 0.67 9.55
C GLY A 22 -14.92 -0.10 8.32
N ARG A 23 -14.23 0.15 7.20
CA ARG A 23 -14.55 -0.52 5.95
C ARG A 23 -13.30 -1.18 5.36
N MET A 24 -13.51 -2.05 4.37
CA MET A 24 -12.41 -2.74 3.72
C MET A 24 -11.75 -1.84 2.68
N ALA A 25 -10.44 -1.64 2.82
CA ALA A 25 -9.69 -0.80 1.88
C ALA A 25 -8.58 -1.60 1.21
N GLU A 26 -8.16 -1.13 0.03
CA GLU A 26 -7.11 -1.80 -0.72
C GLU A 26 -6.30 -0.80 -1.54
N LEU A 27 -4.99 -1.04 -1.62
CA LEU A 27 -4.11 -0.15 -2.37
C LEU A 27 -3.67 -0.79 -3.69
N LYS A 28 -4.12 -0.22 -4.79
CA LYS A 28 -3.77 -0.74 -6.11
C LYS A 28 -2.26 -0.75 -6.32
N CYS A 29 -1.65 -1.92 -6.14
CA CYS A 29 -0.21 -2.05 -6.30
C CYS A 29 0.15 -3.47 -6.73
N ARG A 30 0.87 -3.58 -7.85
CA ARG A 30 1.28 -4.87 -8.38
C ARG A 30 2.76 -4.88 -8.73
N THR A 31 3.45 -5.95 -8.38
CA THR A 31 4.88 -6.08 -8.66
C THR A 31 5.19 -7.38 -9.39
N PRO A 32 6.32 -7.40 -10.11
CA PRO A 32 6.75 -8.59 -10.86
C PRO A 32 7.20 -9.73 -9.96
N PRO A 33 7.41 -10.90 -10.55
CA PRO A 33 7.85 -12.09 -9.81
C PRO A 33 9.28 -11.98 -9.31
N MET A 34 9.61 -12.72 -8.26
CA MET A 34 10.94 -12.69 -7.69
C MET A 34 11.35 -11.27 -7.31
N SER A 35 10.51 -10.60 -6.53
CA SER A 35 10.78 -9.23 -6.11
C SER A 35 10.35 -9.01 -4.66
N SER A 36 11.08 -8.16 -3.95
CA SER A 36 10.78 -7.87 -2.56
C SER A 36 9.89 -6.64 -2.44
N VAL A 37 8.64 -6.87 -2.03
CA VAL A 37 7.68 -5.79 -1.87
C VAL A 37 7.34 -5.55 -0.40
N LYS A 38 7.26 -4.29 -0.01
CA LYS A 38 6.95 -3.93 1.37
C LYS A 38 6.08 -2.68 1.42
N TRP A 39 5.65 -2.32 2.62
CA TRP A 39 4.81 -1.13 2.80
C TRP A 39 5.15 -0.42 4.10
N LEU A 40 5.48 0.87 4.01
CA LEU A 40 5.83 1.66 5.18
C LEU A 40 4.65 2.51 5.63
N LEU A 41 4.29 2.39 6.91
CA LEU A 41 3.18 3.15 7.47
C LEU A 41 3.64 4.53 7.91
N PRO A 42 2.70 5.50 7.88
CA PRO A 42 2.99 6.88 8.27
C PRO A 42 3.23 7.03 9.77
N ASN A 43 3.21 5.90 10.48
CA ASN A 43 3.42 5.89 11.92
C ASN A 43 4.85 5.45 12.25
N GLY A 44 5.65 5.20 11.22
CA GLY A 44 7.02 4.78 11.43
C GLY A 44 7.15 3.27 11.54
N THR A 45 6.71 2.56 10.52
CA THR A 45 6.78 1.10 10.51
C THR A 45 6.71 0.55 9.09
N VAL A 46 7.06 -0.72 8.94
CA VAL A 46 7.03 -1.37 7.64
C VAL A 46 6.66 -2.84 7.76
N LEU A 47 5.80 -3.30 6.85
CA LEU A 47 5.35 -4.70 6.86
C LEU A 47 5.75 -5.39 5.56
N SER A 48 5.69 -6.72 5.57
CA SER A 48 6.04 -7.50 4.40
C SER A 48 5.34 -8.86 4.42
N HIS A 49 5.60 -9.68 3.40
CA HIS A 49 5.00 -11.00 3.32
C HIS A 49 5.27 -11.82 4.58
N ALA A 50 6.27 -11.40 5.34
CA ALA A 50 6.65 -12.09 6.57
C ALA A 50 5.66 -11.76 7.69
N SER A 51 5.60 -10.48 8.06
CA SER A 51 4.71 -10.03 9.12
C SER A 51 3.30 -10.60 8.93
N ARG A 52 2.72 -11.10 10.01
CA ARG A 52 1.38 -11.67 9.97
C ARG A 52 0.34 -10.65 10.43
N HIS A 53 0.60 -9.38 10.14
CA HIS A 53 -0.32 -8.31 10.53
C HIS A 53 -1.74 -8.63 10.08
N PRO A 54 -2.72 -8.35 10.95
CA PRO A 54 -4.13 -8.59 10.67
C PRO A 54 -4.68 -7.64 9.61
N ARG A 55 -5.22 -6.51 10.06
CA ARG A 55 -5.78 -5.52 9.15
C ARG A 55 -4.91 -5.37 7.90
N ILE A 56 -3.67 -4.93 8.10
CA ILE A 56 -2.74 -4.75 7.00
C ILE A 56 -2.23 -6.09 6.48
N SER A 57 -2.61 -6.42 5.25
CA SER A 57 -2.19 -7.68 4.64
C SER A 57 -1.60 -7.43 3.25
N VAL A 58 -0.34 -7.84 3.07
CA VAL A 58 0.35 -7.67 1.80
C VAL A 58 0.11 -8.85 0.88
N LEU A 59 -0.80 -8.70 -0.07
CA LEU A 59 -1.12 -9.76 -1.02
C LEU A 59 0.10 -10.12 -1.87
N ASN A 60 0.17 -11.38 -2.28
CA ASN A 60 1.28 -11.85 -3.11
C ASN A 60 1.67 -10.81 -4.16
N ASP A 61 0.68 -10.38 -4.94
CA ASP A 61 0.92 -9.38 -5.98
C ASP A 61 1.63 -8.16 -5.41
N GLY A 62 1.22 -7.74 -4.22
CA GLY A 62 1.82 -6.59 -3.58
C GLY A 62 0.79 -5.60 -3.08
N THR A 63 -0.48 -5.88 -3.35
CA THR A 63 -1.56 -5.00 -2.92
C THR A 63 -1.74 -5.04 -1.41
N LEU A 64 -1.98 -3.88 -0.82
CA LEU A 64 -2.17 -3.77 0.62
C LEU A 64 -3.64 -3.63 0.97
N ASN A 65 -4.19 -4.65 1.63
CA ASN A 65 -5.60 -4.63 2.02
C ASN A 65 -5.75 -4.24 3.49
N PHE A 66 -6.93 -3.72 3.83
CA PHE A 66 -7.20 -3.30 5.21
C PHE A 66 -8.59 -3.74 5.64
N SER A 67 -8.64 -4.74 6.52
CA SER A 67 -9.91 -5.26 7.01
C SER A 67 -10.86 -4.13 7.38
N HIS A 68 -10.37 -3.22 8.21
CA HIS A 68 -11.18 -2.08 8.65
C HIS A 68 -10.29 -0.89 9.02
N VAL A 69 -10.26 0.12 8.16
CA VAL A 69 -9.45 1.30 8.39
C VAL A 69 -9.96 2.08 9.60
N LEU A 70 -9.09 2.90 10.18
CA LEU A 70 -9.46 3.70 11.35
C LEU A 70 -9.03 5.16 11.15
N LEU A 71 -9.72 6.06 11.84
CA LEU A 71 -9.41 7.48 11.75
C LEU A 71 -7.95 7.75 12.03
N SER A 72 -7.29 6.79 12.68
CA SER A 72 -5.87 6.92 13.01
C SER A 72 -5.00 6.41 11.87
N ASP A 73 -5.55 5.50 11.07
CA ASP A 73 -4.83 4.94 9.94
C ASP A 73 -4.62 5.99 8.85
N THR A 74 -5.39 7.06 8.91
CA THR A 74 -5.29 8.14 7.94
C THR A 74 -3.86 8.68 7.86
N GLY A 75 -3.28 8.62 6.67
CA GLY A 75 -1.92 9.11 6.49
C GLY A 75 -1.37 8.80 5.10
N VAL A 76 -0.06 8.74 4.99
CA VAL A 76 0.60 8.45 3.73
C VAL A 76 1.26 7.08 3.74
N TYR A 77 1.02 6.30 2.69
CA TYR A 77 1.59 4.96 2.58
C TYR A 77 2.59 4.88 1.43
N THR A 78 3.74 4.25 1.70
CA THR A 78 4.78 4.11 0.69
C THR A 78 5.07 2.63 0.42
N CYS A 79 5.11 2.27 -0.86
CA CYS A 79 5.40 0.89 -1.25
C CYS A 79 6.81 0.76 -1.81
N MET A 80 7.65 0.02 -1.09
CA MET A 80 9.03 -0.19 -1.51
C MET A 80 9.16 -1.44 -2.37
N VAL A 81 10.06 -1.40 -3.35
CA VAL A 81 10.28 -2.54 -4.23
C VAL A 81 11.76 -2.75 -4.49
N THR A 82 12.27 -3.91 -4.08
CA THR A 82 13.68 -4.24 -4.26
C THR A 82 13.84 -5.55 -5.04
N ASN A 83 14.46 -5.46 -6.20
CA ASN A 83 14.69 -6.64 -7.04
C ASN A 83 16.14 -6.72 -7.48
N VAL A 84 16.72 -7.93 -7.36
CA VAL A 84 18.10 -8.15 -7.76
C VAL A 84 18.44 -7.41 -9.05
N ALA A 85 17.43 -7.21 -9.88
CA ALA A 85 17.62 -6.51 -11.16
C ALA A 85 17.58 -5.00 -10.96
N GLY A 86 16.52 -4.51 -10.32
CA GLY A 86 16.38 -3.09 -10.08
C GLY A 86 15.58 -2.78 -8.84
N ASN A 87 15.29 -1.50 -8.62
CA ASN A 87 14.52 -1.08 -7.46
C ASN A 87 13.50 -0.01 -7.83
N SER A 88 12.49 0.17 -6.99
CA SER A 88 11.45 1.15 -7.23
C SER A 88 10.61 1.38 -5.98
N ASN A 89 9.81 2.44 -6.00
CA ASN A 89 8.94 2.76 -4.86
C ASN A 89 7.72 3.55 -5.31
N ALA A 90 6.71 3.59 -4.46
CA ALA A 90 5.48 4.32 -4.78
C ALA A 90 4.86 4.93 -3.52
N SER A 91 4.00 5.93 -3.71
CA SER A 91 3.35 6.60 -2.59
C SER A 91 1.85 6.75 -2.85
N ALA A 92 1.08 6.81 -1.77
CA ALA A 92 -0.37 6.96 -1.87
C ALA A 92 -0.98 7.31 -0.52
N TYR A 93 -1.94 8.24 -0.54
CA TYR A 93 -2.60 8.67 0.68
C TYR A 93 -3.89 7.89 0.91
N LEU A 94 -4.39 7.93 2.13
CA LEU A 94 -5.63 7.22 2.49
C LEU A 94 -6.45 8.03 3.48
N ASN A 95 -7.58 8.56 3.00
CA ASN A 95 -8.46 9.35 3.85
C ASN A 95 -9.52 8.47 4.52
N VAL A 96 -9.62 8.58 5.83
CA VAL A 96 -10.59 7.80 6.59
C VAL A 96 -11.58 8.70 7.32
N SER A 97 -12.84 8.65 6.90
CA SER A 97 -13.89 9.47 7.52
C SER A 97 -14.81 8.61 8.38
N SER A 98 -15.17 9.14 9.55
CA SER A 98 -16.05 8.42 10.47
C SER A 98 -17.39 8.10 9.81
N GLY A 99 -18.19 7.29 10.48
CA GLY A 99 -19.49 6.91 9.94
C GLY A 99 -19.38 6.03 8.72
N PRO A 100 -20.45 5.30 8.42
CA PRO A 100 -20.50 4.39 7.26
C PRO A 100 -20.52 5.13 5.94
N SER A 101 -21.34 6.19 5.87
CA SER A 101 -21.45 6.99 4.65
C SER A 101 -20.70 8.30 4.80
N SER A 102 -20.23 8.83 3.68
CA SER A 102 -19.49 10.09 3.68
C SER A 102 -20.33 11.22 3.10
N GLY A 103 -20.77 12.14 3.96
CA GLY A 103 -21.58 13.26 3.51
C GLY A 103 -23.02 13.12 3.94
N GLY A 1 3.80 15.72 -17.03
CA GLY A 1 4.24 15.68 -18.41
C GLY A 1 5.24 14.57 -18.67
N SER A 2 5.05 13.82 -19.74
CA SER A 2 5.93 12.72 -20.08
C SER A 2 6.62 12.98 -21.43
N SER A 3 7.95 12.91 -21.42
CA SER A 3 8.73 13.15 -22.63
C SER A 3 8.43 12.07 -23.68
N GLY A 4 8.56 10.81 -23.28
CA GLY A 4 8.31 9.72 -24.20
C GLY A 4 7.53 8.59 -23.54
N SER A 5 8.22 7.49 -23.24
CA SER A 5 7.59 6.34 -22.62
C SER A 5 8.60 5.55 -21.78
N SER A 6 8.22 5.26 -20.54
CA SER A 6 9.08 4.53 -19.63
C SER A 6 8.36 4.23 -18.32
N GLY A 7 8.28 2.94 -17.98
CA GLY A 7 7.62 2.54 -16.76
C GLY A 7 8.54 1.76 -15.83
N PRO A 8 8.39 1.99 -14.51
CA PRO A 8 9.20 1.32 -13.49
C PRO A 8 8.86 -0.16 -13.37
N PHE A 9 9.47 -0.83 -12.39
CA PHE A 9 9.23 -2.24 -12.17
C PHE A 9 7.81 -2.49 -11.70
N ILE A 10 7.26 -1.53 -10.97
CA ILE A 10 5.90 -1.64 -10.47
C ILE A 10 4.88 -1.55 -11.61
N MET A 11 4.46 -2.71 -12.11
CA MET A 11 3.49 -2.76 -13.20
C MET A 11 2.30 -1.86 -12.90
N ASP A 12 1.96 -1.72 -11.62
CA ASP A 12 0.85 -0.88 -11.21
C ASP A 12 1.18 -0.12 -9.93
N ALA A 13 1.10 1.20 -10.00
CA ALA A 13 1.39 2.04 -8.85
C ALA A 13 0.12 2.46 -8.13
N PRO A 14 0.18 2.53 -6.79
CA PRO A 14 -0.97 2.91 -5.96
C PRO A 14 -1.34 4.38 -6.13
N ARG A 15 -2.57 4.73 -5.76
CA ARG A 15 -3.05 6.09 -5.86
C ARG A 15 -3.91 6.47 -4.65
N ASP A 16 -3.84 7.73 -4.25
CA ASP A 16 -4.61 8.21 -3.11
C ASP A 16 -6.04 7.66 -3.16
N LEU A 17 -6.48 7.08 -2.05
CA LEU A 17 -7.82 6.51 -1.95
C LEU A 17 -8.60 7.14 -0.81
N ASN A 18 -9.91 7.28 -0.99
CA ASN A 18 -10.77 7.87 0.03
C ASN A 18 -11.84 6.87 0.48
N ILE A 19 -11.67 6.34 1.68
CA ILE A 19 -12.62 5.37 2.23
C ILE A 19 -13.06 5.76 3.64
N SER A 20 -14.19 5.23 4.07
CA SER A 20 -14.72 5.53 5.39
C SER A 20 -14.13 4.58 6.44
N GLU A 21 -14.18 4.99 7.70
CA GLU A 21 -13.66 4.18 8.79
C GLU A 21 -14.53 2.94 9.01
N GLY A 22 -13.87 1.78 9.14
CA GLY A 22 -14.59 0.54 9.34
C GLY A 22 -15.01 -0.10 8.03
N ARG A 23 -14.18 0.02 7.01
CA ARG A 23 -14.47 -0.55 5.71
C ARG A 23 -13.24 -1.22 5.11
N MET A 24 -13.44 -1.99 4.04
CA MET A 24 -12.34 -2.69 3.39
C MET A 24 -11.73 -1.82 2.30
N ALA A 25 -10.41 -1.67 2.34
CA ALA A 25 -9.70 -0.87 1.34
C ALA A 25 -8.51 -1.63 0.77
N GLU A 26 -7.98 -1.15 -0.35
CA GLU A 26 -6.85 -1.79 -1.00
C GLU A 26 -5.99 -0.76 -1.74
N LEU A 27 -4.70 -1.05 -1.86
CA LEU A 27 -3.78 -0.16 -2.54
C LEU A 27 -3.25 -0.77 -3.83
N LYS A 28 -3.68 -0.22 -4.96
CA LYS A 28 -3.25 -0.72 -6.25
C LYS A 28 -1.73 -0.76 -6.35
N CYS A 29 -1.18 -1.97 -6.26
CA CYS A 29 0.27 -2.15 -6.33
C CYS A 29 0.61 -3.52 -6.91
N ARG A 30 1.43 -3.52 -7.96
CA ARG A 30 1.83 -4.76 -8.61
C ARG A 30 3.35 -4.89 -8.66
N THR A 31 3.86 -6.05 -8.29
CA THR A 31 5.30 -6.30 -8.28
C THR A 31 5.65 -7.56 -9.05
N PRO A 32 6.85 -7.59 -9.66
CA PRO A 32 7.32 -8.74 -10.43
C PRO A 32 7.63 -9.94 -9.54
N PRO A 33 7.86 -11.10 -10.17
CA PRO A 33 8.19 -12.34 -9.46
C PRO A 33 9.57 -12.30 -8.81
N MET A 34 9.69 -12.94 -7.66
CA MET A 34 10.96 -12.98 -6.94
C MET A 34 11.41 -11.57 -6.56
N SER A 35 10.47 -10.74 -6.16
CA SER A 35 10.77 -9.35 -5.77
C SER A 35 10.32 -9.07 -4.34
N SER A 36 11.10 -8.26 -3.63
CA SER A 36 10.77 -7.91 -2.25
C SER A 36 9.82 -6.72 -2.21
N VAL A 37 8.60 -6.97 -1.75
CA VAL A 37 7.59 -5.93 -1.65
C VAL A 37 7.22 -5.65 -0.19
N LYS A 38 7.36 -4.39 0.23
CA LYS A 38 7.05 -4.00 1.58
C LYS A 38 6.08 -2.82 1.60
N TRP A 39 5.65 -2.42 2.80
CA TRP A 39 4.73 -1.31 2.95
C TRP A 39 5.03 -0.52 4.23
N LEU A 40 5.61 0.66 4.07
CA LEU A 40 5.94 1.51 5.22
C LEU A 40 4.73 2.30 5.68
N LEU A 41 4.60 2.46 6.99
CA LEU A 41 3.48 3.21 7.56
C LEU A 41 3.88 4.63 7.90
N PRO A 42 2.90 5.55 7.88
CA PRO A 42 3.14 6.96 8.18
C PRO A 42 3.46 7.19 9.65
N ASN A 43 3.57 6.11 10.41
CA ASN A 43 3.87 6.20 11.83
C ASN A 43 5.33 5.85 12.09
N GLY A 44 5.99 5.28 11.09
CA GLY A 44 7.39 4.91 11.23
C GLY A 44 7.62 3.43 11.02
N THR A 45 6.66 2.61 11.47
CA THR A 45 6.77 1.17 11.32
C THR A 45 6.60 0.74 9.87
N VAL A 46 6.92 -0.52 9.58
CA VAL A 46 6.80 -1.04 8.22
C VAL A 46 6.56 -2.55 8.24
N LEU A 47 5.61 -3.01 7.45
CA LEU A 47 5.29 -4.43 7.37
C LEU A 47 5.75 -5.02 6.04
N SER A 48 5.54 -6.32 5.87
CA SER A 48 5.93 -7.00 4.65
C SER A 48 5.22 -8.35 4.52
N HIS A 49 5.55 -9.09 3.48
CA HIS A 49 4.94 -10.39 3.24
C HIS A 49 5.08 -11.29 4.47
N ALA A 50 6.12 -11.04 5.26
CA ALA A 50 6.37 -11.83 6.47
C ALA A 50 5.31 -11.54 7.53
N SER A 51 5.30 -10.31 8.02
CA SER A 51 4.36 -9.90 9.05
C SER A 51 3.02 -10.61 8.87
N ARG A 52 2.31 -10.82 9.98
CA ARG A 52 1.01 -11.50 9.92
C ARG A 52 -0.10 -10.54 10.33
N HIS A 53 0.06 -9.26 10.00
CA HIS A 53 -0.93 -8.25 10.32
C HIS A 53 -2.30 -8.64 9.79
N PRO A 54 -3.32 -8.55 10.65
CA PRO A 54 -4.70 -8.90 10.30
C PRO A 54 -5.31 -7.91 9.31
N ARG A 55 -5.23 -6.62 9.65
CA ARG A 55 -5.77 -5.57 8.81
C ARG A 55 -4.91 -5.37 7.57
N ILE A 56 -3.69 -4.88 7.78
CA ILE A 56 -2.75 -4.64 6.68
C ILE A 56 -2.23 -5.95 6.11
N SER A 57 -2.90 -6.46 5.09
CA SER A 57 -2.50 -7.70 4.46
C SER A 57 -1.76 -7.44 3.15
N VAL A 58 -0.54 -7.94 3.05
CA VAL A 58 0.28 -7.76 1.85
C VAL A 58 0.04 -8.90 0.86
N LEU A 59 -0.87 -8.68 -0.09
CA LEU A 59 -1.18 -9.68 -1.10
C LEU A 59 0.08 -10.08 -1.87
N ASN A 60 0.08 -11.31 -2.37
CA ASN A 60 1.23 -11.81 -3.13
C ASN A 60 1.56 -10.87 -4.29
N ASP A 61 0.52 -10.38 -4.96
CA ASP A 61 0.72 -9.47 -6.09
C ASP A 61 1.41 -8.19 -5.64
N GLY A 62 1.42 -7.94 -4.34
CA GLY A 62 2.05 -6.76 -3.81
C GLY A 62 1.04 -5.70 -3.40
N THR A 63 -0.22 -6.11 -3.25
CA THR A 63 -1.28 -5.19 -2.86
C THR A 63 -1.44 -5.15 -1.34
N LEU A 64 -1.89 -4.01 -0.84
CA LEU A 64 -2.08 -3.83 0.60
C LEU A 64 -3.55 -3.69 0.94
N ASN A 65 -4.16 -4.76 1.45
CA ASN A 65 -5.56 -4.75 1.82
C ASN A 65 -5.75 -4.36 3.28
N PHE A 66 -6.86 -3.72 3.59
CA PHE A 66 -7.15 -3.29 4.95
C PHE A 66 -8.55 -3.74 5.37
N SER A 67 -8.60 -4.73 6.26
CA SER A 67 -9.88 -5.26 6.74
C SER A 67 -10.81 -4.13 7.15
N HIS A 68 -10.32 -3.24 8.01
CA HIS A 68 -11.12 -2.11 8.47
C HIS A 68 -10.22 -0.95 8.89
N VAL A 69 -10.17 0.08 8.05
CA VAL A 69 -9.35 1.26 8.33
C VAL A 69 -9.91 2.05 9.50
N LEU A 70 -9.05 2.81 10.16
CA LEU A 70 -9.46 3.63 11.30
C LEU A 70 -8.96 5.07 11.15
N LEU A 71 -9.60 5.98 11.86
CA LEU A 71 -9.23 7.39 11.82
C LEU A 71 -7.75 7.58 12.14
N SER A 72 -7.16 6.57 12.78
CA SER A 72 -5.75 6.61 13.15
C SER A 72 -4.87 6.11 12.01
N ASP A 73 -5.46 5.36 11.10
CA ASP A 73 -4.74 4.81 9.96
C ASP A 73 -4.55 5.87 8.88
N THR A 74 -5.33 6.94 8.97
CA THR A 74 -5.24 8.02 7.99
C THR A 74 -3.82 8.56 7.89
N GLY A 75 -3.31 8.62 6.67
CA GLY A 75 -1.96 9.10 6.45
C GLY A 75 -1.42 8.75 5.08
N VAL A 76 -0.09 8.65 4.97
CA VAL A 76 0.55 8.32 3.71
C VAL A 76 1.19 6.94 3.76
N TYR A 77 0.97 6.15 2.72
CA TYR A 77 1.53 4.80 2.65
C TYR A 77 2.51 4.67 1.49
N THR A 78 3.75 4.34 1.82
CA THR A 78 4.79 4.17 0.81
C THR A 78 5.14 2.71 0.60
N CYS A 79 5.14 2.28 -0.66
CA CYS A 79 5.46 0.89 -1.00
C CYS A 79 6.89 0.78 -1.50
N MET A 80 7.63 -0.15 -0.91
CA MET A 80 9.03 -0.36 -1.30
C MET A 80 9.14 -1.52 -2.29
N VAL A 81 10.03 -1.38 -3.26
CA VAL A 81 10.24 -2.42 -4.26
C VAL A 81 11.73 -2.61 -4.56
N THR A 82 12.25 -3.75 -4.17
CA THR A 82 13.66 -4.07 -4.38
C THR A 82 13.83 -5.40 -5.10
N ASN A 83 14.30 -5.35 -6.34
CA ASN A 83 14.50 -6.56 -7.13
C ASN A 83 15.96 -6.70 -7.54
N VAL A 84 16.32 -7.87 -8.07
CA VAL A 84 17.68 -8.13 -8.51
C VAL A 84 18.04 -7.31 -9.74
N ALA A 85 17.02 -6.95 -10.52
CA ALA A 85 17.23 -6.16 -11.72
C ALA A 85 17.29 -4.66 -11.39
N GLY A 86 16.28 -4.18 -10.69
CA GLY A 86 16.24 -2.77 -10.32
C GLY A 86 15.41 -2.51 -9.08
N ASN A 87 15.33 -1.25 -8.67
CA ASN A 87 14.56 -0.88 -7.49
C ASN A 87 13.56 0.22 -7.81
N SER A 88 12.55 0.38 -6.97
CA SER A 88 11.54 1.40 -7.17
C SER A 88 10.66 1.54 -5.93
N ASN A 89 9.82 2.57 -5.92
CA ASN A 89 8.93 2.82 -4.79
C ASN A 89 7.72 3.67 -5.22
N ALA A 90 6.67 3.65 -4.41
CA ALA A 90 5.47 4.42 -4.71
C ALA A 90 4.87 5.01 -3.44
N SER A 91 3.83 5.82 -3.59
CA SER A 91 3.18 6.47 -2.47
C SER A 91 1.69 6.61 -2.71
N ALA A 92 0.93 6.82 -1.64
CA ALA A 92 -0.52 6.97 -1.74
C ALA A 92 -1.12 7.40 -0.40
N TYR A 93 -1.97 8.41 -0.44
CA TYR A 93 -2.61 8.92 0.77
C TYR A 93 -3.96 8.24 1.00
N LEU A 94 -4.25 7.88 2.24
CA LEU A 94 -5.50 7.24 2.58
C LEU A 94 -6.33 8.12 3.52
N ASN A 95 -7.56 8.42 3.10
CA ASN A 95 -8.46 9.24 3.90
C ASN A 95 -9.49 8.40 4.62
N VAL A 96 -9.61 8.60 5.93
CA VAL A 96 -10.57 7.85 6.74
C VAL A 96 -11.46 8.79 7.54
N SER A 97 -12.77 8.68 7.34
CA SER A 97 -13.72 9.51 8.05
C SER A 97 -14.74 8.67 8.81
N SER A 98 -15.11 9.12 10.00
CA SER A 98 -16.07 8.39 10.83
C SER A 98 -17.40 8.23 10.11
N GLY A 99 -18.24 7.34 10.62
CA GLY A 99 -19.53 7.11 10.01
C GLY A 99 -20.46 6.29 10.90
N PRO A 100 -21.77 6.46 10.71
CA PRO A 100 -22.79 5.73 11.48
C PRO A 100 -22.83 4.25 11.15
N SER A 101 -22.11 3.45 11.93
CA SER A 101 -22.06 2.01 11.73
C SER A 101 -23.46 1.39 11.83
N SER A 102 -24.19 1.80 12.85
CA SER A 102 -25.54 1.28 13.07
C SER A 102 -26.51 1.83 12.02
N GLY A 103 -27.35 0.94 11.49
CA GLY A 103 -28.31 1.35 10.48
C GLY A 103 -29.69 1.64 11.06
N GLY A 1 13.93 16.91 -19.14
CA GLY A 1 13.99 16.06 -20.32
C GLY A 1 12.84 15.07 -20.38
N SER A 2 13.15 13.82 -20.71
CA SER A 2 12.13 12.78 -20.81
C SER A 2 11.98 12.04 -19.47
N SER A 3 10.74 11.92 -19.02
CA SER A 3 10.45 11.24 -17.76
C SER A 3 10.51 9.73 -17.92
N GLY A 4 9.68 9.21 -18.82
CA GLY A 4 9.65 7.78 -19.06
C GLY A 4 8.28 7.29 -19.49
N SER A 5 8.25 6.33 -20.41
CA SER A 5 7.00 5.79 -20.91
C SER A 5 6.39 4.82 -19.91
N SER A 6 7.17 3.81 -19.52
CA SER A 6 6.71 2.81 -18.57
C SER A 6 7.07 3.20 -17.14
N GLY A 7 8.35 3.44 -16.90
CA GLY A 7 8.80 3.83 -15.57
C GLY A 7 9.61 2.74 -14.89
N PRO A 8 9.54 2.70 -13.55
CA PRO A 8 10.27 1.70 -12.76
C PRO A 8 9.71 0.29 -12.93
N PHE A 9 10.20 -0.63 -12.12
CA PHE A 9 9.75 -2.02 -12.19
C PHE A 9 8.28 -2.14 -11.77
N ILE A 10 7.91 -1.40 -10.73
CA ILE A 10 6.54 -1.43 -10.23
C ILE A 10 5.54 -1.29 -11.38
N MET A 11 5.07 -2.44 -11.87
CA MET A 11 4.10 -2.44 -12.96
C MET A 11 2.95 -1.48 -12.69
N ASP A 12 2.34 -1.62 -11.53
CA ASP A 12 1.23 -0.76 -11.14
C ASP A 12 1.55 0.01 -9.86
N ALA A 13 1.15 1.28 -9.81
CA ALA A 13 1.40 2.11 -8.65
C ALA A 13 0.09 2.49 -7.96
N PRO A 14 0.12 2.56 -6.62
CA PRO A 14 -1.04 2.91 -5.81
C PRO A 14 -1.45 4.37 -5.98
N ARG A 15 -2.75 4.63 -5.93
CA ARG A 15 -3.27 5.98 -6.08
C ARG A 15 -4.11 6.38 -4.87
N ASP A 16 -4.17 7.68 -4.59
CA ASP A 16 -4.94 8.18 -3.46
C ASP A 16 -6.30 7.50 -3.38
N LEU A 17 -6.73 7.19 -2.16
CA LEU A 17 -8.01 6.52 -1.94
C LEU A 17 -8.78 7.20 -0.81
N ASN A 18 -10.10 7.12 -0.89
CA ASN A 18 -10.97 7.73 0.13
C ASN A 18 -12.02 6.73 0.62
N ILE A 19 -11.85 6.26 1.85
CA ILE A 19 -12.78 5.31 2.42
C ILE A 19 -13.20 5.74 3.83
N SER A 20 -14.38 5.27 4.25
CA SER A 20 -14.91 5.62 5.57
C SER A 20 -14.35 4.67 6.63
N GLU A 21 -14.36 5.13 7.87
CA GLU A 21 -13.87 4.32 8.98
C GLU A 21 -14.73 3.07 9.19
N GLY A 22 -14.07 1.93 9.35
CA GLY A 22 -14.79 0.68 9.54
C GLY A 22 -15.23 0.05 8.23
N ARG A 23 -14.35 0.13 7.23
CA ARG A 23 -14.65 -0.44 5.91
C ARG A 23 -13.42 -1.12 5.33
N MET A 24 -13.64 -1.92 4.29
CA MET A 24 -12.54 -2.64 3.63
C MET A 24 -11.85 -1.73 2.61
N ALA A 25 -10.52 -1.74 2.64
CA ALA A 25 -9.74 -0.93 1.71
C ALA A 25 -8.67 -1.76 1.02
N GLU A 26 -8.16 -1.25 -0.10
CA GLU A 26 -7.13 -1.95 -0.86
C GLU A 26 -6.35 -0.99 -1.75
N LEU A 27 -5.05 -1.19 -1.83
CA LEU A 27 -4.19 -0.34 -2.65
C LEU A 27 -3.71 -1.08 -3.89
N LYS A 28 -3.92 -0.47 -5.05
CA LYS A 28 -3.52 -1.06 -6.32
C LYS A 28 -2.01 -0.95 -6.52
N CYS A 29 -1.33 -2.09 -6.56
CA CYS A 29 0.11 -2.12 -6.73
C CYS A 29 0.57 -3.48 -7.27
N ARG A 30 1.30 -3.45 -8.38
CA ARG A 30 1.79 -4.68 -8.99
C ARG A 30 3.31 -4.76 -8.91
N THR A 31 3.82 -5.95 -8.59
CA THR A 31 5.25 -6.16 -8.47
C THR A 31 5.72 -7.31 -9.34
N PRO A 32 6.94 -7.21 -9.87
CA PRO A 32 7.53 -8.25 -10.72
C PRO A 32 7.87 -9.51 -9.95
N PRO A 33 8.21 -10.59 -10.68
CA PRO A 33 8.57 -11.87 -10.09
C PRO A 33 9.91 -11.82 -9.34
N MET A 34 10.06 -12.68 -8.34
CA MET A 34 11.29 -12.73 -7.56
C MET A 34 11.62 -11.37 -6.96
N SER A 35 10.58 -10.65 -6.52
CA SER A 35 10.76 -9.33 -5.94
C SER A 35 10.10 -9.25 -4.57
N SER A 36 10.75 -8.53 -3.65
CA SER A 36 10.23 -8.38 -2.29
C SER A 36 9.18 -7.27 -2.23
N VAL A 37 8.04 -7.57 -1.61
CA VAL A 37 6.96 -6.61 -1.49
C VAL A 37 6.83 -6.10 -0.05
N LYS A 38 6.98 -4.80 0.13
CA LYS A 38 6.89 -4.19 1.45
C LYS A 38 6.04 -2.92 1.41
N TRP A 39 5.53 -2.52 2.57
CA TRP A 39 4.71 -1.32 2.67
C TRP A 39 5.05 -0.52 3.92
N LEU A 40 5.65 0.64 3.72
CA LEU A 40 6.03 1.50 4.85
C LEU A 40 4.83 2.30 5.35
N LEU A 41 4.74 2.46 6.66
CA LEU A 41 3.65 3.21 7.27
C LEU A 41 4.08 4.63 7.61
N PRO A 42 3.09 5.55 7.64
CA PRO A 42 3.34 6.96 7.94
C PRO A 42 3.72 7.18 9.40
N ASN A 43 3.87 6.09 10.14
CA ASN A 43 4.24 6.15 11.56
C ASN A 43 5.70 5.77 11.75
N GLY A 44 6.36 5.42 10.66
CA GLY A 44 7.77 5.04 10.75
C GLY A 44 7.98 3.56 10.49
N THR A 45 7.06 2.74 11.01
CA THR A 45 7.15 1.29 10.84
C THR A 45 6.94 0.89 9.39
N VAL A 46 7.13 -0.39 9.09
CA VAL A 46 6.96 -0.90 7.74
C VAL A 46 6.62 -2.39 7.76
N LEU A 47 5.62 -2.77 6.96
CA LEU A 47 5.20 -4.16 6.88
C LEU A 47 5.66 -4.80 5.58
N SER A 48 5.28 -6.06 5.36
CA SER A 48 5.65 -6.78 4.16
C SER A 48 4.98 -8.15 4.12
N HIS A 49 5.33 -8.94 3.10
CA HIS A 49 4.77 -10.28 2.95
C HIS A 49 5.05 -11.13 4.18
N ALA A 50 5.96 -10.67 5.02
CA ALA A 50 6.32 -11.39 6.23
C ALA A 50 5.35 -11.06 7.37
N SER A 51 5.26 -9.77 7.71
CA SER A 51 4.38 -9.33 8.78
C SER A 51 3.08 -10.11 8.78
N ARG A 52 2.56 -10.40 9.97
CA ARG A 52 1.32 -11.14 10.12
C ARG A 52 0.17 -10.23 10.52
N HIS A 53 0.30 -8.95 10.19
CA HIS A 53 -0.73 -7.97 10.52
C HIS A 53 -2.10 -8.42 10.04
N PRO A 54 -3.09 -8.38 10.94
CA PRO A 54 -4.46 -8.79 10.63
C PRO A 54 -5.16 -7.83 9.67
N ARG A 55 -5.12 -6.54 9.99
CA ARG A 55 -5.75 -5.53 9.16
C ARG A 55 -4.96 -5.32 7.87
N ILE A 56 -3.76 -4.77 8.00
CA ILE A 56 -2.90 -4.52 6.84
C ILE A 56 -2.34 -5.83 6.29
N SER A 57 -2.99 -6.35 5.25
CA SER A 57 -2.56 -7.59 4.62
C SER A 57 -1.87 -7.32 3.30
N VAL A 58 -0.79 -8.05 3.03
CA VAL A 58 -0.04 -7.88 1.80
C VAL A 58 -0.20 -9.10 0.89
N LEU A 59 -1.21 -9.04 0.03
CA LEU A 59 -1.48 -10.14 -0.90
C LEU A 59 -0.27 -10.42 -1.78
N ASN A 60 -0.04 -11.70 -2.06
CA ASN A 60 1.09 -12.11 -2.89
C ASN A 60 1.32 -11.13 -4.03
N ASP A 61 0.32 -11.00 -4.89
CA ASP A 61 0.40 -10.09 -6.03
C ASP A 61 1.12 -8.80 -5.64
N GLY A 62 0.80 -8.29 -4.46
CA GLY A 62 1.41 -7.06 -3.98
C GLY A 62 0.39 -5.96 -3.71
N THR A 63 -0.70 -6.33 -3.05
CA THR A 63 -1.75 -5.38 -2.73
C THR A 63 -1.95 -5.26 -1.21
N LEU A 64 -2.07 -4.03 -0.74
CA LEU A 64 -2.27 -3.78 0.69
C LEU A 64 -3.76 -3.70 1.04
N ASN A 65 -4.27 -4.75 1.66
CA ASN A 65 -5.68 -4.79 2.04
C ASN A 65 -5.86 -4.35 3.49
N PHE A 66 -7.03 -3.78 3.79
CA PHE A 66 -7.33 -3.31 5.13
C PHE A 66 -8.74 -3.74 5.55
N SER A 67 -8.80 -4.71 6.46
CA SER A 67 -10.08 -5.23 6.94
C SER A 67 -11.00 -4.08 7.33
N HIS A 68 -10.52 -3.22 8.23
CA HIS A 68 -11.30 -2.07 8.68
C HIS A 68 -10.40 -0.90 9.02
N VAL A 69 -10.40 0.10 8.13
CA VAL A 69 -9.57 1.29 8.33
C VAL A 69 -10.08 2.13 9.50
N LEU A 70 -9.15 2.75 10.21
CA LEU A 70 -9.51 3.59 11.36
C LEU A 70 -9.03 5.02 11.16
N LEU A 71 -9.55 5.93 11.98
CA LEU A 71 -9.18 7.34 11.89
C LEU A 71 -7.69 7.53 12.15
N SER A 72 -7.06 6.50 12.72
CA SER A 72 -5.63 6.56 13.01
C SER A 72 -4.82 6.05 11.83
N ASP A 73 -5.46 5.30 10.95
CA ASP A 73 -4.80 4.75 9.77
C ASP A 73 -4.59 5.83 8.72
N THR A 74 -5.32 6.93 8.85
CA THR A 74 -5.22 8.03 7.90
C THR A 74 -3.79 8.54 7.81
N GLY A 75 -3.28 8.64 6.58
CA GLY A 75 -1.92 9.12 6.38
C GLY A 75 -1.41 8.83 4.98
N VAL A 76 -0.13 8.52 4.88
CA VAL A 76 0.49 8.21 3.60
C VAL A 76 1.28 6.91 3.65
N TYR A 77 1.05 6.04 2.68
CA TYR A 77 1.74 4.75 2.62
C TYR A 77 2.75 4.72 1.48
N THR A 78 3.93 4.18 1.75
CA THR A 78 4.98 4.10 0.75
C THR A 78 5.36 2.65 0.47
N CYS A 79 5.05 2.17 -0.72
CA CYS A 79 5.35 0.80 -1.11
C CYS A 79 6.78 0.68 -1.64
N MET A 80 7.50 -0.33 -1.18
CA MET A 80 8.89 -0.54 -1.60
C MET A 80 8.99 -1.78 -2.49
N VAL A 81 9.95 -1.76 -3.41
CA VAL A 81 10.15 -2.88 -4.32
C VAL A 81 11.64 -3.17 -4.51
N THR A 82 12.07 -4.34 -4.03
CA THR A 82 13.47 -4.74 -4.15
C THR A 82 13.64 -5.83 -5.20
N ASN A 83 14.51 -5.58 -6.17
CA ASN A 83 14.77 -6.55 -7.23
C ASN A 83 16.25 -6.57 -7.58
N VAL A 84 16.77 -7.77 -7.85
CA VAL A 84 18.17 -7.94 -8.21
C VAL A 84 18.54 -7.10 -9.42
N ALA A 85 17.52 -6.66 -10.16
CA ALA A 85 17.73 -5.84 -11.35
C ALA A 85 17.68 -4.36 -11.01
N GLY A 86 16.77 -3.98 -10.12
CA GLY A 86 16.65 -2.60 -9.72
C GLY A 86 15.73 -2.41 -8.53
N ASN A 87 15.63 -1.17 -8.05
CA ASN A 87 14.79 -0.87 -6.89
C ASN A 87 13.81 0.25 -7.22
N SER A 88 12.63 0.19 -6.62
CA SER A 88 11.61 1.21 -6.85
C SER A 88 10.60 1.24 -5.70
N ASN A 89 9.84 2.33 -5.62
CA ASN A 89 8.84 2.48 -4.57
C ASN A 89 7.74 3.44 -5.00
N ALA A 90 6.59 3.34 -4.35
CA ALA A 90 5.45 4.20 -4.66
C ALA A 90 4.87 4.83 -3.40
N SER A 91 3.94 5.75 -3.57
CA SER A 91 3.30 6.42 -2.45
C SER A 91 1.81 6.59 -2.69
N ALA A 92 1.07 6.93 -1.63
CA ALA A 92 -0.37 7.13 -1.73
C ALA A 92 -0.94 7.66 -0.42
N TYR A 93 -2.15 8.20 -0.48
CA TYR A 93 -2.81 8.75 0.70
C TYR A 93 -4.13 8.05 0.96
N LEU A 94 -4.40 7.75 2.23
CA LEU A 94 -5.65 7.08 2.61
C LEU A 94 -6.44 7.93 3.59
N ASN A 95 -7.64 8.33 3.18
CA ASN A 95 -8.51 9.14 4.03
C ASN A 95 -9.53 8.28 4.76
N VAL A 96 -9.68 8.52 6.06
CA VAL A 96 -10.62 7.77 6.86
C VAL A 96 -11.57 8.69 7.62
N SER A 97 -12.85 8.67 7.22
CA SER A 97 -13.86 9.52 7.85
C SER A 97 -14.69 8.71 8.85
N SER A 98 -14.75 9.21 10.08
CA SER A 98 -15.51 8.54 11.13
C SER A 98 -16.88 8.12 10.62
N GLY A 99 -17.39 7.01 11.15
CA GLY A 99 -18.68 6.51 10.75
C GLY A 99 -19.72 6.62 11.85
N PRO A 100 -21.01 6.61 11.45
CA PRO A 100 -22.12 6.71 12.40
C PRO A 100 -22.27 5.46 13.26
N SER A 101 -23.16 5.53 14.23
CA SER A 101 -23.40 4.40 15.12
C SER A 101 -24.72 3.70 14.78
N SER A 102 -24.83 2.44 15.18
CA SER A 102 -26.03 1.66 14.92
C SER A 102 -27.00 1.71 16.10
N GLY A 103 -28.28 1.54 15.82
CA GLY A 103 -29.29 1.59 16.87
C GLY A 103 -29.69 0.21 17.33
N GLY A 1 7.46 14.88 -5.46
CA GLY A 1 8.89 14.66 -5.43
C GLY A 1 9.55 15.01 -6.75
N SER A 2 10.54 14.20 -7.14
CA SER A 2 11.25 14.43 -8.39
C SER A 2 10.63 13.64 -9.53
N SER A 3 10.08 14.35 -10.51
CA SER A 3 9.46 13.72 -11.66
C SER A 3 10.49 13.02 -12.53
N GLY A 4 10.02 12.19 -13.46
CA GLY A 4 10.91 11.47 -14.34
C GLY A 4 10.88 9.97 -14.11
N SER A 5 9.70 9.38 -14.23
CA SER A 5 9.54 7.95 -14.03
C SER A 5 9.38 7.22 -15.35
N SER A 6 10.48 6.71 -15.88
CA SER A 6 10.47 5.99 -17.14
C SER A 6 9.98 4.56 -16.96
N GLY A 7 8.67 4.41 -16.77
CA GLY A 7 8.09 3.10 -16.57
C GLY A 7 8.97 2.19 -15.73
N PRO A 8 8.87 2.33 -14.41
CA PRO A 8 9.66 1.53 -13.46
C PRO A 8 9.22 0.07 -13.43
N PHE A 9 9.78 -0.69 -12.50
CA PHE A 9 9.44 -2.11 -12.37
C PHE A 9 8.00 -2.28 -11.91
N ILE A 10 7.50 -1.29 -11.17
CA ILE A 10 6.13 -1.34 -10.66
C ILE A 10 5.12 -1.27 -11.81
N MET A 11 4.80 -2.42 -12.37
CA MET A 11 3.84 -2.50 -13.47
C MET A 11 2.62 -1.62 -13.18
N ASP A 12 2.25 -1.51 -11.91
CA ASP A 12 1.10 -0.70 -11.50
C ASP A 12 1.35 -0.04 -10.16
N ALA A 13 1.41 1.28 -10.15
CA ALA A 13 1.64 2.04 -8.93
C ALA A 13 0.32 2.41 -8.25
N PRO A 14 0.33 2.39 -6.91
CA PRO A 14 -0.86 2.72 -6.11
C PRO A 14 -1.22 4.20 -6.20
N ARG A 15 -2.49 4.51 -5.97
CA ARG A 15 -2.96 5.88 -6.02
C ARG A 15 -3.85 6.20 -4.80
N ASP A 16 -3.73 7.42 -4.30
CA ASP A 16 -4.52 7.85 -3.15
C ASP A 16 -5.91 7.21 -3.17
N LEU A 17 -6.35 6.75 -2.00
CA LEU A 17 -7.66 6.10 -1.88
C LEU A 17 -8.44 6.68 -0.71
N ASN A 18 -9.69 7.05 -0.96
CA ASN A 18 -10.53 7.61 0.09
C ASN A 18 -11.60 6.60 0.52
N ILE A 19 -11.44 6.06 1.72
CA ILE A 19 -12.39 5.10 2.26
C ILE A 19 -12.85 5.49 3.65
N SER A 20 -14.05 5.05 4.02
CA SER A 20 -14.61 5.36 5.33
C SER A 20 -14.00 4.45 6.40
N GLU A 21 -14.15 4.86 7.66
CA GLU A 21 -13.62 4.09 8.78
C GLU A 21 -14.41 2.80 8.98
N GLY A 22 -13.72 1.76 9.43
CA GLY A 22 -14.38 0.48 9.66
C GLY A 22 -14.80 -0.19 8.37
N ARG A 23 -14.04 0.04 7.31
CA ARG A 23 -14.35 -0.54 6.00
C ARG A 23 -13.13 -1.25 5.41
N MET A 24 -13.35 -2.00 4.35
CA MET A 24 -12.27 -2.73 3.69
C MET A 24 -11.62 -1.88 2.60
N ALA A 25 -10.29 -1.78 2.64
CA ALA A 25 -9.56 -1.00 1.66
C ALA A 25 -8.44 -1.83 1.02
N GLU A 26 -7.98 -1.40 -0.15
CA GLU A 26 -6.92 -2.10 -0.86
C GLU A 26 -6.11 -1.14 -1.72
N LEU A 27 -4.81 -1.37 -1.78
CA LEU A 27 -3.92 -0.52 -2.56
C LEU A 27 -3.43 -1.24 -3.82
N LYS A 28 -3.80 -0.72 -4.98
CA LYS A 28 -3.41 -1.32 -6.25
C LYS A 28 -1.91 -1.13 -6.49
N CYS A 29 -1.16 -2.22 -6.39
CA CYS A 29 0.28 -2.19 -6.60
C CYS A 29 0.79 -3.50 -7.19
N ARG A 30 1.48 -3.40 -8.33
CA ARG A 30 2.02 -4.58 -8.99
C ARG A 30 3.53 -4.62 -8.89
N THR A 31 4.07 -5.81 -8.61
CA THR A 31 5.51 -5.98 -8.49
C THR A 31 6.01 -7.12 -9.37
N PRO A 32 7.28 -7.02 -9.81
CA PRO A 32 7.90 -8.03 -10.67
C PRO A 32 8.14 -9.35 -9.93
N PRO A 33 8.47 -10.40 -10.70
CA PRO A 33 8.73 -11.73 -10.13
C PRO A 33 10.03 -11.79 -9.34
N MET A 34 10.03 -12.55 -8.26
CA MET A 34 11.21 -12.68 -7.41
C MET A 34 11.62 -11.34 -6.83
N SER A 35 10.62 -10.56 -6.40
CA SER A 35 10.88 -9.25 -5.81
C SER A 35 10.31 -9.16 -4.40
N SER A 36 10.86 -8.25 -3.60
CA SER A 36 10.41 -8.07 -2.23
C SER A 36 9.35 -6.98 -2.15
N VAL A 37 8.23 -7.30 -1.48
CA VAL A 37 7.13 -6.36 -1.33
C VAL A 37 6.98 -5.91 0.12
N LYS A 38 6.94 -4.61 0.33
CA LYS A 38 6.80 -4.05 1.67
C LYS A 38 5.96 -2.78 1.64
N TRP A 39 5.45 -2.38 2.80
CA TRP A 39 4.63 -1.18 2.92
C TRP A 39 4.95 -0.43 4.20
N LEU A 40 5.35 0.84 4.05
CA LEU A 40 5.69 1.67 5.19
C LEU A 40 4.48 2.47 5.67
N LEU A 41 4.32 2.60 6.98
CA LEU A 41 3.21 3.34 7.56
C LEU A 41 3.64 4.73 7.99
N PRO A 42 2.69 5.67 8.00
CA PRO A 42 2.95 7.06 8.38
C PRO A 42 3.24 7.20 9.87
N ASN A 43 3.31 6.07 10.57
CA ASN A 43 3.58 6.07 12.01
C ASN A 43 5.04 5.71 12.28
N GLY A 44 5.72 5.18 11.27
CA GLY A 44 7.11 4.81 11.42
C GLY A 44 7.30 3.31 11.53
N THR A 45 6.89 2.58 10.48
CA THR A 45 7.02 1.14 10.46
C THR A 45 6.80 0.58 9.07
N VAL A 46 7.09 -0.70 8.89
CA VAL A 46 6.92 -1.36 7.60
C VAL A 46 6.52 -2.82 7.76
N LEU A 47 5.63 -3.29 6.89
CA LEU A 47 5.16 -4.67 6.94
C LEU A 47 5.61 -5.44 5.71
N SER A 48 5.31 -6.74 5.68
CA SER A 48 5.69 -7.58 4.56
C SER A 48 4.86 -8.86 4.54
N HIS A 49 4.93 -9.60 3.44
CA HIS A 49 4.20 -10.85 3.31
C HIS A 49 4.30 -11.69 4.58
N ALA A 50 5.40 -11.51 5.31
CA ALA A 50 5.62 -12.25 6.54
C ALA A 50 4.71 -11.74 7.66
N SER A 51 4.73 -10.43 7.88
CA SER A 51 3.91 -9.82 8.92
C SER A 51 2.57 -10.55 9.06
N ARG A 52 2.08 -10.63 10.29
CA ARG A 52 0.81 -11.30 10.56
C ARG A 52 -0.28 -10.29 10.87
N HIS A 53 -0.04 -9.04 10.51
CA HIS A 53 -1.01 -7.97 10.75
C HIS A 53 -2.39 -8.37 10.23
N PRO A 54 -3.42 -8.20 11.09
CA PRO A 54 -4.80 -8.53 10.74
C PRO A 54 -5.38 -7.57 9.71
N ARG A 55 -5.27 -6.27 9.99
CA ARG A 55 -5.79 -5.26 9.08
C ARG A 55 -4.94 -5.17 7.81
N ILE A 56 -3.71 -4.71 7.96
CA ILE A 56 -2.80 -4.59 6.83
C ILE A 56 -2.32 -5.95 6.35
N SER A 57 -2.93 -6.42 5.26
CA SER A 57 -2.57 -7.72 4.69
C SER A 57 -1.90 -7.55 3.33
N VAL A 58 -0.64 -8.00 3.24
CA VAL A 58 0.12 -7.89 2.01
C VAL A 58 -0.12 -9.11 1.11
N LEU A 59 -0.99 -8.95 0.12
CA LEU A 59 -1.32 -10.03 -0.80
C LEU A 59 -0.11 -10.35 -1.69
N ASN A 60 0.05 -11.64 -2.00
CA ASN A 60 1.15 -12.08 -2.85
C ASN A 60 1.35 -11.14 -4.04
N ASP A 61 0.32 -11.04 -4.88
CA ASP A 61 0.38 -10.18 -6.05
C ASP A 61 1.14 -8.89 -5.74
N GLY A 62 0.90 -8.34 -4.56
CA GLY A 62 1.57 -7.11 -4.16
C GLY A 62 0.59 -5.99 -3.85
N THR A 63 -0.46 -6.32 -3.13
CA THR A 63 -1.48 -5.33 -2.76
C THR A 63 -1.64 -5.24 -1.25
N LEU A 64 -1.86 -4.03 -0.76
CA LEU A 64 -2.04 -3.81 0.68
C LEU A 64 -3.51 -3.70 1.04
N ASN A 65 -4.04 -4.75 1.65
CA ASN A 65 -5.44 -4.77 2.04
C ASN A 65 -5.61 -4.33 3.50
N PHE A 66 -6.75 -3.74 3.80
CA PHE A 66 -7.03 -3.27 5.16
C PHE A 66 -8.41 -3.74 5.63
N SER A 67 -8.42 -4.73 6.52
CA SER A 67 -9.66 -5.26 7.04
C SER A 67 -10.62 -4.15 7.45
N HIS A 68 -10.14 -3.26 8.31
CA HIS A 68 -10.94 -2.13 8.79
C HIS A 68 -10.05 -0.95 9.13
N VAL A 69 -10.08 0.08 8.28
CA VAL A 69 -9.28 1.28 8.50
C VAL A 69 -9.84 2.10 9.65
N LEU A 70 -8.99 2.94 10.23
CA LEU A 70 -9.39 3.79 11.34
C LEU A 70 -8.92 5.24 11.13
N LEU A 71 -9.48 6.15 11.91
CA LEU A 71 -9.12 7.56 11.81
C LEU A 71 -7.65 7.76 12.15
N SER A 72 -7.06 6.78 12.82
CA SER A 72 -5.66 6.86 13.21
C SER A 72 -4.76 6.31 12.11
N ASP A 73 -5.36 5.67 11.13
CA ASP A 73 -4.62 5.10 10.01
C ASP A 73 -4.43 6.14 8.90
N THR A 74 -5.17 7.23 8.98
CA THR A 74 -5.09 8.29 7.99
C THR A 74 -3.66 8.81 7.86
N GLY A 75 -3.17 8.90 6.62
CA GLY A 75 -1.83 9.38 6.38
C GLY A 75 -1.34 9.07 4.98
N VAL A 76 -0.11 8.54 4.88
CA VAL A 76 0.46 8.20 3.58
C VAL A 76 1.17 6.85 3.64
N TYR A 77 0.89 6.00 2.66
CA TYR A 77 1.51 4.69 2.61
C TYR A 77 2.48 4.59 1.43
N THR A 78 3.77 4.45 1.75
CA THR A 78 4.80 4.33 0.73
C THR A 78 5.16 2.88 0.45
N CYS A 79 4.92 2.44 -0.78
CA CYS A 79 5.22 1.07 -1.17
C CYS A 79 6.65 0.94 -1.66
N MET A 80 7.36 -0.06 -1.16
CA MET A 80 8.74 -0.29 -1.53
C MET A 80 8.86 -1.49 -2.47
N VAL A 81 9.75 -1.40 -3.45
CA VAL A 81 9.96 -2.47 -4.40
C VAL A 81 11.45 -2.71 -4.66
N THR A 82 11.95 -3.84 -4.18
CA THR A 82 13.36 -4.18 -4.35
C THR A 82 13.52 -5.47 -5.15
N ASN A 83 14.39 -5.43 -6.16
CA ASN A 83 14.63 -6.60 -7.00
C ASN A 83 16.10 -6.71 -7.37
N VAL A 84 16.46 -7.78 -8.09
CA VAL A 84 17.84 -8.00 -8.50
C VAL A 84 18.16 -7.20 -9.77
N ALA A 85 17.12 -6.73 -10.44
CA ALA A 85 17.30 -5.95 -11.66
C ALA A 85 17.31 -4.46 -11.36
N GLY A 86 16.43 -4.03 -10.46
CA GLY A 86 16.34 -2.62 -10.11
C GLY A 86 15.51 -2.39 -8.86
N ASN A 87 15.32 -1.12 -8.51
CA ASN A 87 14.54 -0.76 -7.34
C ASN A 87 13.63 0.43 -7.63
N SER A 88 12.50 0.49 -6.94
CA SER A 88 11.54 1.57 -7.13
C SER A 88 10.68 1.76 -5.88
N ASN A 89 9.85 2.81 -5.90
CA ASN A 89 8.98 3.10 -4.77
C ASN A 89 7.75 3.89 -5.22
N ALA A 90 6.73 3.93 -4.37
CA ALA A 90 5.50 4.65 -4.68
C ALA A 90 4.81 5.13 -3.40
N SER A 91 3.98 6.16 -3.55
CA SER A 91 3.27 6.72 -2.41
C SER A 91 1.76 6.73 -2.66
N ALA A 92 1.00 6.97 -1.60
CA ALA A 92 -0.46 7.00 -1.71
C ALA A 92 -1.10 7.45 -0.39
N TYR A 93 -1.95 8.47 -0.48
CA TYR A 93 -2.63 9.00 0.70
C TYR A 93 -3.94 8.27 0.95
N LEU A 94 -4.22 7.98 2.21
CA LEU A 94 -5.45 7.30 2.58
C LEU A 94 -6.29 8.14 3.54
N ASN A 95 -7.44 8.59 3.08
CA ASN A 95 -8.32 9.41 3.89
C ASN A 95 -9.39 8.56 4.58
N VAL A 96 -9.48 8.67 5.89
CA VAL A 96 -10.46 7.90 6.66
C VAL A 96 -11.43 8.83 7.38
N SER A 97 -12.72 8.71 7.03
CA SER A 97 -13.75 9.54 7.63
C SER A 97 -14.70 8.69 8.47
N SER A 98 -14.95 9.12 9.71
CA SER A 98 -15.83 8.39 10.60
C SER A 98 -17.15 8.05 9.91
N GLY A 99 -17.68 6.88 10.24
CA GLY A 99 -18.93 6.45 9.63
C GLY A 99 -20.11 6.56 10.59
N PRO A 100 -21.33 6.36 10.07
CA PRO A 100 -22.56 6.44 10.86
C PRO A 100 -22.69 5.28 11.84
N SER A 101 -22.02 4.17 11.52
CA SER A 101 -22.07 2.98 12.38
C SER A 101 -21.76 3.35 13.82
N SER A 102 -22.55 2.82 14.75
CA SER A 102 -22.37 3.09 16.17
C SER A 102 -22.23 1.79 16.95
N GLY A 103 -21.00 1.50 17.38
CA GLY A 103 -20.75 0.29 18.13
C GLY A 103 -20.67 -0.94 17.25
#